data_3R8W
#
_entry.id   3R8W
#
_cell.length_a   76.812
_cell.length_b   211.016
_cell.length_c   76.903
_cell.angle_alpha   90.00
_cell.angle_beta   90.15
_cell.angle_gamma   90.00
#
_symmetry.space_group_name_H-M   'P 1 21 1'
#
loop_
_entity.id
_entity.type
_entity.pdbx_description
1 polymer '3-isopropylmalate dehydrogenase 2, chloroplastic'
2 non-polymer 'ACETATE ION'
3 water water
#
_entity_poly.entity_id   1
_entity_poly.type   'polypeptide(L)'
_entity_poly.pdbx_seq_one_letter_code
;MAAALQTNIRTVKVPATFRAVSKQSLAPFRVRCAVASPGKKRYTITLLPGDGIGPEVVSIAKNVLQQAGSLEGVEFNFRE
MPIGGAALDLVGVPLPEETISAAKESDAVLLGAIGGYKWDNNEKHLRPEKGLLQIRAALKVFANLRPATVLPQLVDASTL
KREVAEGVDLMVVRELTGGIYFGEPRGIKTNENGEEVGFNTEVYAAHEIDRIARVAFETARKRRGKLCSVDKANVLEASI
LWRKRVTALASEYPDVELSHMYVDNAAMQLVRDPKQFDTIVTNNIFGDILSDEASMITGSIGMLPSASLSDSGPGLFEPI
HGSAPDIAGQDKANPLATILSAAMLLKYGLGEEKAAKRIEDAVLVALNNGFRTGDIYSAGTKLVGCKEMGEEVLKSVDSQ
VPASV
;
_entity_poly.pdbx_strand_id   A,B,C,D
#
loop_
_chem_comp.id
_chem_comp.type
_chem_comp.name
_chem_comp.formula
ACT non-polymer 'ACETATE ION' 'C2 H3 O2 -1'
#
# COMPACT_ATOMS: atom_id res chain seq x y z
N LYS A 41 17.43 -8.24 16.65
CA LYS A 41 16.21 -7.54 16.24
C LYS A 41 16.23 -7.07 14.78
N ARG A 42 15.38 -7.68 13.96
CA ARG A 42 15.31 -7.38 12.53
C ARG A 42 14.05 -6.58 12.21
N TYR A 43 14.20 -5.51 11.44
CA TYR A 43 13.04 -4.78 10.94
C TYR A 43 12.95 -4.94 9.43
N THR A 44 11.74 -4.85 8.91
CA THR A 44 11.54 -4.81 7.46
C THR A 44 11.28 -3.34 7.09
N ILE A 45 11.96 -2.87 6.06
CA ILE A 45 11.83 -1.49 5.62
C ILE A 45 11.59 -1.49 4.13
N THR A 46 10.55 -0.78 3.71
CA THR A 46 10.31 -0.57 2.28
C THR A 46 10.98 0.72 1.83
N LEU A 47 11.85 0.62 0.82
CA LEU A 47 12.49 1.77 0.21
C LEU A 47 11.75 2.15 -1.05
N LEU A 48 11.43 3.43 -1.17
CA LEU A 48 10.80 3.96 -2.38
C LEU A 48 11.73 5.03 -2.98
N PRO A 49 12.74 4.59 -3.75
CA PRO A 49 13.70 5.52 -4.35
C PRO A 49 13.00 6.66 -5.09
N GLY A 50 12.03 6.33 -5.93
CA GLY A 50 11.31 7.35 -6.68
C GLY A 50 12.11 7.96 -7.82
N ASP A 51 12.00 9.28 -7.96
CA ASP A 51 12.49 9.95 -9.17
C ASP A 51 13.64 10.92 -8.89
N GLY A 52 14.23 11.43 -9.97
CA GLY A 52 15.31 12.40 -9.89
C GLY A 52 16.42 11.99 -8.94
N ILE A 53 16.68 12.84 -7.95
CA ILE A 53 17.74 12.57 -6.98
C ILE A 53 17.33 11.56 -5.91
N GLY A 54 16.05 11.23 -5.85
CA GLY A 54 15.54 10.23 -4.91
C GLY A 54 16.43 9.00 -4.72
N PRO A 55 16.70 8.26 -5.81
CA PRO A 55 17.50 7.04 -5.63
C PRO A 55 18.89 7.32 -5.07
N GLU A 56 19.56 8.33 -5.60
CA GLU A 56 20.87 8.69 -5.09
C GLU A 56 20.81 8.85 -3.57
N VAL A 57 19.88 9.68 -3.09
CA VAL A 57 19.86 10.04 -1.67
C VAL A 57 19.30 8.92 -0.79
N VAL A 58 18.32 8.19 -1.29
CA VAL A 58 17.84 7.04 -0.55
C VAL A 58 18.93 5.97 -0.35
N SER A 59 19.75 5.76 -1.36
CA SER A 59 20.82 4.75 -1.27
C SER A 59 21.78 5.08 -0.12
N ILE A 60 22.25 6.33 -0.08
CA ILE A 60 23.11 6.79 1.01
C ILE A 60 22.43 6.64 2.37
N ALA A 61 21.19 7.12 2.47
CA ALA A 61 20.43 7.02 3.73
C ALA A 61 20.27 5.57 4.18
N LYS A 62 20.07 4.67 3.21
CA LYS A 62 19.99 3.26 3.50
C LYS A 62 21.23 2.80 4.25
N ASN A 63 22.40 3.10 3.68
CA ASN A 63 23.67 2.66 4.26
C ASN A 63 23.89 3.29 5.62
N VAL A 64 23.49 4.55 5.77
CA VAL A 64 23.63 5.24 7.04
C VAL A 64 22.74 4.60 8.09
N LEU A 65 21.51 4.31 7.69
CA LEU A 65 20.54 3.66 8.55
C LEU A 65 21.07 2.29 8.98
N GLN A 66 21.68 1.58 8.05
CA GLN A 66 22.22 0.25 8.31
C GLN A 66 23.37 0.27 9.33
N GLN A 67 24.32 1.18 9.16
CA GLN A 67 25.47 1.28 10.06
C GLN A 67 25.04 1.73 11.46
N ALA A 68 24.20 2.75 11.54
CA ALA A 68 23.74 3.26 12.82
C ALA A 68 22.93 2.20 13.54
N GLY A 69 22.08 1.49 12.81
CA GLY A 69 21.34 0.38 13.37
C GLY A 69 22.27 -0.70 13.93
N SER A 70 23.24 -1.11 13.10
CA SER A 70 24.17 -2.15 13.50
C SER A 70 24.83 -1.82 14.82
N LEU A 71 25.28 -0.59 15.00
CA LEU A 71 25.94 -0.22 16.23
C LEU A 71 25.02 -0.42 17.44
N GLU A 72 23.72 -0.25 17.24
CA GLU A 72 22.77 -0.46 18.33
C GLU A 72 22.18 -1.88 18.32
N GLY A 73 22.78 -2.77 17.56
CA GLY A 73 22.33 -4.15 17.48
C GLY A 73 21.00 -4.33 16.76
N VAL A 74 20.77 -3.51 15.74
CA VAL A 74 19.55 -3.59 14.93
C VAL A 74 19.87 -3.87 13.47
N GLU A 75 19.29 -4.94 12.92
CA GLU A 75 19.48 -5.25 11.51
C GLU A 75 18.23 -4.95 10.67
N PHE A 76 18.39 -4.85 9.35
CA PHE A 76 17.26 -4.49 8.50
C PHE A 76 17.15 -5.37 7.27
N ASN A 77 15.91 -5.60 6.88
CA ASN A 77 15.56 -6.25 5.63
C ASN A 77 14.97 -5.18 4.72
N PHE A 78 15.69 -4.81 3.67
CA PHE A 78 15.26 -3.74 2.75
C PHE A 78 14.64 -4.29 1.48
N ARG A 79 13.52 -3.71 1.08
CA ARG A 79 12.98 -4.00 -0.26
C ARG A 79 12.60 -2.71 -1.00
N GLU A 80 13.16 -2.50 -2.18
CA GLU A 80 12.82 -1.34 -3.02
C GLU A 80 11.59 -1.61 -3.87
N MET A 81 10.67 -0.63 -3.95
CA MET A 81 9.48 -0.77 -4.78
C MET A 81 9.22 0.49 -5.61
N PRO A 82 8.50 0.33 -6.72
CA PRO A 82 8.28 1.50 -7.58
C PRO A 82 7.19 2.44 -7.08
N ILE A 83 7.43 3.74 -7.27
CA ILE A 83 6.41 4.77 -7.06
C ILE A 83 6.74 5.95 -8.00
N GLY A 84 5.78 6.84 -8.21
CA GLY A 84 6.03 8.03 -9.00
C GLY A 84 6.38 7.77 -10.46
N GLY A 85 7.24 8.64 -11.02
CA GLY A 85 7.65 8.50 -12.40
C GLY A 85 8.14 7.11 -12.72
N ALA A 86 8.96 6.56 -11.82
CA ALA A 86 9.57 5.28 -12.06
C ALA A 86 8.49 4.21 -12.14
N ALA A 87 7.45 4.36 -11.33
CA ALA A 87 6.35 3.39 -11.36
C ALA A 87 5.58 3.54 -12.66
N LEU A 88 5.43 4.78 -13.12
CA LEU A 88 4.73 5.02 -14.38
C LEU A 88 5.43 4.32 -15.54
N ASP A 89 6.74 4.52 -15.68
CA ASP A 89 7.51 3.93 -16.78
C ASP A 89 7.53 2.42 -16.72
N LEU A 90 7.56 1.89 -15.50
CA LEU A 90 7.72 0.46 -15.29
C LEU A 90 6.37 -0.27 -15.36
N VAL A 91 5.36 0.26 -14.66
CA VAL A 91 4.08 -0.43 -14.56
C VAL A 91 2.94 0.30 -15.27
N GLY A 92 3.02 1.61 -15.42
CA GLY A 92 1.98 2.35 -16.10
C GLY A 92 1.06 3.15 -15.20
N VAL A 93 1.28 3.06 -13.89
CA VAL A 93 0.55 3.88 -12.92
C VAL A 93 1.55 4.39 -11.87
N PRO A 94 1.16 5.43 -11.13
CA PRO A 94 2.08 6.02 -10.14
C PRO A 94 2.23 5.22 -8.84
N LEU A 95 1.28 4.34 -8.53
CA LEU A 95 1.39 3.50 -7.34
C LEU A 95 0.76 2.12 -7.57
N PRO A 96 1.58 1.13 -8.01
CA PRO A 96 1.15 -0.26 -8.19
C PRO A 96 0.71 -0.86 -6.87
N GLU A 97 -0.33 -1.69 -6.90
CA GLU A 97 -0.82 -2.35 -5.70
C GLU A 97 0.30 -3.09 -4.97
N GLU A 98 1.25 -3.65 -5.71
CA GLU A 98 2.35 -4.37 -5.07
C GLU A 98 3.14 -3.43 -4.14
N THR A 99 3.26 -2.17 -4.53
CA THR A 99 3.97 -1.22 -3.67
C THR A 99 3.21 -0.96 -2.37
N ILE A 100 1.89 -0.84 -2.48
CA ILE A 100 1.06 -0.66 -1.30
C ILE A 100 1.17 -1.86 -0.37
N SER A 101 1.12 -3.06 -0.95
CA SER A 101 1.23 -4.28 -0.16
C SER A 101 2.53 -4.30 0.61
N ALA A 102 3.64 -4.08 -0.11
CA ALA A 102 4.95 -4.17 0.54
C ALA A 102 5.04 -3.13 1.66
N ALA A 103 4.57 -1.92 1.37
CA ALA A 103 4.63 -0.86 2.37
C ALA A 103 3.82 -1.26 3.60
N LYS A 104 2.58 -1.67 3.38
CA LYS A 104 1.69 -2.03 4.49
C LYS A 104 2.22 -3.17 5.36
N GLU A 105 3.03 -4.06 4.78
CA GLU A 105 3.51 -5.23 5.51
C GLU A 105 4.83 -4.96 6.23
N SER A 106 5.48 -3.85 5.89
CA SER A 106 6.79 -3.54 6.45
C SER A 106 6.66 -2.75 7.74
N ASP A 107 7.78 -2.47 8.38
CA ASP A 107 7.78 -1.77 9.65
C ASP A 107 7.87 -0.27 9.47
N ALA A 108 8.41 0.15 8.34
CA ALA A 108 8.49 1.57 8.04
C ALA A 108 8.86 1.78 6.58
N VAL A 109 8.51 2.94 6.05
CA VAL A 109 8.74 3.25 4.65
C VAL A 109 9.63 4.49 4.51
N LEU A 110 10.69 4.39 3.72
CA LEU A 110 11.57 5.53 3.45
C LEU A 110 11.48 5.92 1.98
N LEU A 111 11.04 7.14 1.71
CA LEU A 111 10.79 7.57 0.36
C LEU A 111 11.78 8.65 -0.05
N GLY A 112 12.26 8.58 -1.29
CA GLY A 112 13.16 9.60 -1.83
C GLY A 112 12.44 10.86 -2.30
N ALA A 113 12.09 10.88 -3.57
CA ALA A 113 11.40 12.01 -4.16
C ALA A 113 10.52 11.51 -5.28
N ILE A 114 9.59 12.36 -5.69
CA ILE A 114 8.63 12.02 -6.72
C ILE A 114 8.53 13.20 -7.69
N GLY A 115 8.49 12.91 -8.99
CA GLY A 115 8.24 13.94 -9.99
C GLY A 115 9.37 14.14 -11.01
N GLY A 116 9.03 14.70 -12.17
CA GLY A 116 9.99 14.90 -13.22
C GLY A 116 9.35 15.45 -14.49
N TYR A 117 10.18 16.08 -15.32
CA TYR A 117 9.74 16.70 -16.57
C TYR A 117 8.88 15.80 -17.43
N LYS A 118 9.30 14.54 -17.55
CA LYS A 118 8.68 13.60 -18.49
C LYS A 118 7.18 13.38 -18.24
N TRP A 119 6.77 13.47 -16.98
CA TRP A 119 5.41 13.06 -16.62
C TRP A 119 4.54 14.27 -16.28
N ASP A 120 5.14 15.46 -16.31
CA ASP A 120 4.42 16.69 -16.02
C ASP A 120 3.14 16.87 -16.84
N ASN A 121 3.16 16.43 -18.10
CA ASN A 121 2.00 16.63 -18.98
C ASN A 121 1.00 15.47 -18.97
N ASN A 122 1.09 14.61 -17.95
CA ASN A 122 0.14 13.51 -17.82
C ASN A 122 -1.20 13.97 -17.26
N GLU A 123 -2.25 13.20 -17.52
CA GLU A 123 -3.53 13.43 -16.86
C GLU A 123 -3.29 13.42 -15.36
N LYS A 124 -4.08 14.20 -14.62
CA LYS A 124 -3.85 14.35 -13.19
C LYS A 124 -3.77 12.99 -12.49
N HIS A 125 -4.69 12.09 -12.80
CA HIS A 125 -4.72 10.81 -12.13
C HIS A 125 -3.46 9.98 -12.40
N LEU A 126 -2.74 10.27 -13.48
CA LEU A 126 -1.53 9.53 -13.81
C LEU A 126 -0.24 10.32 -13.55
N ARG A 127 -0.32 11.36 -12.74
CA ARG A 127 0.88 12.09 -12.39
C ARG A 127 1.58 11.44 -11.19
N PRO A 128 2.91 11.53 -11.14
CA PRO A 128 3.69 10.96 -10.04
C PRO A 128 3.13 11.36 -8.67
N GLU A 129 2.82 12.65 -8.51
CA GLU A 129 2.32 13.17 -7.25
CA GLU A 129 2.29 13.18 -7.26
C GLU A 129 1.10 12.38 -6.76
N LYS A 130 0.27 11.92 -7.68
CA LYS A 130 -0.92 11.16 -7.32
C LYS A 130 -0.52 9.91 -6.54
N GLY A 131 0.68 9.41 -6.81
CA GLY A 131 1.16 8.22 -6.12
C GLY A 131 1.46 8.50 -4.66
N LEU A 132 2.00 9.68 -4.39
CA LEU A 132 2.24 10.12 -3.02
C LEU A 132 0.92 10.15 -2.26
N LEU A 133 -0.06 10.85 -2.82
CA LEU A 133 -1.38 10.97 -2.20
C LEU A 133 -1.98 9.59 -1.93
N GLN A 134 -1.83 8.69 -2.88
CA GLN A 134 -2.40 7.35 -2.74
C GLN A 134 -1.69 6.53 -1.66
N ILE A 135 -0.37 6.63 -1.59
CA ILE A 135 0.36 5.86 -0.57
C ILE A 135 -0.02 6.39 0.81
N ARG A 136 -0.12 7.72 0.96
CA ARG A 136 -0.54 8.28 2.25
C ARG A 136 -1.91 7.77 2.68
N ALA A 137 -2.83 7.73 1.73
CA ALA A 137 -4.21 7.27 2.01
C ALA A 137 -4.20 5.79 2.37
N ALA A 138 -3.40 5.02 1.63
CA ALA A 138 -3.30 3.57 1.83
C ALA A 138 -2.72 3.23 3.21
N LEU A 139 -1.72 4.00 3.62
CA LEU A 139 -1.06 3.77 4.90
C LEU A 139 -1.80 4.46 6.05
N LYS A 140 -2.79 5.27 5.71
CA LYS A 140 -3.54 6.01 6.73
C LYS A 140 -2.63 6.87 7.61
N VAL A 141 -1.61 7.48 7.01
CA VAL A 141 -0.73 8.35 7.75
C VAL A 141 -1.30 9.78 7.81
N PHE A 142 -2.28 9.99 8.69
CA PHE A 142 -2.98 11.26 8.83
C PHE A 142 -2.16 12.36 9.54
N ALA A 143 -0.95 12.06 9.99
CA ALA A 143 -0.18 13.01 10.77
C ALA A 143 1.16 13.32 10.12
N ASN A 144 1.33 14.54 9.61
CA ASN A 144 2.59 14.94 9.01
C ASN A 144 3.42 15.74 10.02
N LEU A 145 4.61 15.23 10.34
CA LEU A 145 5.54 15.88 11.26
C LEU A 145 6.70 16.46 10.49
N ARG A 146 6.83 17.78 10.53
CA ARG A 146 7.97 18.45 9.91
C ARG A 146 8.71 19.30 10.92
N PRO A 147 9.89 18.83 11.33
CA PRO A 147 10.72 19.57 12.28
C PRO A 147 11.47 20.65 11.55
N ALA A 148 11.34 21.88 12.04
CA ALA A 148 12.04 23.02 11.49
C ALA A 148 13.04 23.46 12.55
N THR A 149 14.30 23.13 12.33
CA THR A 149 15.35 23.55 13.26
C THR A 149 16.44 24.26 12.49
N VAL A 150 17.01 25.28 13.12
CA VAL A 150 18.16 25.94 12.54
C VAL A 150 19.44 25.36 13.17
N LEU A 151 20.26 24.73 12.33
CA LEU A 151 21.49 24.12 12.82
C LEU A 151 22.58 25.19 13.06
N PRO A 152 23.28 25.10 14.20
CA PRO A 152 24.31 26.10 14.56
C PRO A 152 25.22 26.44 13.39
N GLN A 153 25.56 25.45 12.58
CA GLN A 153 26.51 25.66 11.48
C GLN A 153 25.90 26.38 10.28
N LEU A 154 24.57 26.42 10.21
CA LEU A 154 23.87 26.94 9.03
C LEU A 154 23.00 28.16 9.34
N VAL A 155 23.19 28.75 10.51
CA VAL A 155 22.42 29.91 10.94
C VAL A 155 22.37 31.00 9.87
N ASP A 156 23.49 31.23 9.18
CA ASP A 156 23.59 32.33 8.22
C ASP A 156 22.80 32.13 6.94
N ALA A 157 22.34 30.91 6.69
CA ALA A 157 21.53 30.67 5.49
C ALA A 157 20.13 31.27 5.61
N SER A 158 19.69 31.51 6.84
CA SER A 158 18.38 32.12 7.09
C SER A 158 18.38 33.61 6.79
N THR A 159 17.28 34.13 6.23
CA THR A 159 17.16 35.56 6.01
C THR A 159 16.79 36.30 7.29
N LEU A 160 16.51 35.57 8.36
CA LEU A 160 16.30 36.21 9.65
C LEU A 160 17.64 36.51 10.30
N LYS A 161 17.70 37.59 11.08
CA LYS A 161 18.92 37.92 11.82
C LYS A 161 19.29 36.76 12.71
N ARG A 162 20.58 36.64 12.95
CA ARG A 162 21.18 35.57 13.71
C ARG A 162 20.52 35.32 15.07
N GLU A 163 20.32 36.38 15.84
CA GLU A 163 19.80 36.24 17.20
C GLU A 163 18.36 35.74 17.18
N VAL A 164 17.68 35.92 16.06
CA VAL A 164 16.31 35.45 15.92
C VAL A 164 16.27 34.01 15.41
N ALA A 165 17.15 33.67 14.47
CA ALA A 165 17.13 32.34 13.84
C ALA A 165 17.84 31.29 14.70
N GLU A 166 18.89 31.70 15.39
CA GLU A 166 19.68 30.76 16.18
C GLU A 166 18.79 30.08 17.23
N GLY A 167 18.92 28.76 17.34
CA GLY A 167 18.14 28.02 18.32
C GLY A 167 16.66 27.81 17.99
N VAL A 168 16.23 28.21 16.80
CA VAL A 168 14.88 27.85 16.33
C VAL A 168 14.78 26.32 16.27
N ASP A 169 13.72 25.77 16.83
CA ASP A 169 13.59 24.31 16.91
C ASP A 169 12.13 23.97 17.18
N LEU A 170 11.36 23.84 16.13
CA LEU A 170 9.93 23.64 16.25
C LEU A 170 9.49 22.44 15.42
N MET A 171 8.32 21.91 15.73
CA MET A 171 7.76 20.79 14.99
C MET A 171 6.35 21.14 14.55
N VAL A 172 6.09 21.17 13.25
CA VAL A 172 4.70 21.32 12.80
C VAL A 172 4.05 19.96 12.58
N VAL A 173 2.99 19.68 13.34
CA VAL A 173 2.19 18.48 13.13
C VAL A 173 0.93 18.85 12.38
N ARG A 174 0.84 18.41 11.13
CA ARG A 174 -0.19 18.84 10.21
C ARG A 174 -1.13 17.70 9.85
N GLU A 175 -2.43 17.90 10.03
CA GLU A 175 -3.40 16.90 9.59
C GLU A 175 -3.22 16.66 8.09
N LEU A 176 -3.06 15.40 7.68
CA LEU A 176 -2.49 15.13 6.34
C LEU A 176 -3.46 14.55 5.28
N THR A 177 -4.53 13.90 5.72
CA THR A 177 -5.38 13.16 4.78
C THR A 177 -6.85 13.62 4.77
N GLY A 178 -7.17 14.66 5.54
CA GLY A 178 -8.50 15.25 5.53
C GLY A 178 -8.51 16.75 5.28
N GLY A 179 -9.52 17.42 5.81
CA GLY A 179 -9.63 18.87 5.65
C GLY A 179 -10.06 19.27 4.25
N ILE A 180 -9.92 20.56 3.95
CA ILE A 180 -10.45 21.11 2.71
C ILE A 180 -9.85 20.50 1.43
N TYR A 181 -8.61 20.02 1.50
CA TYR A 181 -7.96 19.37 0.34
C TYR A 181 -8.71 18.13 -0.12
N PHE A 182 -9.47 17.52 0.80
CA PHE A 182 -10.21 16.31 0.48
C PHE A 182 -11.71 16.42 0.75
N GLY A 183 -12.15 17.62 1.12
CA GLY A 183 -13.53 17.82 1.55
C GLY A 183 -14.59 17.77 0.46
N GLU A 184 -15.79 17.35 0.85
CA GLU A 184 -16.96 17.30 -0.02
C GLU A 184 -18.11 18.10 0.60
N PRO A 185 -18.94 18.74 -0.25
CA PRO A 185 -18.85 18.74 -1.71
C PRO A 185 -17.77 19.69 -2.22
N ARG A 186 -17.40 19.56 -3.49
CA ARG A 186 -16.41 20.41 -4.12
C ARG A 186 -16.71 20.43 -5.61
N GLY A 187 -16.20 21.45 -6.31
CA GLY A 187 -16.42 21.54 -7.74
C GLY A 187 -16.55 22.95 -8.29
N ILE A 188 -16.71 23.04 -9.60
CA ILE A 188 -17.03 24.29 -10.26
C ILE A 188 -18.33 24.06 -11.00
N LYS A 189 -19.38 24.77 -10.59
CA LYS A 189 -20.70 24.63 -11.20
C LYS A 189 -21.05 25.95 -11.85
N THR A 190 -21.99 25.92 -12.77
CA THR A 190 -22.52 27.17 -13.34
C THR A 190 -23.95 27.31 -12.87
N ASN A 191 -24.27 28.47 -12.30
CA ASN A 191 -25.52 28.63 -11.55
C ASN A 191 -26.74 28.99 -12.41
N GLU A 192 -26.76 28.49 -13.65
CA GLU A 192 -27.91 28.65 -14.52
C GLU A 192 -28.19 30.11 -14.87
N ASN A 193 -27.45 31.01 -14.22
CA ASN A 193 -27.44 32.41 -14.62
C ASN A 193 -26.30 32.59 -15.61
N GLY A 194 -25.62 31.48 -15.90
CA GLY A 194 -24.52 31.46 -16.84
C GLY A 194 -23.18 31.64 -16.15
N GLU A 195 -23.23 32.00 -14.88
CA GLU A 195 -22.01 32.33 -14.14
C GLU A 195 -21.41 31.13 -13.41
N GLU A 196 -20.11 30.93 -13.56
CA GLU A 196 -19.48 29.83 -12.84
C GLU A 196 -19.25 30.16 -11.38
N VAL A 197 -19.43 29.16 -10.52
CA VAL A 197 -19.16 29.28 -9.09
C VAL A 197 -18.25 28.15 -8.64
N GLY A 198 -17.15 28.50 -7.97
CA GLY A 198 -16.19 27.51 -7.52
C GLY A 198 -16.23 27.36 -6.00
N PHE A 199 -16.21 26.11 -5.53
CA PHE A 199 -16.37 25.85 -4.11
C PHE A 199 -15.60 24.64 -3.57
N ASN A 200 -15.18 24.76 -2.31
CA ASN A 200 -14.55 23.67 -1.60
C ASN A 200 -15.06 23.69 -0.18
N THR A 201 -14.95 22.57 0.50
CA THR A 201 -15.53 22.41 1.83
C THR A 201 -14.47 22.03 2.85
N GLU A 202 -14.19 22.96 3.76
CA GLU A 202 -13.34 22.69 4.91
C GLU A 202 -14.20 21.95 5.92
N VAL A 203 -13.88 20.68 6.16
CA VAL A 203 -14.68 19.89 7.09
C VAL A 203 -13.86 18.85 7.86
N TYR A 204 -14.12 18.78 9.16
CA TYR A 204 -13.53 17.75 9.99
C TYR A 204 -14.57 17.15 10.92
N ALA A 205 -14.57 15.82 11.03
CA ALA A 205 -15.32 15.13 12.08
C ALA A 205 -14.50 15.12 13.37
N ALA A 206 -15.18 15.02 14.51
CA ALA A 206 -14.50 15.05 15.80
C ALA A 206 -13.37 14.02 15.92
N HIS A 207 -13.62 12.81 15.44
CA HIS A 207 -12.62 11.75 15.55
C HIS A 207 -11.36 12.06 14.73
N GLU A 208 -11.52 12.84 13.67
CA GLU A 208 -10.38 13.24 12.85
C GLU A 208 -9.47 14.25 13.57
N ILE A 209 -10.10 15.19 14.28
CA ILE A 209 -9.37 16.15 15.08
C ILE A 209 -8.72 15.50 16.30
N ASP A 210 -9.44 14.56 16.92
CA ASP A 210 -8.93 13.86 18.10
C ASP A 210 -7.62 13.16 17.77
N ARG A 211 -7.59 12.41 16.67
CA ARG A 211 -6.43 11.59 16.39
C ARG A 211 -5.18 12.39 16.01
N ILE A 212 -5.35 13.50 15.27
CA ILE A 212 -4.20 14.33 14.95
C ILE A 212 -3.70 15.05 16.22
N ALA A 213 -4.63 15.46 17.07
CA ALA A 213 -4.23 16.11 18.32
C ALA A 213 -3.44 15.15 19.22
N ARG A 214 -3.94 13.92 19.40
CA ARG A 214 -3.20 12.94 20.22
C ARG A 214 -1.77 12.77 19.73
N VAL A 215 -1.60 12.61 18.44
CA VAL A 215 -0.25 12.49 17.90
C VAL A 215 0.61 13.71 18.30
N ALA A 216 0.01 14.90 18.18
CA ALA A 216 0.69 16.14 18.54
C ALA A 216 1.08 16.13 20.01
N PHE A 217 0.15 15.74 20.87
CA PHE A 217 0.43 15.64 22.32
C PHE A 217 1.58 14.66 22.59
N GLU A 218 1.48 13.48 22.01
CA GLU A 218 2.54 12.46 22.14
C GLU A 218 3.85 12.99 21.56
N THR A 219 3.78 13.85 20.56
CA THR A 219 4.99 14.38 19.95
C THR A 219 5.64 15.43 20.85
N ALA A 220 4.83 16.27 21.47
CA ALA A 220 5.36 17.27 22.40
C ALA A 220 6.06 16.57 23.58
N ARG A 221 5.58 15.39 23.96
CA ARG A 221 6.22 14.64 25.04
C ARG A 221 7.62 14.20 24.67
N LYS A 222 7.87 14.06 23.36
CA LYS A 222 9.16 13.61 22.89
C LYS A 222 10.08 14.78 22.66
N ARG A 223 9.64 15.97 23.05
CA ARG A 223 10.39 17.18 22.77
C ARG A 223 10.54 18.04 24.03
N ARG A 224 9.77 19.12 24.13
CA ARG A 224 9.86 20.01 25.30
C ARG A 224 8.52 20.19 26.00
N GLY A 225 7.52 19.41 25.64
CA GLY A 225 6.25 19.42 26.36
C GLY A 225 5.40 20.67 26.19
N LYS A 226 5.56 21.35 25.07
CA LYS A 226 4.79 22.56 24.79
CA LYS A 226 4.80 22.56 24.79
C LYS A 226 4.08 22.41 23.46
N LEU A 227 2.76 22.53 23.49
CA LEU A 227 1.97 22.36 22.28
C LEU A 227 1.09 23.57 22.03
N CYS A 228 1.16 24.08 20.80
CA CYS A 228 0.35 25.21 20.40
C CYS A 228 -0.60 24.81 19.27
N SER A 229 -1.90 24.90 19.54
CA SER A 229 -2.90 24.52 18.55
C SER A 229 -3.33 25.73 17.74
N VAL A 230 -3.22 25.60 16.43
CA VAL A 230 -3.44 26.74 15.53
C VAL A 230 -4.69 26.56 14.66
N ASP A 231 -5.56 27.58 14.66
CA ASP A 231 -6.84 27.48 13.98
C ASP A 231 -7.36 28.87 13.64
N LYS A 232 -8.62 28.95 13.22
CA LYS A 232 -9.28 30.23 12.93
C LYS A 232 -10.61 30.28 13.67
N ALA A 233 -10.58 29.87 14.93
CA ALA A 233 -11.76 29.72 15.77
C ALA A 233 -12.56 31.00 15.98
N ASN A 234 -11.98 32.16 15.71
CA ASN A 234 -12.75 33.41 15.80
C ASN A 234 -13.67 33.69 14.61
N VAL A 235 -13.64 32.80 13.61
CA VAL A 235 -14.48 32.98 12.42
C VAL A 235 -15.10 31.67 11.92
N LEU A 236 -14.31 30.60 11.86
CA LEU A 236 -14.78 29.37 11.22
C LEU A 236 -15.30 28.32 12.20
N GLU A 237 -16.51 27.84 11.93
CA GLU A 237 -17.14 26.78 12.72
C GLU A 237 -16.27 25.52 12.80
N ALA A 238 -15.58 25.19 11.70
CA ALA A 238 -14.69 24.03 11.69
C ALA A 238 -13.54 24.23 12.67
N SER A 239 -13.04 25.46 12.78
CA SER A 239 -11.98 25.77 13.74
C SER A 239 -12.52 25.78 15.18
N ILE A 240 -13.77 26.18 15.34
CA ILE A 240 -14.41 26.14 16.66
C ILE A 240 -14.46 24.71 17.17
N LEU A 241 -14.86 23.79 16.30
CA LEU A 241 -14.86 22.39 16.68
C LEU A 241 -13.44 21.89 16.90
N TRP A 242 -12.52 22.32 16.05
CA TRP A 242 -11.12 21.94 16.22
C TRP A 242 -10.68 22.33 17.62
N ARG A 243 -10.90 23.59 17.99
CA ARG A 243 -10.47 24.10 19.28
C ARG A 243 -11.17 23.40 20.43
N LYS A 244 -12.43 23.04 20.25
CA LYS A 244 -13.16 22.37 21.33
C LYS A 244 -12.55 21.01 21.63
N ARG A 245 -12.25 20.25 20.57
CA ARG A 245 -11.73 18.90 20.75
C ARG A 245 -10.31 18.88 21.34
N VAL A 246 -9.46 19.81 20.88
CA VAL A 246 -8.11 19.86 21.39
C VAL A 246 -8.15 20.28 22.86
N THR A 247 -8.93 21.30 23.15
CA THR A 247 -9.09 21.79 24.51
C THR A 247 -9.55 20.68 25.47
N ALA A 248 -10.43 19.80 25.00
CA ALA A 248 -10.95 18.73 25.85
C ALA A 248 -9.93 17.64 26.12
N LEU A 249 -9.00 17.46 25.20
CA LEU A 249 -7.97 16.44 25.35
C LEU A 249 -6.89 16.84 26.35
N ALA A 250 -6.80 18.14 26.64
CA ALA A 250 -5.75 18.63 27.52
C ALA A 250 -5.65 17.84 28.83
N SER A 251 -6.81 17.50 29.40
CA SER A 251 -6.84 16.81 30.70
C SER A 251 -6.24 15.41 30.61
N GLU A 252 -6.27 14.82 29.42
CA GLU A 252 -5.65 13.52 29.22
C GLU A 252 -4.14 13.63 29.06
N TYR A 253 -3.65 14.83 28.80
CA TYR A 253 -2.21 15.06 28.72
C TYR A 253 -1.82 16.25 29.58
N PRO A 254 -2.06 16.14 30.89
CA PRO A 254 -1.89 17.30 31.80
C PRO A 254 -0.43 17.71 31.93
N ASP A 255 0.49 16.80 31.60
CA ASP A 255 1.91 17.12 31.62
C ASP A 255 2.30 18.12 30.52
N VAL A 256 1.49 18.21 29.47
CA VAL A 256 1.80 19.08 28.34
C VAL A 256 1.15 20.46 28.45
N GLU A 257 1.94 21.51 28.23
CA GLU A 257 1.43 22.88 28.27
C GLU A 257 0.77 23.22 26.93
N LEU A 258 -0.57 23.23 26.92
CA LEU A 258 -1.34 23.54 25.73
C LEU A 258 -1.66 25.03 25.63
N SER A 259 -1.43 25.60 24.45
CA SER A 259 -1.94 26.93 24.14
C SER A 259 -2.64 26.94 22.77
N HIS A 260 -3.33 28.04 22.47
CA HIS A 260 -4.05 28.17 21.22
C HIS A 260 -3.64 29.45 20.50
N MET A 261 -3.64 29.40 19.17
CA MET A 261 -3.26 30.59 18.41
C MET A 261 -3.99 30.63 17.06
N TYR A 262 -4.42 31.83 16.67
CA TYR A 262 -5.06 32.00 15.37
C TYR A 262 -4.01 31.91 14.27
N VAL A 263 -4.40 31.32 13.13
CA VAL A 263 -3.44 31.06 12.06
C VAL A 263 -2.76 32.35 11.54
N ASP A 264 -3.52 33.43 11.40
CA ASP A 264 -2.90 34.69 10.97
C ASP A 264 -1.84 35.18 11.96
N ASN A 265 -2.11 35.09 13.26
CA ASN A 265 -1.11 35.44 14.26
CA ASN A 265 -1.11 35.44 14.27
C ASN A 265 0.11 34.50 14.24
N ALA A 266 -0.13 33.22 13.96
CA ALA A 266 0.99 32.27 13.91
C ALA A 266 1.96 32.62 12.78
N ALA A 267 1.39 33.05 11.64
CA ALA A 267 2.20 33.45 10.50
C ALA A 267 3.08 34.64 10.86
N MET A 268 2.59 35.51 11.75
CA MET A 268 3.39 36.64 12.25
C MET A 268 4.42 36.19 13.29
N GLN A 269 4.01 35.31 14.19
CA GLN A 269 4.90 34.87 15.28
C GLN A 269 6.10 34.07 14.73
N LEU A 270 5.88 33.30 13.66
CA LEU A 270 6.98 32.57 13.03
C LEU A 270 8.08 33.52 12.58
N VAL A 271 7.69 34.70 12.12
CA VAL A 271 8.63 35.73 11.66
C VAL A 271 9.21 36.53 12.81
N ARG A 272 8.43 36.74 13.85
CA ARG A 272 8.82 37.62 14.94
C ARG A 272 9.65 36.90 15.98
N ASP A 273 9.23 35.71 16.37
CA ASP A 273 9.88 34.98 17.47
C ASP A 273 9.67 33.47 17.35
N PRO A 274 10.20 32.84 16.27
CA PRO A 274 9.95 31.41 16.04
C PRO A 274 10.48 30.51 17.16
N LYS A 275 11.39 31.04 17.98
CA LYS A 275 11.96 30.24 19.07
C LYS A 275 10.92 29.94 20.15
N GLN A 276 9.81 30.67 20.11
CA GLN A 276 8.78 30.45 21.12
C GLN A 276 8.12 29.09 20.96
N PHE A 277 8.17 28.55 19.75
CA PHE A 277 7.43 27.32 19.45
C PHE A 277 8.19 26.04 19.78
N ASP A 278 7.49 25.07 20.33
CA ASP A 278 8.01 23.71 20.39
C ASP A 278 7.26 22.91 19.36
N THR A 279 6.06 22.46 19.73
CA THR A 279 5.21 21.72 18.82
C THR A 279 3.95 22.50 18.49
N ILE A 280 3.54 22.41 17.23
CA ILE A 280 2.36 23.09 16.71
C ILE A 280 1.49 22.01 16.08
N VAL A 281 0.19 22.03 16.37
CA VAL A 281 -0.75 21.15 15.68
C VAL A 281 -1.79 21.99 14.96
N THR A 282 -2.13 21.59 13.74
CA THR A 282 -3.04 22.39 12.93
C THR A 282 -3.62 21.56 11.79
N ASN A 283 -4.57 22.13 11.05
CA ASN A 283 -5.23 21.37 9.99
C ASN A 283 -4.37 21.21 8.73
N ASN A 284 -4.95 20.69 7.67
CA ASN A 284 -4.19 20.37 6.47
C ASN A 284 -3.70 21.65 5.78
N ILE A 285 -4.61 22.56 5.48
CA ILE A 285 -4.25 23.77 4.73
C ILE A 285 -3.38 24.76 5.55
N PHE A 286 -3.75 25.03 6.79
CA PHE A 286 -2.94 25.91 7.65
C PHE A 286 -1.56 25.26 7.90
N GLY A 287 -1.56 23.95 8.07
CA GLY A 287 -0.32 23.23 8.29
C GLY A 287 0.57 23.30 7.08
N ASP A 288 -0.02 23.19 5.90
CA ASP A 288 0.72 23.28 4.65
C ASP A 288 1.40 24.64 4.57
N ILE A 289 0.63 25.69 4.80
CA ILE A 289 1.15 27.06 4.73
C ILE A 289 2.17 27.35 5.84
N LEU A 290 1.83 27.07 7.10
CA LEU A 290 2.73 27.49 8.18
C LEU A 290 4.05 26.69 8.19
N SER A 291 3.96 25.41 7.83
CA SER A 291 5.14 24.56 7.77
C SER A 291 6.09 25.07 6.69
N ASP A 292 5.55 25.38 5.51
CA ASP A 292 6.41 25.96 4.47
C ASP A 292 7.06 27.25 4.92
N GLU A 293 6.29 28.12 5.58
CA GLU A 293 6.89 29.33 6.12
C GLU A 293 8.06 28.98 7.05
N ALA A 294 7.81 28.05 7.96
CA ALA A 294 8.84 27.73 8.96
C ALA A 294 10.05 27.13 8.27
N SER A 295 9.79 26.30 7.27
CA SER A 295 10.89 25.72 6.51
C SER A 295 11.77 26.80 5.92
N MET A 296 11.17 27.78 5.25
CA MET A 296 11.96 28.86 4.64
C MET A 296 12.70 29.68 5.69
N ILE A 297 12.09 29.86 6.85
CA ILE A 297 12.74 30.56 7.95
C ILE A 297 14.05 29.87 8.38
N THR A 298 14.09 28.54 8.36
CA THR A 298 15.33 27.86 8.78
C THR A 298 16.45 28.18 7.81
N GLY A 299 16.13 28.38 6.54
CA GLY A 299 17.10 28.82 5.57
C GLY A 299 17.66 27.77 4.62
N SER A 300 17.59 26.51 5.03
CA SER A 300 18.18 25.44 4.24
C SER A 300 17.17 24.31 4.00
N ILE A 301 16.39 24.45 2.94
CA ILE A 301 15.33 23.51 2.62
C ILE A 301 15.86 22.09 2.37
N GLY A 302 17.09 22.00 1.88
CA GLY A 302 17.70 20.69 1.62
C GLY A 302 18.18 19.94 2.85
N MET A 303 17.91 20.47 4.04
CA MET A 303 18.32 19.81 5.28
C MET A 303 17.12 19.24 6.02
N LEU A 304 15.91 19.47 5.53
CA LEU A 304 14.70 19.21 6.31
C LEU A 304 14.02 17.87 6.01
N PRO A 305 13.89 17.02 7.04
CA PRO A 305 13.20 15.72 6.97
C PRO A 305 11.71 15.83 7.24
N SER A 306 10.97 14.75 7.02
CA SER A 306 9.57 14.68 7.41
C SER A 306 9.14 13.26 7.73
N ALA A 307 8.12 13.13 8.59
CA ALA A 307 7.55 11.84 8.91
C ALA A 307 6.03 11.93 8.81
N SER A 308 5.40 10.90 8.26
CA SER A 308 3.95 10.81 8.24
C SER A 308 3.55 9.55 8.99
N LEU A 309 2.78 9.72 10.06
CA LEU A 309 2.46 8.63 10.98
C LEU A 309 0.98 8.27 10.95
N SER A 310 0.69 7.00 11.22
CA SER A 310 -0.68 6.53 11.39
C SER A 310 -0.88 6.09 12.82
N ASP A 311 -2.10 5.67 13.13
CA ASP A 311 -2.46 5.19 14.47
C ASP A 311 -1.64 3.95 14.82
N SER A 312 -1.75 2.95 13.98
CA SER A 312 -0.86 1.80 14.06
C SER A 312 -0.33 1.58 12.65
N GLY A 313 0.65 0.71 12.50
CA GLY A 313 1.19 0.46 11.17
C GLY A 313 2.35 1.35 10.83
N PRO A 314 3.04 1.03 9.72
CA PRO A 314 4.29 1.69 9.37
C PRO A 314 4.09 3.14 8.94
N GLY A 315 5.07 3.98 9.23
CA GLY A 315 5.03 5.37 8.84
C GLY A 315 5.79 5.60 7.55
N LEU A 316 5.66 6.79 7.00
CA LEU A 316 6.29 7.14 5.75
C LEU A 316 7.24 8.30 5.98
N PHE A 317 8.51 8.14 5.61
CA PHE A 317 9.53 9.10 5.97
C PHE A 317 10.21 9.60 4.70
N GLU A 318 10.30 10.92 4.53
CA GLU A 318 10.91 11.47 3.32
CA GLU A 318 10.91 11.47 3.32
CA GLU A 318 10.90 11.47 3.32
C GLU A 318 11.41 12.89 3.54
N PRO A 319 12.39 13.31 2.75
CA PRO A 319 12.85 14.69 2.81
C PRO A 319 11.75 15.58 2.22
N ILE A 320 11.70 16.86 2.61
CA ILE A 320 10.64 17.70 2.08
C ILE A 320 11.02 18.28 0.73
N HIS A 321 12.31 18.27 0.40
CA HIS A 321 12.72 18.76 -0.91
C HIS A 321 12.13 17.86 -2.01
N GLY A 322 12.08 18.36 -3.24
CA GLY A 322 11.54 17.57 -4.35
C GLY A 322 12.60 16.71 -5.02
N SER A 323 12.32 16.28 -6.25
CA SER A 323 13.21 15.37 -6.97
C SER A 323 14.37 16.07 -7.68
N ALA A 324 14.32 17.40 -7.73
CA ALA A 324 15.42 18.20 -8.31
C ALA A 324 15.92 17.61 -9.61
N PRO A 325 15.05 17.54 -10.62
CA PRO A 325 15.41 16.95 -11.91
C PRO A 325 16.71 17.52 -12.48
N ASP A 326 16.96 18.80 -12.23
CA ASP A 326 18.10 19.51 -12.80
C ASP A 326 19.47 18.96 -12.44
N ILE A 327 19.62 18.51 -11.20
CA ILE A 327 20.92 18.01 -10.74
C ILE A 327 20.97 16.48 -10.62
N ALA A 328 19.96 15.81 -11.16
CA ALA A 328 19.92 14.35 -11.10
C ALA A 328 21.12 13.79 -11.83
N GLY A 329 21.79 12.83 -11.20
CA GLY A 329 22.93 12.16 -11.80
C GLY A 329 24.25 12.92 -11.67
N GLN A 330 24.17 14.20 -11.33
CA GLN A 330 25.36 15.05 -11.33
C GLN A 330 26.14 15.04 -10.02
N ASP A 331 25.76 14.17 -9.09
CA ASP A 331 26.45 14.08 -7.79
C ASP A 331 26.42 15.40 -7.01
N LYS A 332 25.36 16.18 -7.18
CA LYS A 332 25.25 17.47 -6.51
C LYS A 332 24.26 17.46 -5.34
N ALA A 333 23.35 16.50 -5.33
CA ALA A 333 22.28 16.46 -4.34
C ALA A 333 22.78 16.50 -2.90
N ASN A 334 22.01 17.12 -2.03
CA ASN A 334 22.24 17.08 -0.59
C ASN A 334 21.50 15.90 0.06
N PRO A 335 22.25 14.91 0.55
CA PRO A 335 21.66 13.70 1.13
C PRO A 335 21.27 13.85 2.60
N LEU A 336 21.56 15.01 3.20
CA LEU A 336 21.34 15.17 4.63
C LEU A 336 19.87 15.10 5.04
N ALA A 337 18.96 15.64 4.23
CA ALA A 337 17.54 15.59 4.57
C ALA A 337 17.03 14.14 4.58
N THR A 338 17.43 13.34 3.61
CA THR A 338 16.98 11.95 3.56
C THR A 338 17.61 11.17 4.71
N ILE A 339 18.91 11.37 4.94
CA ILE A 339 19.56 10.82 6.12
C ILE A 339 18.82 11.21 7.40
N LEU A 340 18.49 12.50 7.54
CA LEU A 340 17.78 12.92 8.73
C LEU A 340 16.39 12.32 8.75
N SER A 341 15.84 12.04 7.57
CA SER A 341 14.56 11.35 7.49
C SER A 341 14.69 9.90 7.98
N ALA A 342 15.82 9.27 7.67
CA ALA A 342 16.08 7.93 8.20
C ALA A 342 16.19 7.98 9.72
N ALA A 343 16.67 9.10 10.25
CA ALA A 343 16.74 9.27 11.70
C ALA A 343 15.33 9.41 12.29
N MET A 344 14.46 10.15 11.61
CA MET A 344 13.07 10.22 12.05
C MET A 344 12.42 8.85 11.98
N LEU A 345 12.78 8.08 10.95
CA LEU A 345 12.27 6.73 10.82
C LEU A 345 12.59 5.91 12.09
N LEU A 346 13.86 5.86 12.47
CA LEU A 346 14.28 5.18 13.69
C LEU A 346 13.53 5.69 14.93
N LYS A 347 13.47 7.00 15.10
CA LYS A 347 12.85 7.58 16.29
C LYS A 347 11.32 7.45 16.31
N TYR A 348 10.64 8.04 15.32
CA TYR A 348 9.16 8.06 15.31
C TYR A 348 8.56 6.80 14.70
N GLY A 349 9.35 6.09 13.89
CA GLY A 349 8.87 4.87 13.28
C GLY A 349 9.06 3.68 14.17
N LEU A 350 10.33 3.41 14.51
CA LEU A 350 10.71 2.17 15.17
C LEU A 350 10.96 2.32 16.67
N GLY A 351 10.77 3.52 17.20
CA GLY A 351 11.09 3.79 18.58
C GLY A 351 12.52 3.41 18.94
N GLU A 352 13.43 3.56 17.99
CA GLU A 352 14.84 3.26 18.22
C GLU A 352 15.67 4.54 18.39
N GLU A 353 15.51 5.23 19.52
CA GLU A 353 16.45 6.30 19.85
C GLU A 353 17.81 5.65 19.97
N LYS A 354 18.83 6.45 20.24
CA LYS A 354 20.21 5.95 20.24
C LYS A 354 20.66 5.75 18.79
N ALA A 355 20.07 4.77 18.11
CA ALA A 355 20.35 4.58 16.69
C ALA A 355 20.04 5.88 15.96
N ALA A 356 18.95 6.52 16.35
CA ALA A 356 18.59 7.79 15.76
C ALA A 356 19.61 8.87 16.11
N LYS A 357 20.02 8.88 17.38
CA LYS A 357 20.99 9.89 17.84
C LYS A 357 22.31 9.77 17.10
N ARG A 358 22.75 8.54 16.87
CA ARG A 358 23.97 8.30 16.11
C ARG A 358 23.94 8.98 14.75
N ILE A 359 22.81 8.89 14.06
CA ILE A 359 22.62 9.57 12.78
C ILE A 359 22.69 11.09 12.95
N GLU A 360 21.84 11.62 13.83
CA GLU A 360 21.83 13.05 14.06
C GLU A 360 23.23 13.56 14.42
N ASP A 361 23.93 12.83 15.28
CA ASP A 361 25.25 13.25 15.71
C ASP A 361 26.24 13.24 14.56
N ALA A 362 26.18 12.21 13.71
CA ALA A 362 27.08 12.11 12.58
C ALA A 362 26.85 13.23 11.56
N VAL A 363 25.58 13.61 11.36
CA VAL A 363 25.29 14.76 10.50
C VAL A 363 25.98 16.02 11.04
N LEU A 364 25.81 16.29 12.33
CA LEU A 364 26.51 17.40 12.97
C LEU A 364 28.03 17.36 12.80
N VAL A 365 28.64 16.21 13.07
CA VAL A 365 30.09 16.10 12.94
C VAL A 365 30.55 16.46 11.53
N ALA A 366 29.84 15.97 10.52
CA ALA A 366 30.15 16.29 9.13
C ALA A 366 30.11 17.79 8.87
N LEU A 367 29.06 18.45 9.37
CA LEU A 367 28.92 19.89 9.21
C LEU A 367 30.02 20.60 9.99
N ASN A 368 30.33 20.08 11.18
CA ASN A 368 31.38 20.66 12.02
C ASN A 368 32.74 20.60 11.34
N ASN A 369 32.94 19.58 10.52
CA ASN A 369 34.19 19.44 9.78
C ASN A 369 34.24 20.29 8.51
N GLY A 370 33.22 21.14 8.32
CA GLY A 370 33.21 22.09 7.23
C GLY A 370 32.63 21.59 5.91
N PHE A 371 32.14 20.36 5.89
CA PHE A 371 31.57 19.80 4.67
C PHE A 371 30.21 20.40 4.30
N ARG A 372 30.07 20.76 3.02
CA ARG A 372 28.85 21.38 2.51
C ARG A 372 28.62 21.00 1.05
N THR A 373 27.40 20.60 0.74
CA THR A 373 27.00 20.44 -0.65
C THR A 373 26.63 21.84 -1.17
N GLY A 374 26.40 21.95 -2.48
CA GLY A 374 26.16 23.26 -3.10
C GLY A 374 25.09 24.11 -2.44
N ASP A 375 23.98 23.47 -2.08
CA ASP A 375 22.85 24.20 -1.52
C ASP A 375 23.14 24.80 -0.14
N ILE A 376 24.18 24.33 0.52
CA ILE A 376 24.48 24.86 1.84
C ILE A 376 25.90 25.38 1.91
N TYR A 377 26.55 25.48 0.75
CA TYR A 377 27.93 25.95 0.69
C TYR A 377 28.05 27.40 1.17
N SER A 378 29.08 27.64 1.97
CA SER A 378 29.30 28.93 2.58
C SER A 378 30.77 29.31 2.42
N ALA A 379 31.06 30.60 2.43
CA ALA A 379 32.44 31.06 2.30
C ALA A 379 33.34 30.36 3.29
N GLY A 380 34.37 29.70 2.79
CA GLY A 380 35.37 29.10 3.65
C GLY A 380 35.14 27.65 4.00
N THR A 381 34.01 27.09 3.57
CA THR A 381 33.69 25.70 3.87
C THR A 381 34.21 24.79 2.76
N LYS A 382 34.07 23.48 2.96
CA LYS A 382 34.56 22.50 1.99
C LYS A 382 33.42 22.03 1.10
N LEU A 383 33.35 22.55 -0.12
CA LEU A 383 32.32 22.12 -1.07
C LEU A 383 32.52 20.66 -1.41
N VAL A 384 31.45 19.88 -1.35
CA VAL A 384 31.53 18.48 -1.69
C VAL A 384 30.33 18.03 -2.49
N GLY A 385 30.49 16.90 -3.15
CA GLY A 385 29.41 16.26 -3.88
C GLY A 385 28.59 15.40 -2.95
N CYS A 386 27.45 14.94 -3.45
CA CYS A 386 26.53 14.12 -2.69
C CYS A 386 27.23 12.87 -2.14
N LYS A 387 27.88 12.12 -3.01
CA LYS A 387 28.59 10.91 -2.60
C LYS A 387 29.53 11.19 -1.42
N GLU A 388 30.43 12.16 -1.60
CA GLU A 388 31.41 12.48 -0.57
C GLU A 388 30.76 12.88 0.76
N MET A 389 29.69 13.66 0.70
CA MET A 389 28.96 14.03 1.91
C MET A 389 28.41 12.77 2.59
N GLY A 390 27.91 11.83 1.80
CA GLY A 390 27.45 10.57 2.34
C GLY A 390 28.60 9.90 3.07
N GLU A 391 29.73 9.82 2.40
CA GLU A 391 30.92 9.19 2.99
C GLU A 391 31.34 9.82 4.31
N GLU A 392 31.27 11.15 4.39
CA GLU A 392 31.67 11.83 5.62
C GLU A 392 30.75 11.50 6.79
N VAL A 393 29.46 11.36 6.49
CA VAL A 393 28.48 11.01 7.51
C VAL A 393 28.67 9.55 7.94
N LEU A 394 28.85 8.66 6.97
CA LEU A 394 29.14 7.27 7.26
C LEU A 394 30.39 7.14 8.12
N LYS A 395 31.43 7.90 7.75
CA LYS A 395 32.68 7.89 8.47
C LYS A 395 32.48 8.23 9.95
N SER A 396 31.63 9.21 10.25
CA SER A 396 31.39 9.56 11.65
C SER A 396 30.66 8.45 12.40
N VAL A 397 29.63 7.89 11.78
CA VAL A 397 28.91 6.77 12.39
C VAL A 397 29.86 5.63 12.74
N ASP A 398 31.02 5.61 12.09
CA ASP A 398 32.01 4.55 12.26
C ASP A 398 31.46 3.22 11.72
N LYS B 41 -12.64 73.03 -4.31
CA LYS B 41 -12.99 71.60 -4.24
C LYS B 41 -13.16 71.11 -2.81
N ARG B 42 -14.40 70.77 -2.44
CA ARG B 42 -14.75 70.43 -1.07
C ARG B 42 -15.25 69.00 -0.94
N TYR B 43 -14.63 68.24 -0.04
CA TYR B 43 -15.04 66.87 0.19
C TYR B 43 -15.72 66.72 1.53
N THR B 44 -16.60 65.73 1.64
CA THR B 44 -17.19 65.36 2.92
C THR B 44 -16.53 64.06 3.38
N ILE B 45 -16.11 64.04 4.64
CA ILE B 45 -15.43 62.89 5.20
C ILE B 45 -16.12 62.50 6.48
N THR B 46 -16.43 61.21 6.62
CA THR B 46 -16.96 60.68 7.86
C THR B 46 -15.79 60.19 8.71
N LEU B 47 -15.73 60.64 9.97
CA LEU B 47 -14.72 60.19 10.91
C LEU B 47 -15.38 59.25 11.91
N LEU B 48 -14.81 58.06 12.03
CA LEU B 48 -15.24 57.08 13.02
C LEU B 48 -14.11 56.89 14.03
N PRO B 49 -14.04 57.77 15.04
CA PRO B 49 -13.00 57.71 16.07
C PRO B 49 -12.90 56.33 16.71
N GLY B 50 -14.03 55.73 17.06
CA GLY B 50 -14.01 54.41 17.67
C GLY B 50 -13.48 54.37 19.10
N ASP B 51 -12.65 53.37 19.40
CA ASP B 51 -12.31 53.05 20.78
C ASP B 51 -10.82 53.16 21.10
N GLY B 52 -10.50 53.15 22.39
CA GLY B 52 -9.13 53.23 22.84
C GLY B 52 -8.38 54.43 22.28
N ILE B 53 -7.31 54.15 21.54
CA ILE B 53 -6.47 55.21 20.99
C ILE B 53 -7.07 55.79 19.72
N GLY B 54 -8.13 55.17 19.22
CA GLY B 54 -8.82 55.63 18.02
C GLY B 54 -8.99 57.14 17.93
N PRO B 55 -9.74 57.73 18.88
CA PRO B 55 -10.02 59.16 18.88
C PRO B 55 -8.74 59.99 18.86
N GLU B 56 -7.77 59.62 19.69
CA GLU B 56 -6.50 60.32 19.74
C GLU B 56 -5.88 60.40 18.34
N VAL B 57 -5.74 59.26 17.68
CA VAL B 57 -5.01 59.21 16.42
C VAL B 57 -5.81 59.75 15.23
N VAL B 58 -7.11 59.51 15.22
CA VAL B 58 -7.93 60.11 14.18
C VAL B 58 -7.93 61.65 14.29
N SER B 59 -7.93 62.18 15.51
CA SER B 59 -7.94 63.63 15.69
C SER B 59 -6.72 64.27 15.03
N ILE B 60 -5.55 63.67 15.26
CA ILE B 60 -4.32 64.13 14.63
C ILE B 60 -4.32 63.96 13.11
N ALA B 61 -4.81 62.83 12.61
CA ALA B 61 -4.85 62.60 11.17
C ALA B 61 -5.81 63.58 10.49
N LYS B 62 -6.91 63.88 11.16
CA LYS B 62 -7.86 64.86 10.68
C LYS B 62 -7.14 66.17 10.36
N ASN B 63 -6.41 66.70 11.34
CA ASN B 63 -5.71 67.95 11.17
C ASN B 63 -4.61 67.86 10.10
N VAL B 64 -3.90 66.74 10.07
CA VAL B 64 -2.87 66.55 9.06
C VAL B 64 -3.49 66.54 7.67
N LEU B 65 -4.62 65.86 7.57
CA LEU B 65 -5.39 65.77 6.34
C LEU B 65 -5.85 67.17 5.91
N GLN B 66 -6.30 67.95 6.88
CA GLN B 66 -6.78 69.31 6.64
C GLN B 66 -5.70 70.23 6.10
N GLN B 67 -4.51 70.19 6.71
CA GLN B 67 -3.40 71.03 6.28
C GLN B 67 -2.87 70.61 4.91
N ALA B 68 -2.66 69.31 4.71
CA ALA B 68 -2.14 68.83 3.44
C ALA B 68 -3.08 69.20 2.31
N GLY B 69 -4.38 69.00 2.53
CA GLY B 69 -5.39 69.38 1.56
C GLY B 69 -5.42 70.88 1.29
N SER B 70 -5.37 71.67 2.36
CA SER B 70 -5.37 73.12 2.22
C SER B 70 -4.23 73.57 1.32
N LEU B 71 -3.07 72.96 1.48
CA LEU B 71 -1.94 73.30 0.62
C LEU B 71 -2.25 73.00 -0.84
N GLU B 72 -3.18 72.08 -1.10
CA GLU B 72 -3.54 71.73 -2.47
C GLU B 72 -4.89 72.30 -2.94
N GLY B 73 -5.37 73.31 -2.22
CA GLY B 73 -6.63 73.94 -2.56
C GLY B 73 -7.81 73.01 -2.36
N VAL B 74 -7.74 72.17 -1.34
CA VAL B 74 -8.80 71.22 -1.03
C VAL B 74 -9.31 71.39 0.41
N GLU B 75 -10.61 71.62 0.56
CA GLU B 75 -11.22 71.70 1.89
C GLU B 75 -12.12 70.50 2.19
N PHE B 76 -12.40 70.28 3.47
CA PHE B 76 -13.22 69.15 3.88
C PHE B 76 -14.29 69.56 4.88
N ASN B 77 -15.42 68.88 4.85
CA ASN B 77 -16.41 68.91 5.93
C ASN B 77 -16.32 67.59 6.67
N PHE B 78 -15.95 67.64 7.95
CA PHE B 78 -15.82 66.43 8.75
C PHE B 78 -17.04 66.21 9.63
N ARG B 79 -17.46 64.96 9.75
CA ARG B 79 -18.53 64.60 10.67
C ARG B 79 -18.18 63.29 11.42
N GLU B 80 -18.14 63.35 12.75
CA GLU B 80 -17.79 62.17 13.55
C GLU B 80 -19.04 61.36 13.85
N MET B 81 -18.97 60.05 13.66
CA MET B 81 -20.10 59.19 14.00
C MET B 81 -19.66 58.01 14.87
N PRO B 82 -20.58 57.49 15.68
CA PRO B 82 -20.25 56.39 16.59
C PRO B 82 -20.13 55.05 15.90
N ILE B 83 -19.14 54.26 16.33
CA ILE B 83 -19.00 52.86 15.93
C ILE B 83 -18.33 52.09 17.08
N GLY B 84 -18.45 50.77 17.08
CA GLY B 84 -17.76 49.93 18.05
C GLY B 84 -18.21 50.15 19.49
N GLY B 85 -17.27 50.02 20.42
CA GLY B 85 -17.57 50.22 21.84
C GLY B 85 -18.29 51.53 22.10
N ALA B 86 -17.83 52.58 21.44
CA ALA B 86 -18.40 53.90 21.63
C ALA B 86 -19.86 53.90 21.20
N ALA B 87 -20.16 53.19 20.11
CA ALA B 87 -21.53 53.12 19.62
C ALA B 87 -22.39 52.29 20.56
N LEU B 88 -21.81 51.23 21.13
CA LEU B 88 -22.51 50.40 22.09
C LEU B 88 -22.95 51.19 23.32
N ASP B 89 -22.04 51.96 23.91
CA ASP B 89 -22.34 52.74 25.10
C ASP B 89 -23.38 53.81 24.82
N LEU B 90 -23.30 54.39 23.63
CA LEU B 90 -24.13 55.54 23.29
C LEU B 90 -25.50 55.13 22.75
N VAL B 91 -25.51 54.20 21.79
CA VAL B 91 -26.74 53.84 21.09
C VAL B 91 -27.26 52.43 21.40
N GLY B 92 -26.39 51.54 21.85
CA GLY B 92 -26.81 50.18 22.18
C GLY B 92 -26.38 49.08 21.20
N VAL B 93 -25.84 49.47 20.05
CA VAL B 93 -25.38 48.50 19.05
C VAL B 93 -24.02 48.93 18.50
N PRO B 94 -23.31 48.02 17.85
CA PRO B 94 -21.95 48.37 17.38
C PRO B 94 -21.95 49.30 16.16
N LEU B 95 -23.04 49.31 15.38
CA LEU B 95 -23.13 50.17 14.21
C LEU B 95 -24.58 50.65 13.96
N PRO B 96 -24.94 51.84 14.47
CA PRO B 96 -26.25 52.48 14.29
C PRO B 96 -26.49 52.81 12.82
N GLU B 97 -27.74 52.75 12.39
CA GLU B 97 -28.08 53.04 11.01
C GLU B 97 -27.60 54.43 10.58
N GLU B 98 -27.65 55.39 11.48
CA GLU B 98 -27.24 56.76 11.14
C GLU B 98 -25.78 56.79 10.70
N THR B 99 -24.97 55.94 11.32
CA THR B 99 -23.55 55.90 10.97
C THR B 99 -23.37 55.35 9.55
N ILE B 100 -24.15 54.35 9.20
CA ILE B 100 -24.12 53.78 7.86
C ILE B 100 -24.54 54.84 6.84
N SER B 101 -25.64 55.54 7.14
CA SER B 101 -26.10 56.61 6.28
C SER B 101 -25.01 57.65 6.04
N ALA B 102 -24.45 58.16 7.12
CA ALA B 102 -23.46 59.22 6.99
C ALA B 102 -22.29 58.72 6.14
N ALA B 103 -21.85 57.51 6.42
CA ALA B 103 -20.71 56.95 5.71
C ALA B 103 -21.01 56.85 4.22
N LYS B 104 -22.18 56.34 3.89
CA LYS B 104 -22.58 56.16 2.48
C LYS B 104 -22.70 57.47 1.73
N GLU B 105 -23.09 58.53 2.42
CA GLU B 105 -23.32 59.82 1.76
C GLU B 105 -22.04 60.64 1.64
N SER B 106 -20.98 60.22 2.33
CA SER B 106 -19.73 60.95 2.34
C SER B 106 -18.84 60.53 1.18
N ASP B 107 -17.70 61.21 1.04
CA ASP B 107 -16.74 60.92 -0.02
C ASP B 107 -15.71 59.90 0.42
N ALA B 108 -15.51 59.79 1.72
CA ALA B 108 -14.56 58.82 2.28
C ALA B 108 -14.73 58.74 3.77
N VAL B 109 -14.31 57.61 4.32
CA VAL B 109 -14.47 57.32 5.73
C VAL B 109 -13.11 57.02 6.37
N LEU B 110 -12.76 57.75 7.43
CA LEU B 110 -11.52 57.49 8.15
C LEU B 110 -11.84 56.89 9.53
N LEU B 111 -11.41 55.66 9.75
CA LEU B 111 -11.73 54.95 10.96
C LEU B 111 -10.51 54.83 11.85
N GLY B 112 -10.69 55.00 13.17
CA GLY B 112 -9.60 54.88 14.11
C GLY B 112 -9.33 53.43 14.51
N ALA B 113 -10.03 52.97 15.55
CA ALA B 113 -9.88 51.61 16.05
C ALA B 113 -11.17 51.14 16.71
N ILE B 114 -11.29 49.82 16.84
CA ILE B 114 -12.48 49.22 17.39
C ILE B 114 -12.08 48.19 18.42
N GLY B 115 -12.75 48.21 19.59
CA GLY B 115 -12.55 47.18 20.61
C GLY B 115 -12.05 47.68 21.96
N GLY B 116 -12.37 46.93 23.01
CA GLY B 116 -11.99 47.29 24.37
C GLY B 116 -12.42 46.23 25.37
N TYR B 117 -11.75 46.22 26.53
CA TYR B 117 -11.98 45.22 27.57
C TYR B 117 -13.45 45.12 27.95
N LYS B 118 -14.12 46.26 28.04
CA LYS B 118 -15.49 46.34 28.53
C LYS B 118 -16.49 45.49 27.74
N TRP B 119 -16.25 45.39 26.44
CA TRP B 119 -17.23 44.78 25.53
C TRP B 119 -16.84 43.37 25.11
N ASP B 120 -15.67 42.91 25.57
CA ASP B 120 -15.17 41.58 25.20
C ASP B 120 -16.12 40.46 25.65
N ASN B 121 -16.91 40.72 26.69
CA ASN B 121 -17.84 39.71 27.20
C ASN B 121 -19.24 39.80 26.60
N ASN B 122 -19.41 40.68 25.61
CA ASN B 122 -20.69 40.82 24.95
C ASN B 122 -21.01 39.64 24.05
N GLU B 123 -22.29 39.42 23.78
CA GLU B 123 -22.69 38.43 22.80
C GLU B 123 -22.12 38.81 21.44
N LYS B 124 -21.82 37.81 20.61
CA LYS B 124 -21.13 38.03 19.34
C LYS B 124 -21.70 39.18 18.51
N HIS B 125 -23.01 39.19 18.30
CA HIS B 125 -23.61 40.21 17.45
C HIS B 125 -23.47 41.61 18.05
N LEU B 126 -23.15 41.70 19.34
CA LEU B 126 -23.01 43.01 19.97
C LEU B 126 -21.56 43.32 20.37
N ARG B 127 -20.61 42.63 19.74
CA ARG B 127 -19.22 42.97 19.96
C ARG B 127 -18.85 44.13 19.03
N PRO B 128 -17.90 44.96 19.45
CA PRO B 128 -17.50 46.10 18.61
C PRO B 128 -17.11 45.66 17.21
N GLU B 129 -16.39 44.55 17.12
CA GLU B 129 -15.90 44.03 15.85
CA GLU B 129 -15.89 44.03 15.84
C GLU B 129 -17.02 43.80 14.84
N LYS B 130 -18.20 43.43 15.34
CA LYS B 130 -19.34 43.22 14.48
C LYS B 130 -19.62 44.49 13.69
N GLY B 131 -19.29 45.62 14.28
CA GLY B 131 -19.59 46.89 13.66
C GLY B 131 -18.68 47.11 12.46
N LEU B 132 -17.43 46.69 12.60
CA LEU B 132 -16.50 46.75 11.48
C LEU B 132 -17.03 45.90 10.33
N LEU B 133 -17.38 44.65 10.62
CA LEU B 133 -17.86 43.74 9.59
C LEU B 133 -19.08 44.33 8.91
N GLN B 134 -19.98 44.87 9.72
CA GLN B 134 -21.23 45.44 9.20
C GLN B 134 -20.97 46.65 8.31
N ILE B 135 -20.06 47.52 8.73
CA ILE B 135 -19.86 48.72 7.92
C ILE B 135 -19.17 48.38 6.60
N ARG B 136 -18.23 47.42 6.62
CA ARG B 136 -17.63 46.93 5.37
C ARG B 136 -18.70 46.40 4.40
N ALA B 137 -19.65 45.63 4.91
CA ALA B 137 -20.73 45.07 4.10
C ALA B 137 -21.61 46.19 3.53
N ALA B 138 -21.98 47.12 4.40
CA ALA B 138 -22.83 48.24 4.02
C ALA B 138 -22.20 49.09 2.90
N LEU B 139 -20.89 49.30 2.98
CA LEU B 139 -20.20 50.14 2.01
C LEU B 139 -19.75 49.32 0.81
N LYS B 140 -19.95 48.00 0.87
CA LYS B 140 -19.53 47.13 -0.23
C LYS B 140 -18.04 47.32 -0.58
N VAL B 141 -17.20 47.49 0.44
CA VAL B 141 -15.77 47.60 0.21
C VAL B 141 -15.13 46.21 0.17
N PHE B 142 -15.32 45.51 -0.96
CA PHE B 142 -14.80 44.16 -1.20
C PHE B 142 -13.27 44.06 -1.36
N ALA B 143 -12.57 45.20 -1.39
CA ALA B 143 -11.13 45.18 -1.66
C ALA B 143 -10.32 45.80 -0.51
N ASN B 144 -9.51 44.98 0.15
CA ASN B 144 -8.67 45.48 1.24
C ASN B 144 -7.23 45.62 0.73
N LEU B 145 -6.75 46.87 0.70
CA LEU B 145 -5.39 47.20 0.30
C LEU B 145 -4.53 47.47 1.52
N ARG B 146 -3.48 46.66 1.68
CA ARG B 146 -2.53 46.84 2.77
C ARG B 146 -1.11 46.87 2.25
N PRO B 147 -0.54 48.07 2.20
CA PRO B 147 0.85 48.21 1.77
C PRO B 147 1.80 47.85 2.89
N ALA B 148 2.71 46.92 2.64
CA ALA B 148 3.76 46.60 3.58
C ALA B 148 5.04 47.17 3.02
N THR B 149 5.49 48.28 3.60
CA THR B 149 6.76 48.86 3.17
C THR B 149 7.68 49.00 4.38
N VAL B 150 8.96 48.73 4.15
CA VAL B 150 9.96 48.99 5.16
C VAL B 150 10.56 50.39 4.95
N LEU B 151 10.32 51.29 5.89
CA LEU B 151 10.87 52.64 5.82
C LEU B 151 12.37 52.63 6.16
N PRO B 152 13.18 53.31 5.35
CA PRO B 152 14.64 53.40 5.54
C PRO B 152 15.06 53.64 7.00
N GLN B 153 14.29 54.46 7.71
CA GLN B 153 14.62 54.82 9.09
C GLN B 153 14.31 53.69 10.08
N LEU B 154 13.49 52.73 9.66
CA LEU B 154 12.99 51.71 10.58
C LEU B 154 13.37 50.28 10.16
N VAL B 155 14.41 50.17 9.33
CA VAL B 155 14.84 48.86 8.81
C VAL B 155 15.19 47.87 9.93
N ASP B 156 15.86 48.35 10.97
CA ASP B 156 16.34 47.47 12.05
C ASP B 156 15.22 46.94 12.93
N ALA B 157 14.01 47.48 12.80
CA ALA B 157 12.89 46.94 13.55
C ALA B 157 12.46 45.57 13.02
N SER B 158 12.86 45.24 11.80
CA SER B 158 12.52 43.94 11.20
C SER B 158 13.45 42.83 11.72
N THR B 159 12.90 41.64 11.90
CA THR B 159 13.72 40.49 12.30
C THR B 159 14.46 39.91 11.10
N LEU B 160 14.13 40.38 9.89
CA LEU B 160 14.90 40.00 8.72
C LEU B 160 16.18 40.82 8.63
N LYS B 161 17.24 40.20 8.11
CA LYS B 161 18.49 40.94 7.90
C LYS B 161 18.25 42.17 7.03
N ARG B 162 19.07 43.19 7.24
CA ARG B 162 18.94 44.49 6.60
C ARG B 162 18.84 44.44 5.08
N GLU B 163 19.71 43.64 4.47
CA GLU B 163 19.77 43.60 3.00
C GLU B 163 18.55 42.89 2.42
N VAL B 164 17.82 42.20 3.27
CA VAL B 164 16.62 41.52 2.84
C VAL B 164 15.41 42.40 3.07
N ALA B 165 15.39 43.11 4.19
CA ALA B 165 14.25 43.94 4.58
C ALA B 165 14.24 45.30 3.89
N GLU B 166 15.41 45.86 3.66
CA GLU B 166 15.53 47.19 3.08
C GLU B 166 14.87 47.23 1.70
N GLY B 167 14.04 48.24 1.45
CA GLY B 167 13.39 48.37 0.16
C GLY B 167 12.19 47.46 -0.11
N VAL B 168 11.79 46.67 0.88
CA VAL B 168 10.51 45.95 0.79
C VAL B 168 9.37 46.93 0.60
N ASP B 169 8.51 46.66 -0.38
CA ASP B 169 7.46 47.61 -0.75
C ASP B 169 6.42 46.89 -1.58
N LEU B 170 5.45 46.30 -0.91
CA LEU B 170 4.49 45.45 -1.59
C LEU B 170 3.09 45.86 -1.16
N MET B 171 2.09 45.45 -1.93
CA MET B 171 0.70 45.77 -1.60
C MET B 171 -0.10 44.49 -1.62
N VAL B 172 -0.70 44.10 -0.49
CA VAL B 172 -1.61 42.96 -0.54
C VAL B 172 -3.05 43.43 -0.77
N VAL B 173 -3.60 43.04 -1.92
CA VAL B 173 -4.99 43.31 -2.22
C VAL B 173 -5.79 42.04 -1.92
N ARG B 174 -6.56 42.09 -0.85
CA ARG B 174 -7.26 40.93 -0.31
C ARG B 174 -8.78 41.06 -0.47
N GLU B 175 -9.41 40.05 -1.06
CA GLU B 175 -10.86 40.03 -1.15
C GLU B 175 -11.43 40.07 0.27
N LEU B 176 -12.35 40.99 0.53
CA LEU B 176 -12.67 41.35 1.92
C LEU B 176 -14.05 40.91 2.43
N THR B 177 -15.00 40.69 1.52
CA THR B 177 -16.38 40.49 1.95
C THR B 177 -17.02 39.16 1.53
N GLY B 178 -16.23 38.30 0.89
CA GLY B 178 -16.69 36.96 0.53
C GLY B 178 -15.71 35.87 0.95
N GLY B 179 -15.72 34.75 0.23
CA GLY B 179 -14.85 33.64 0.53
C GLY B 179 -15.30 32.86 1.76
N ILE B 180 -14.41 31.99 2.24
CA ILE B 180 -14.78 31.06 3.30
C ILE B 180 -15.28 31.74 4.60
N TYR B 181 -14.89 33.00 4.85
CA TYR B 181 -15.32 33.70 6.07
C TYR B 181 -16.80 34.02 6.07
N PHE B 182 -17.41 34.05 4.88
CA PHE B 182 -18.83 34.30 4.76
C PHE B 182 -19.55 33.21 3.98
N GLY B 183 -18.86 32.11 3.70
CA GLY B 183 -19.41 31.07 2.84
C GLY B 183 -20.50 30.21 3.46
N GLU B 184 -21.47 29.81 2.64
CA GLU B 184 -22.54 28.89 3.01
C GLU B 184 -22.49 27.64 2.12
N PRO B 185 -22.84 26.47 2.67
CA PRO B 185 -23.29 26.27 4.06
C PRO B 185 -22.14 26.27 5.05
N ARG B 186 -22.47 26.44 6.33
CA ARG B 186 -21.49 26.42 7.41
C ARG B 186 -22.19 25.98 8.69
N GLY B 187 -21.42 25.48 9.65
CA GLY B 187 -22.00 25.06 10.92
C GLY B 187 -21.24 23.93 11.62
N ILE B 188 -21.74 23.58 12.80
CA ILE B 188 -21.32 22.35 13.46
C ILE B 188 -22.56 21.49 13.63
N LYS B 189 -22.59 20.35 12.94
CA LYS B 189 -23.75 19.48 12.99
C LYS B 189 -23.38 18.20 13.71
N THR B 190 -24.41 17.46 14.13
CA THR B 190 -24.22 16.15 14.74
C THR B 190 -24.76 15.11 13.78
N ASN B 191 -23.90 14.20 13.34
CA ASN B 191 -24.31 13.16 12.41
C ASN B 191 -24.96 11.97 13.13
N GLU B 192 -25.38 10.96 12.38
CA GLU B 192 -26.15 9.85 12.94
C GLU B 192 -25.50 9.20 14.17
N ASN B 193 -24.17 9.26 14.23
CA ASN B 193 -23.42 8.58 15.28
C ASN B 193 -23.37 9.33 16.61
N GLY B 194 -23.83 10.57 16.59
CA GLY B 194 -23.72 11.44 17.76
C GLY B 194 -22.40 12.19 17.72
N GLU B 195 -21.65 12.01 16.64
CA GLU B 195 -20.37 12.67 16.49
C GLU B 195 -20.52 14.04 15.83
N GLU B 196 -19.82 15.04 16.33
CA GLU B 196 -19.92 16.37 15.72
C GLU B 196 -19.05 16.53 14.47
N VAL B 197 -19.59 17.24 13.49
CA VAL B 197 -18.85 17.56 12.28
C VAL B 197 -18.89 19.07 12.03
N GLY B 198 -17.73 19.67 11.83
CA GLY B 198 -17.62 21.10 11.64
C GLY B 198 -17.21 21.42 10.22
N PHE B 199 -17.92 22.35 9.58
CA PHE B 199 -17.69 22.65 8.18
C PHE B 199 -17.85 24.13 7.80
N ASN B 200 -17.13 24.51 6.75
CA ASN B 200 -17.22 25.83 6.18
C ASN B 200 -16.99 25.71 4.70
N THR B 201 -17.50 26.67 3.95
CA THR B 201 -17.45 26.61 2.49
C THR B 201 -16.65 27.75 1.92
N GLU B 202 -15.51 27.42 1.34
CA GLU B 202 -14.77 28.37 0.53
C GLU B 202 -15.48 28.43 -0.81
N VAL B 203 -16.07 29.58 -1.13
CA VAL B 203 -16.79 29.72 -2.39
C VAL B 203 -16.71 31.13 -3.00
N TYR B 204 -16.40 31.19 -4.29
CA TYR B 204 -16.49 32.45 -5.04
C TYR B 204 -17.25 32.26 -6.33
N ALA B 205 -18.11 33.23 -6.64
CA ALA B 205 -18.69 33.34 -7.98
C ALA B 205 -17.72 34.12 -8.87
N ALA B 206 -17.83 33.88 -10.18
CA ALA B 206 -16.93 34.52 -11.15
C ALA B 206 -16.89 36.05 -11.00
N HIS B 207 -18.05 36.66 -10.78
CA HIS B 207 -18.09 38.12 -10.72
C HIS B 207 -17.37 38.67 -9.48
N GLU B 208 -17.35 37.87 -8.41
CA GLU B 208 -16.65 38.25 -7.19
C GLU B 208 -15.13 38.25 -7.38
N ILE B 209 -14.65 37.29 -8.16
CA ILE B 209 -13.24 37.21 -8.49
C ILE B 209 -12.84 38.31 -9.49
N ASP B 210 -13.72 38.61 -10.44
CA ASP B 210 -13.42 39.62 -11.45
C ASP B 210 -13.17 40.96 -10.78
N ARG B 211 -14.07 41.35 -9.88
CA ARG B 211 -13.99 42.71 -9.34
C ARG B 211 -12.78 42.94 -8.42
N ILE B 212 -12.44 41.97 -7.58
CA ILE B 212 -11.23 42.12 -6.74
C ILE B 212 -9.98 42.13 -7.64
N ALA B 213 -9.99 41.33 -8.70
CA ALA B 213 -8.83 41.32 -9.60
C ALA B 213 -8.69 42.67 -10.33
N ARG B 214 -9.81 43.22 -10.81
CA ARG B 214 -9.75 44.50 -11.50
C ARG B 214 -9.15 45.57 -10.58
N VAL B 215 -9.58 45.60 -9.33
CA VAL B 215 -9.03 46.56 -8.39
C VAL B 215 -7.51 46.37 -8.26
N ALA B 216 -7.09 45.11 -8.31
CA ALA B 216 -5.68 44.76 -8.12
C ALA B 216 -4.87 45.21 -9.32
N PHE B 217 -5.37 44.93 -10.52
CA PHE B 217 -4.76 45.42 -11.75
C PHE B 217 -4.67 46.95 -11.73
N GLU B 218 -5.77 47.61 -11.39
CA GLU B 218 -5.76 49.07 -11.27
C GLU B 218 -4.75 49.52 -10.22
N THR B 219 -4.58 48.73 -9.18
CA THR B 219 -3.69 49.14 -8.10
C THR B 219 -2.24 49.03 -8.54
N ALA B 220 -1.93 47.98 -9.30
CA ALA B 220 -0.57 47.78 -9.78
C ALA B 220 -0.17 48.91 -10.74
N ARG B 221 -1.15 49.45 -11.47
CA ARG B 221 -0.87 50.58 -12.38
C ARG B 221 -0.44 51.80 -11.60
N LYS B 222 -0.85 51.88 -10.34
CA LYS B 222 -0.52 53.03 -9.51
C LYS B 222 0.80 52.80 -8.77
N ARG B 223 1.46 51.68 -9.08
CA ARG B 223 2.67 51.31 -8.39
C ARG B 223 3.80 50.99 -9.38
N ARG B 224 4.12 49.71 -9.54
CA ARG B 224 5.22 49.33 -10.44
C ARG B 224 4.78 48.37 -11.55
N GLY B 225 3.47 48.20 -11.70
CA GLY B 225 2.94 47.42 -12.80
C GLY B 225 3.17 45.92 -12.74
N LYS B 226 3.35 45.37 -11.55
CA LYS B 226 3.57 43.93 -11.38
C LYS B 226 2.53 43.38 -10.44
N LEU B 227 1.80 42.36 -10.90
CA LEU B 227 0.73 41.77 -10.10
C LEU B 227 0.94 40.27 -9.99
N CYS B 228 0.93 39.77 -8.76
CA CYS B 228 1.06 38.34 -8.51
C CYS B 228 -0.22 37.80 -7.88
N SER B 229 -0.91 36.93 -8.59
CA SER B 229 -2.15 36.37 -8.07
C SER B 229 -1.86 35.08 -7.29
N VAL B 230 -2.35 35.03 -6.05
CA VAL B 230 -1.98 33.94 -5.14
C VAL B 230 -3.18 33.06 -4.83
N ASP B 231 -3.04 31.75 -5.06
CA ASP B 231 -4.16 30.83 -4.89
C ASP B 231 -3.65 29.47 -4.50
N LYS B 232 -4.52 28.47 -4.62
CA LYS B 232 -4.14 27.07 -4.38
C LYS B 232 -4.73 26.22 -5.51
N ALA B 233 -4.59 26.72 -6.74
CA ALA B 233 -5.12 26.09 -7.93
C ALA B 233 -4.64 24.64 -8.15
N ASN B 234 -3.51 24.25 -7.57
CA ASN B 234 -3.09 22.85 -7.72
C ASN B 234 -3.93 21.86 -6.91
N VAL B 235 -4.82 22.36 -6.07
CA VAL B 235 -5.67 21.47 -5.27
C VAL B 235 -7.14 21.87 -5.25
N LEU B 236 -7.43 23.17 -5.10
CA LEU B 236 -8.81 23.60 -4.86
C LEU B 236 -9.50 24.13 -6.10
N GLU B 237 -10.67 23.57 -6.38
CA GLU B 237 -11.54 24.02 -7.48
C GLU B 237 -11.84 25.51 -7.41
N ALA B 238 -12.04 26.04 -6.20
CA ALA B 238 -12.28 27.47 -6.01
C ALA B 238 -11.08 28.27 -6.50
N SER B 239 -9.88 27.76 -6.23
CA SER B 239 -8.66 28.43 -6.68
C SER B 239 -8.45 28.23 -8.17
N ILE B 240 -8.97 27.13 -8.71
CA ILE B 240 -8.89 26.91 -10.15
C ILE B 240 -9.71 27.95 -10.88
N LEU B 241 -10.93 28.20 -10.39
CA LEU B 241 -11.77 29.26 -10.95
C LEU B 241 -11.11 30.62 -10.75
N TRP B 242 -10.57 30.85 -9.55
CA TRP B 242 -9.87 32.09 -9.27
C TRP B 242 -8.82 32.36 -10.36
N ARG B 243 -7.95 31.38 -10.57
CA ARG B 243 -6.86 31.52 -11.51
C ARG B 243 -7.36 31.69 -12.94
N LYS B 244 -8.50 31.06 -13.27
CA LYS B 244 -9.01 31.17 -14.64
C LYS B 244 -9.51 32.59 -14.91
N ARG B 245 -10.21 33.18 -13.95
CA ARG B 245 -10.76 34.51 -14.15
C ARG B 245 -9.64 35.56 -14.17
N VAL B 246 -8.68 35.44 -13.26
CA VAL B 246 -7.58 36.39 -13.23
C VAL B 246 -6.81 36.29 -14.55
N THR B 247 -6.53 35.06 -14.96
CA THR B 247 -5.84 34.81 -16.21
C THR B 247 -6.55 35.41 -17.43
N ALA B 248 -7.88 35.46 -17.40
CA ALA B 248 -8.63 35.98 -18.56
C ALA B 248 -8.64 37.50 -18.60
N LEU B 249 -8.53 38.13 -17.43
CA LEU B 249 -8.52 39.59 -17.35
C LEU B 249 -7.20 40.18 -17.81
N ALA B 250 -6.18 39.33 -17.94
CA ALA B 250 -4.83 39.80 -18.28
C ALA B 250 -4.82 40.63 -19.56
N SER B 251 -5.52 40.15 -20.59
CA SER B 251 -5.58 40.83 -21.87
C SER B 251 -6.17 42.23 -21.75
N GLU B 252 -7.02 42.43 -20.75
CA GLU B 252 -7.64 43.73 -20.55
C GLU B 252 -6.70 44.70 -19.83
N TYR B 253 -5.61 44.16 -19.27
CA TYR B 253 -4.57 45.00 -18.68
C TYR B 253 -3.20 44.57 -19.18
N PRO B 254 -2.95 44.76 -20.48
CA PRO B 254 -1.75 44.21 -21.15
C PRO B 254 -0.48 44.85 -20.64
N ASP B 255 -0.61 46.06 -20.08
CA ASP B 255 0.52 46.80 -19.53
C ASP B 255 1.03 46.23 -18.22
N VAL B 256 0.19 45.46 -17.52
CA VAL B 256 0.58 44.88 -16.24
C VAL B 256 1.19 43.50 -16.39
N GLU B 257 2.31 43.27 -15.72
CA GLU B 257 2.94 41.95 -15.70
C GLU B 257 2.25 41.07 -14.67
N LEU B 258 1.48 40.09 -15.16
CA LEU B 258 0.77 39.16 -14.29
C LEU B 258 1.55 37.86 -14.10
N SER B 259 1.64 37.42 -12.84
CA SER B 259 2.17 36.09 -12.54
C SER B 259 1.23 35.41 -11.52
N HIS B 260 1.41 34.11 -11.36
CA HIS B 260 0.59 33.34 -10.42
C HIS B 260 1.49 32.63 -9.44
N MET B 261 1.01 32.46 -8.20
CA MET B 261 1.82 31.79 -7.19
C MET B 261 0.93 31.06 -6.18
N TYR B 262 1.36 29.87 -5.78
CA TYR B 262 0.61 29.10 -4.79
C TYR B 262 0.79 29.71 -3.40
N VAL B 263 -0.26 29.68 -2.59
CA VAL B 263 -0.25 30.35 -1.30
C VAL B 263 0.90 29.85 -0.41
N ASP B 264 1.16 28.54 -0.43
CA ASP B 264 2.25 28.00 0.39
C ASP B 264 3.61 28.53 -0.07
N ASN B 265 3.83 28.60 -1.39
CA ASN B 265 5.09 29.17 -1.88
CA ASN B 265 5.09 29.17 -1.87
C ASN B 265 5.21 30.67 -1.57
N ALA B 266 4.06 31.37 -1.57
CA ALA B 266 4.08 32.80 -1.26
C ALA B 266 4.52 33.06 0.19
N ALA B 267 4.08 32.20 1.10
CA ALA B 267 4.49 32.28 2.50
C ALA B 267 5.98 32.11 2.65
N MET B 268 6.58 31.31 1.78
CA MET B 268 8.04 31.15 1.80
C MET B 268 8.71 32.35 1.14
N GLN B 269 8.13 32.82 0.04
CA GLN B 269 8.74 33.91 -0.73
C GLN B 269 8.77 35.23 0.04
N LEU B 270 7.75 35.45 0.87
CA LEU B 270 7.72 36.63 1.73
C LEU B 270 8.89 36.64 2.71
N VAL B 271 9.33 35.45 3.11
CA VAL B 271 10.48 35.31 4.02
C VAL B 271 11.81 35.33 3.28
N ARG B 272 11.84 34.78 2.08
CA ARG B 272 13.10 34.60 1.38
C ARG B 272 13.50 35.88 0.63
N ASP B 273 12.53 36.51 -0.01
CA ASP B 273 12.81 37.64 -0.90
C ASP B 273 11.55 38.51 -1.08
N PRO B 274 11.11 39.19 0.00
CA PRO B 274 9.86 39.96 -0.08
C PRO B 274 9.96 41.13 -1.07
N LYS B 275 11.17 41.52 -1.45
CA LYS B 275 11.36 42.63 -2.38
C LYS B 275 10.89 42.28 -3.78
N GLN B 276 10.73 40.99 -4.07
CA GLN B 276 10.27 40.59 -5.39
C GLN B 276 8.85 41.08 -5.67
N PHE B 277 8.07 41.35 -4.62
CA PHE B 277 6.65 41.65 -4.80
C PHE B 277 6.34 43.14 -5.03
N ASP B 278 5.41 43.40 -5.94
CA ASP B 278 4.82 44.73 -6.03
C ASP B 278 3.42 44.64 -5.49
N THR B 279 2.51 44.13 -6.31
CA THR B 279 1.13 43.95 -5.90
C THR B 279 0.78 42.47 -5.91
N ILE B 280 0.03 42.07 -4.89
CA ILE B 280 -0.45 40.72 -4.73
C ILE B 280 -1.96 40.80 -4.62
N VAL B 281 -2.66 39.93 -5.34
CA VAL B 281 -4.11 39.82 -5.15
C VAL B 281 -4.43 38.39 -4.76
N THR B 282 -5.34 38.23 -3.80
CA THR B 282 -5.65 36.90 -3.31
C THR B 282 -6.98 36.91 -2.57
N ASN B 283 -7.45 35.74 -2.14
CA ASN B 283 -8.78 35.67 -1.54
C ASN B 283 -8.78 36.13 -0.09
N ASN B 284 -9.92 35.99 0.57
CA ASN B 284 -10.06 36.55 1.92
C ASN B 284 -9.10 35.87 2.90
N ILE B 285 -9.18 34.55 3.00
CA ILE B 285 -8.38 33.84 4.01
C ILE B 285 -6.87 33.87 3.73
N PHE B 286 -6.44 33.65 2.49
CA PHE B 286 -5.00 33.71 2.18
C PHE B 286 -4.49 35.14 2.34
N GLY B 287 -5.32 36.12 1.96
CA GLY B 287 -4.95 37.51 2.07
C GLY B 287 -4.78 37.92 3.52
N ASP B 288 -5.67 37.43 4.37
CA ASP B 288 -5.57 37.67 5.80
C ASP B 288 -4.22 37.13 6.31
N ILE B 289 -3.92 35.87 6.01
CA ILE B 289 -2.66 35.27 6.45
C ILE B 289 -1.44 35.95 5.82
N LEU B 290 -1.43 36.11 4.50
CA LEU B 290 -0.19 36.59 3.88
C LEU B 290 0.09 38.05 4.26
N SER B 291 -0.97 38.84 4.40
CA SER B 291 -0.79 40.24 4.75
C SER B 291 -0.24 40.38 6.16
N ASP B 292 -0.78 39.61 7.10
CA ASP B 292 -0.24 39.66 8.46
C ASP B 292 1.23 39.28 8.45
N GLU B 293 1.57 38.25 7.69
CA GLU B 293 2.95 37.84 7.62
C GLU B 293 3.78 39.02 7.10
N ALA B 294 3.30 39.64 6.02
CA ALA B 294 4.04 40.74 5.40
C ALA B 294 4.17 41.88 6.38
N SER B 295 3.09 42.17 7.10
CA SER B 295 3.12 43.24 8.10
C SER B 295 4.22 42.99 9.13
N MET B 296 4.28 41.78 9.68
CA MET B 296 5.30 41.47 10.70
C MET B 296 6.73 41.55 10.14
N ILE B 297 6.89 41.13 8.89
CA ILE B 297 8.16 41.28 8.19
C ILE B 297 8.63 42.75 8.14
N THR B 298 7.71 43.70 8.04
CA THR B 298 8.15 45.09 7.99
C THR B 298 8.77 45.48 9.32
N GLY B 299 8.28 44.88 10.40
CA GLY B 299 8.86 45.11 11.72
C GLY B 299 8.13 46.10 12.60
N SER B 300 7.31 46.95 11.99
CA SER B 300 6.68 48.04 12.74
C SER B 300 5.18 48.12 12.44
N ILE B 301 4.40 47.32 13.16
CA ILE B 301 2.97 47.25 12.90
C ILE B 301 2.28 48.61 13.07
N GLY B 302 2.82 49.44 13.96
CA GLY B 302 2.20 50.73 14.26
C GLY B 302 2.34 51.77 13.17
N MET B 303 2.97 51.41 12.05
CA MET B 303 3.20 52.33 10.95
C MET B 303 2.29 51.99 9.75
N LEU B 304 1.58 50.88 9.83
CA LEU B 304 0.89 50.33 8.66
C LEU B 304 -0.57 50.78 8.48
N PRO B 305 -0.86 51.45 7.35
CA PRO B 305 -2.22 51.91 7.00
C PRO B 305 -2.99 50.85 6.21
N SER B 306 -4.26 51.10 5.96
CA SER B 306 -5.07 50.20 5.14
C SER B 306 -6.19 50.97 4.44
N ALA B 307 -6.62 50.47 3.30
CA ALA B 307 -7.72 51.04 2.54
C ALA B 307 -8.66 49.92 2.15
N SER B 308 -9.95 50.16 2.28
CA SER B 308 -10.94 49.21 1.80
C SER B 308 -11.82 49.94 0.79
N LEU B 309 -11.84 49.44 -0.44
CA LEU B 309 -12.43 50.14 -1.55
C LEU B 309 -13.60 49.39 -2.15
N SER B 310 -14.53 50.14 -2.74
CA SER B 310 -15.67 49.57 -3.44
C SER B 310 -15.61 49.94 -4.92
N ASP B 311 -16.58 49.41 -5.68
CA ASP B 311 -16.69 49.68 -7.10
C ASP B 311 -16.89 51.17 -7.35
N SER B 312 -17.92 51.70 -6.73
CA SER B 312 -18.12 53.14 -6.66
C SER B 312 -18.47 53.36 -5.21
N GLY B 313 -18.40 54.60 -4.74
CA GLY B 313 -18.73 54.84 -3.35
C GLY B 313 -17.51 55.12 -2.52
N PRO B 314 -17.73 55.67 -1.32
CA PRO B 314 -16.67 56.06 -0.40
C PRO B 314 -15.92 54.84 0.09
N GLY B 315 -14.61 54.99 0.26
CA GLY B 315 -13.82 53.92 0.86
C GLY B 315 -13.65 54.11 2.35
N LEU B 316 -13.14 53.06 2.98
CA LEU B 316 -12.93 53.02 4.41
C LEU B 316 -11.43 52.91 4.67
N PHE B 317 -10.88 53.87 5.39
CA PHE B 317 -9.43 53.94 5.57
C PHE B 317 -9.12 53.86 7.06
N GLU B 318 -8.12 53.05 7.40
CA GLU B 318 -7.94 52.68 8.80
C GLU B 318 -6.55 52.11 9.02
N PRO B 319 -5.96 52.40 10.20
CA PRO B 319 -4.68 51.76 10.55
C PRO B 319 -4.91 50.28 10.92
N ILE B 320 -3.93 49.40 10.68
CA ILE B 320 -4.18 47.99 10.90
C ILE B 320 -3.99 47.62 12.36
N HIS B 321 -3.30 48.46 13.12
CA HIS B 321 -3.18 48.23 14.56
C HIS B 321 -4.54 48.28 15.23
N GLY B 322 -4.65 47.71 16.43
CA GLY B 322 -5.90 47.76 17.17
C GLY B 322 -6.07 49.02 18.01
N SER B 323 -6.92 48.92 19.03
CA SER B 323 -7.32 50.07 19.82
C SER B 323 -6.40 50.31 21.02
N ALA B 324 -5.47 49.37 21.24
CA ALA B 324 -4.48 49.47 22.32
C ALA B 324 -5.07 50.03 23.61
N PRO B 325 -6.05 49.33 24.19
CA PRO B 325 -6.70 49.80 25.42
C PRO B 325 -5.68 50.06 26.53
N ASP B 326 -4.61 49.28 26.53
CA ASP B 326 -3.54 49.39 27.54
C ASP B 326 -2.87 50.77 27.61
N ILE B 327 -2.73 51.45 26.48
CA ILE B 327 -2.04 52.75 26.44
C ILE B 327 -2.95 53.93 26.10
N ALA B 328 -4.26 53.71 26.12
CA ALA B 328 -5.21 54.78 25.78
C ALA B 328 -5.15 55.92 26.79
N GLY B 329 -5.10 57.14 26.29
CA GLY B 329 -5.10 58.32 27.14
C GLY B 329 -3.74 58.70 27.71
N GLN B 330 -2.78 57.80 27.63
CA GLN B 330 -1.46 58.04 28.20
C GLN B 330 -0.53 58.82 27.28
N ASP B 331 -1.05 59.26 26.13
CA ASP B 331 -0.26 60.01 25.14
C ASP B 331 0.94 59.21 24.60
N LYS B 332 0.75 57.92 24.36
CA LYS B 332 1.84 57.06 23.91
C LYS B 332 1.63 56.52 22.49
N ALA B 333 0.40 56.54 22.01
CA ALA B 333 0.07 55.94 20.72
C ALA B 333 0.89 56.50 19.56
N ASN B 334 1.17 55.64 18.59
CA ASN B 334 1.79 56.06 17.33
C ASN B 334 0.72 56.49 16.31
N PRO B 335 0.67 57.78 15.99
CA PRO B 335 -0.37 58.27 15.08
C PRO B 335 0.00 58.09 13.60
N LEU B 336 1.20 57.63 13.29
CA LEU B 336 1.67 57.62 11.91
C LEU B 336 0.84 56.70 11.01
N ALA B 337 0.39 55.57 11.54
CA ALA B 337 -0.42 54.66 10.75
C ALA B 337 -1.74 55.31 10.36
N THR B 338 -2.36 56.04 11.29
CA THR B 338 -3.63 56.70 10.96
C THR B 338 -3.35 57.86 10.00
N ILE B 339 -2.31 58.64 10.27
CA ILE B 339 -1.88 59.66 9.33
C ILE B 339 -1.64 59.07 7.93
N LEU B 340 -0.93 57.95 7.87
CA LEU B 340 -0.68 57.34 6.57
C LEU B 340 -1.95 56.76 5.96
N SER B 341 -2.90 56.39 6.81
CA SER B 341 -4.21 55.99 6.31
C SER B 341 -4.92 57.19 5.68
N ALA B 342 -4.75 58.36 6.27
CA ALA B 342 -5.32 59.58 5.66
C ALA B 342 -4.66 59.84 4.31
N ALA B 343 -3.38 59.53 4.21
CA ALA B 343 -2.70 59.65 2.91
C ALA B 343 -3.30 58.66 1.91
N MET B 344 -3.59 57.45 2.35
CA MET B 344 -4.28 56.50 1.46
C MET B 344 -5.66 57.00 1.07
N LEU B 345 -6.39 57.55 2.04
CA LEU B 345 -7.69 58.16 1.76
C LEU B 345 -7.58 59.16 0.59
N LEU B 346 -6.62 60.08 0.68
CA LEU B 346 -6.41 61.05 -0.39
C LEU B 346 -6.09 60.39 -1.72
N LYS B 347 -5.14 59.47 -1.73
CA LYS B 347 -4.72 58.82 -2.97
C LYS B 347 -5.75 57.84 -3.52
N TYR B 348 -6.08 56.80 -2.76
CA TYR B 348 -7.00 55.76 -3.26
C TYR B 348 -8.47 56.13 -3.13
N GLY B 349 -8.78 57.03 -2.19
CA GLY B 349 -10.14 57.45 -1.96
C GLY B 349 -10.58 58.56 -2.90
N LEU B 350 -9.81 59.64 -2.94
CA LEU B 350 -10.22 60.87 -3.62
C LEU B 350 -9.39 61.21 -4.88
N GLY B 351 -8.41 60.37 -5.20
CA GLY B 351 -7.53 60.65 -6.31
C GLY B 351 -6.78 61.97 -6.18
N GLU B 352 -6.50 62.38 -4.94
CA GLU B 352 -5.69 63.57 -4.68
C GLU B 352 -4.22 63.21 -4.43
N GLU B 353 -3.51 62.85 -5.50
CA GLU B 353 -2.13 62.38 -5.39
C GLU B 353 -1.18 63.36 -4.70
N LYS B 354 -1.25 64.63 -5.08
CA LYS B 354 -0.37 65.67 -4.52
C LYS B 354 -0.54 65.83 -3.01
N ALA B 355 -1.79 66.01 -2.56
CA ALA B 355 -2.07 66.14 -1.14
C ALA B 355 -1.56 64.92 -0.37
N ALA B 356 -1.70 63.73 -0.97
CA ALA B 356 -1.23 62.51 -0.35
C ALA B 356 0.30 62.53 -0.18
N LYS B 357 1.00 63.01 -1.20
CA LYS B 357 2.46 63.04 -1.16
C LYS B 357 2.94 63.94 -0.03
N ARG B 358 2.31 65.09 0.12
CA ARG B 358 2.62 65.99 1.23
C ARG B 358 2.60 65.28 2.59
N ILE B 359 1.60 64.42 2.79
CA ILE B 359 1.50 63.65 4.03
C ILE B 359 2.65 62.62 4.13
N GLU B 360 2.80 61.80 3.09
CA GLU B 360 3.89 60.82 3.10
C GLU B 360 5.24 61.51 3.32
N ASP B 361 5.45 62.66 2.69
CA ASP B 361 6.72 63.35 2.81
C ASP B 361 6.95 63.86 4.24
N ALA B 362 5.90 64.39 4.86
CA ALA B 362 6.03 64.93 6.20
C ALA B 362 6.33 63.84 7.22
N VAL B 363 5.64 62.70 7.09
CA VAL B 363 5.98 61.55 7.90
C VAL B 363 7.47 61.22 7.78
N LEU B 364 8.00 61.16 6.57
CA LEU B 364 9.42 60.90 6.40
C LEU B 364 10.30 61.94 7.11
N VAL B 365 10.02 63.22 6.89
CA VAL B 365 10.78 64.28 7.52
C VAL B 365 10.82 64.13 9.05
N ALA B 366 9.65 63.87 9.65
CA ALA B 366 9.57 63.66 11.10
C ALA B 366 10.50 62.52 11.55
N LEU B 367 10.46 61.41 10.83
CA LEU B 367 11.30 60.27 11.16
C LEU B 367 12.79 60.61 10.96
N ASN B 368 13.08 61.36 9.90
CA ASN B 368 14.44 61.79 9.62
C ASN B 368 14.98 62.66 10.74
N ASN B 369 14.10 63.44 11.35
CA ASN B 369 14.48 64.29 12.47
C ASN B 369 14.73 63.49 13.74
N GLY B 370 14.52 62.18 13.67
CA GLY B 370 14.82 61.29 14.78
C GLY B 370 13.65 61.04 15.72
N PHE B 371 12.49 61.56 15.40
CA PHE B 371 11.32 61.37 16.26
C PHE B 371 10.78 59.95 16.22
N ARG B 372 10.46 59.42 17.41
CA ARG B 372 9.95 58.05 17.55
CA ARG B 372 9.93 58.07 17.53
C ARG B 372 9.03 57.92 18.75
N THR B 373 7.88 57.29 18.56
CA THR B 373 7.01 56.96 19.66
C THR B 373 7.56 55.66 20.24
N GLY B 374 7.01 55.20 21.37
CA GLY B 374 7.56 54.05 22.07
C GLY B 374 7.76 52.79 21.22
N ASP B 375 6.77 52.50 20.40
CA ASP B 375 6.77 51.29 19.59
C ASP B 375 7.85 51.32 18.51
N ILE B 376 8.35 52.49 18.16
CA ILE B 376 9.38 52.55 17.12
C ILE B 376 10.68 53.16 17.61
N TYR B 377 10.78 53.39 18.92
CA TYR B 377 11.99 53.96 19.51
C TYR B 377 13.19 53.02 19.43
N SER B 378 14.35 53.57 19.11
CA SER B 378 15.60 52.82 19.21
C SER B 378 16.72 53.72 19.73
N ALA B 379 17.84 53.10 20.08
CA ALA B 379 18.97 53.83 20.63
C ALA B 379 19.33 55.02 19.76
N GLY B 380 19.41 56.19 20.39
CA GLY B 380 19.91 57.38 19.71
C GLY B 380 18.85 58.23 19.04
N THR B 381 17.58 57.88 19.25
CA THR B 381 16.50 58.66 18.66
C THR B 381 15.79 59.47 19.73
N LYS B 382 14.86 60.32 19.32
CA LYS B 382 14.12 61.18 20.24
C LYS B 382 12.78 60.57 20.61
N LEU B 383 12.69 59.96 21.78
CA LEU B 383 11.42 59.39 22.22
C LEU B 383 10.41 60.50 22.39
N VAL B 384 9.24 60.34 21.77
CA VAL B 384 8.20 61.33 21.91
C VAL B 384 6.84 60.69 22.17
N GLY B 385 5.91 61.53 22.64
CA GLY B 385 4.55 61.11 22.85
C GLY B 385 3.74 61.33 21.58
N CYS B 386 2.53 60.78 21.58
CA CYS B 386 1.63 60.83 20.44
C CYS B 386 1.39 62.27 19.97
N LYS B 387 0.96 63.11 20.90
CA LYS B 387 0.70 64.52 20.61
C LYS B 387 1.90 65.16 19.89
N GLU B 388 3.07 65.07 20.51
CA GLU B 388 4.28 65.66 19.94
C GLU B 388 4.64 65.12 18.55
N MET B 389 4.48 63.80 18.34
CA MET B 389 4.73 63.25 17.00
C MET B 389 3.76 63.85 15.99
N GLY B 390 2.50 64.01 16.39
CA GLY B 390 1.54 64.69 15.55
C GLY B 390 2.08 66.06 15.20
N GLU B 391 2.52 66.79 16.23
CA GLU B 391 3.02 68.14 16.05
C GLU B 391 4.19 68.23 15.07
N GLU B 392 5.08 67.24 15.09
CA GLU B 392 6.22 67.25 14.16
C GLU B 392 5.79 67.04 12.72
N VAL B 393 4.84 66.12 12.51
CA VAL B 393 4.33 65.87 11.17
C VAL B 393 3.61 67.10 10.63
N LEU B 394 2.78 67.73 11.47
CA LEU B 394 2.12 68.97 11.09
C LEU B 394 3.13 70.06 10.71
N LYS B 395 4.19 70.21 11.51
CA LYS B 395 5.23 71.19 11.22
C LYS B 395 5.73 71.03 9.80
N SER B 396 6.09 69.80 9.43
CA SER B 396 6.67 69.56 8.12
C SER B 396 5.71 69.90 7.00
N VAL B 397 4.44 69.53 7.16
CA VAL B 397 3.44 69.86 6.15
C VAL B 397 3.31 71.37 5.97
N ASP B 398 3.35 72.09 7.08
CA ASP B 398 3.11 73.54 7.12
C ASP B 398 1.61 73.86 7.14
N LYS C 41 16.15 -69.72 10.42
CA LYS C 41 15.96 -69.01 9.16
C LYS C 41 16.88 -67.80 9.02
N ARG C 42 17.88 -67.90 8.14
CA ARG C 42 18.84 -66.83 7.91
C ARG C 42 18.49 -66.08 6.64
N TYR C 43 18.34 -64.76 6.74
CA TYR C 43 18.16 -63.93 5.56
C TYR C 43 19.44 -63.13 5.34
N THR C 44 19.71 -62.80 4.08
CA THR C 44 20.81 -61.89 3.74
C THR C 44 20.23 -60.51 3.44
N ILE C 45 20.82 -59.48 4.06
CA ILE C 45 20.36 -58.12 3.91
C ILE C 45 21.53 -57.24 3.52
N THR C 46 21.36 -56.51 2.43
CA THR C 46 22.32 -55.49 2.05
C THR C 46 21.95 -54.17 2.72
N LEU C 47 22.89 -53.59 3.45
CA LEU C 47 22.73 -52.28 4.05
C LEU C 47 23.44 -51.27 3.18
N LEU C 48 22.73 -50.19 2.84
CA LEU C 48 23.32 -49.07 2.12
C LEU C 48 23.27 -47.82 3.00
N PRO C 49 24.25 -47.66 3.90
CA PRO C 49 24.27 -46.51 4.81
C PRO C 49 24.12 -45.16 4.09
N GLY C 50 24.90 -44.95 3.05
CA GLY C 50 24.83 -43.70 2.30
C GLY C 50 25.42 -42.49 3.00
N ASP C 51 24.73 -41.35 2.91
CA ASP C 51 25.29 -40.06 3.29
C ASP C 51 24.57 -39.38 4.45
N GLY C 52 25.18 -38.30 4.95
CA GLY C 52 24.59 -37.53 6.03
C GLY C 52 24.20 -38.39 7.21
N ILE C 53 22.90 -38.40 7.52
CA ILE C 53 22.42 -39.13 8.70
C ILE C 53 22.17 -40.61 8.41
N GLY C 54 22.28 -40.99 7.13
CA GLY C 54 22.10 -42.36 6.71
C GLY C 54 22.72 -43.43 7.62
N PRO C 55 24.04 -43.36 7.82
CA PRO C 55 24.74 -44.38 8.61
C PRO C 55 24.24 -44.43 10.03
N GLU C 56 24.07 -43.27 10.65
CA GLU C 56 23.52 -43.18 11.98
C GLU C 56 22.22 -43.98 12.05
N VAL C 57 21.26 -43.67 11.18
CA VAL C 57 19.92 -44.25 11.29
C VAL C 57 19.85 -45.71 10.83
N VAL C 58 20.54 -46.05 9.74
CA VAL C 58 20.63 -47.45 9.34
C VAL C 58 21.24 -48.30 10.48
N SER C 59 22.25 -47.78 11.16
CA SER C 59 22.91 -48.56 12.21
C SER C 59 21.93 -48.97 13.31
N ILE C 60 21.17 -47.98 13.82
CA ILE C 60 20.13 -48.24 14.80
C ILE C 60 19.05 -49.19 14.24
N ALA C 61 18.62 -48.98 13.00
CA ALA C 61 17.60 -49.83 12.39
C ALA C 61 18.09 -51.27 12.25
N LYS C 62 19.36 -51.41 11.90
CA LYS C 62 19.99 -52.72 11.82
C LYS C 62 19.79 -53.48 13.13
N ASN C 63 20.19 -52.85 14.24
CA ASN C 63 20.09 -53.48 15.54
C ASN C 63 18.65 -53.79 15.95
N VAL C 64 17.73 -52.89 15.62
CA VAL C 64 16.31 -53.10 15.92
C VAL C 64 15.78 -54.28 15.13
N LEU C 65 16.11 -54.32 13.84
CA LEU C 65 15.77 -55.41 12.96
C LEU C 65 16.27 -56.74 13.52
N GLN C 66 17.50 -56.73 14.03
CA GLN C 66 18.14 -57.92 14.58
C GLN C 66 17.42 -58.48 15.80
N GLN C 67 17.09 -57.61 16.74
CA GLN C 67 16.43 -58.05 17.97
C GLN C 67 15.00 -58.53 17.69
N ALA C 68 14.22 -57.75 16.96
CA ALA C 68 12.86 -58.12 16.62
C ALA C 68 12.86 -59.44 15.90
N GLY C 69 13.84 -59.61 15.01
CA GLY C 69 14.00 -60.86 14.30
C GLY C 69 14.39 -62.02 15.18
N SER C 70 15.39 -61.81 16.02
CA SER C 70 15.84 -62.85 16.94
C SER C 70 14.69 -63.37 17.80
N LEU C 71 13.78 -62.47 18.17
CA LEU C 71 12.66 -62.89 18.98
C LEU C 71 11.74 -63.81 18.19
N GLU C 72 11.63 -63.57 16.88
CA GLU C 72 10.78 -64.42 16.04
C GLU C 72 11.55 -65.59 15.42
N GLY C 73 12.80 -65.76 15.82
CA GLY C 73 13.60 -66.89 15.37
C GLY C 73 14.31 -66.68 14.05
N VAL C 74 14.35 -65.44 13.56
CA VAL C 74 15.08 -65.14 12.33
C VAL C 74 16.41 -64.43 12.58
N GLU C 75 17.47 -64.93 11.93
CA GLU C 75 18.78 -64.31 11.99
C GLU C 75 19.11 -63.65 10.65
N PHE C 76 20.08 -62.74 10.65
CA PHE C 76 20.45 -62.04 9.43
C PHE C 76 21.95 -62.00 9.22
N ASN C 77 22.36 -62.10 7.96
CA ASN C 77 23.72 -61.75 7.54
C ASN C 77 23.66 -60.39 6.87
N PHE C 78 24.34 -59.40 7.46
CA PHE C 78 24.33 -58.05 6.94
C PHE C 78 25.59 -57.74 6.16
N ARG C 79 25.45 -57.07 5.01
CA ARG C 79 26.63 -56.56 4.31
C ARG C 79 26.42 -55.09 3.93
N GLU C 80 27.31 -54.22 4.39
CA GLU C 80 27.24 -52.80 4.01
C GLU C 80 27.95 -52.57 2.68
N MET C 81 27.32 -51.81 1.79
CA MET C 81 27.93 -51.48 0.50
C MET C 81 27.83 -50.00 0.23
N PRO C 82 28.75 -49.45 -0.57
CA PRO C 82 28.75 -48.01 -0.84
C PRO C 82 27.69 -47.63 -1.87
N ILE C 83 27.02 -46.49 -1.63
CA ILE C 83 26.13 -45.86 -2.59
C ILE C 83 26.23 -44.35 -2.40
N GLY C 84 25.78 -43.60 -3.39
CA GLY C 84 25.71 -42.15 -3.30
C GLY C 84 27.02 -41.42 -3.11
N GLY C 85 26.98 -40.36 -2.29
CA GLY C 85 28.17 -39.58 -1.98
C GLY C 85 29.33 -40.43 -1.48
N ALA C 86 29.02 -41.39 -0.62
CA ALA C 86 30.05 -42.23 -0.04
C ALA C 86 30.70 -43.08 -1.13
N ALA C 87 29.91 -43.46 -2.12
CA ALA C 87 30.45 -44.29 -3.20
C ALA C 87 31.31 -43.42 -4.11
N LEU C 88 30.90 -42.18 -4.29
CA LEU C 88 31.69 -41.25 -5.08
C LEU C 88 33.10 -41.09 -4.49
N ASP C 89 33.18 -40.83 -3.19
CA ASP C 89 34.47 -40.64 -2.52
C ASP C 89 35.36 -41.88 -2.54
N LEU C 90 34.73 -43.05 -2.47
CA LEU C 90 35.46 -44.30 -2.30
C LEU C 90 35.84 -44.90 -3.64
N VAL C 91 34.90 -44.88 -4.58
CA VAL C 91 35.05 -45.58 -5.86
C VAL C 91 35.02 -44.66 -7.09
N GLY C 92 34.44 -43.48 -6.95
CA GLY C 92 34.38 -42.56 -8.08
C GLY C 92 33.06 -42.47 -8.83
N VAL C 93 32.11 -43.36 -8.54
CA VAL C 93 30.78 -43.29 -9.14
C VAL C 93 29.72 -43.46 -8.06
N PRO C 94 28.46 -43.08 -8.37
CA PRO C 94 27.44 -43.13 -7.33
C PRO C 94 26.92 -44.55 -7.03
N LEU C 95 27.03 -45.48 -7.98
CA LEU C 95 26.66 -46.87 -7.75
C LEU C 95 27.61 -47.87 -8.43
N PRO C 96 28.64 -48.35 -7.70
CA PRO C 96 29.58 -49.37 -8.19
C PRO C 96 28.86 -50.68 -8.49
N GLU C 97 29.31 -51.37 -9.53
CA GLU C 97 28.71 -52.64 -9.91
C GLU C 97 28.62 -53.62 -8.73
N GLU C 98 29.63 -53.60 -7.87
CA GLU C 98 29.67 -54.52 -6.74
C GLU C 98 28.46 -54.31 -5.84
N THR C 99 27.99 -53.07 -5.74
CA THR C 99 26.83 -52.78 -4.89
C THR C 99 25.56 -53.37 -5.50
N ILE C 100 25.45 -53.24 -6.81
CA ILE C 100 24.34 -53.83 -7.56
C ILE C 100 24.31 -55.35 -7.35
N SER C 101 25.47 -56.00 -7.49
CA SER C 101 25.56 -57.43 -7.27
C SER C 101 25.11 -57.85 -5.87
N ALA C 102 25.65 -57.22 -4.85
CA ALA C 102 25.33 -57.62 -3.48
C ALA C 102 23.83 -57.44 -3.27
N ALA C 103 23.31 -56.32 -3.76
CA ALA C 103 21.90 -56.03 -3.61
C ALA C 103 21.07 -57.11 -4.32
N LYS C 104 21.38 -57.38 -5.57
CA LYS C 104 20.63 -58.37 -6.35
C LYS C 104 20.66 -59.76 -5.74
N GLU C 105 21.73 -60.07 -5.02
CA GLU C 105 21.92 -61.41 -4.46
C GLU C 105 21.33 -61.58 -3.06
N SER C 106 20.92 -60.48 -2.45
CA SER C 106 20.41 -60.53 -1.09
C SER C 106 18.91 -60.72 -1.08
N ASP C 107 18.33 -60.82 0.11
CA ASP C 107 16.89 -61.00 0.24
C ASP C 107 16.16 -59.68 0.36
N ALA C 108 16.90 -58.63 0.71
CA ALA C 108 16.30 -57.30 0.86
C ALA C 108 17.39 -56.31 1.12
N VAL C 109 17.08 -55.05 0.82
CA VAL C 109 18.03 -53.96 0.86
C VAL C 109 17.46 -52.80 1.71
N LEU C 110 18.24 -52.37 2.69
CA LEU C 110 17.86 -51.27 3.56
C LEU C 110 18.80 -50.11 3.30
N LEU C 111 18.24 -49.00 2.82
CA LEU C 111 19.03 -47.84 2.41
C LEU C 111 18.76 -46.72 3.40
N GLY C 112 19.81 -45.96 3.75
CA GLY C 112 19.65 -44.84 4.66
C GLY C 112 19.22 -43.57 3.95
N ALA C 113 20.21 -42.77 3.53
CA ALA C 113 19.93 -41.56 2.78
C ALA C 113 21.04 -41.33 1.76
N ILE C 114 20.73 -40.46 0.80
CA ILE C 114 21.67 -40.15 -0.26
C ILE C 114 21.72 -38.63 -0.43
N GLY C 115 22.92 -38.07 -0.60
CA GLY C 115 23.08 -36.66 -0.90
C GLY C 115 23.89 -35.86 0.11
N GLY C 116 24.47 -34.76 -0.34
CA GLY C 116 25.33 -33.92 0.49
C GLY C 116 25.94 -32.78 -0.30
N TYR C 117 26.35 -31.72 0.40
CA TYR C 117 26.86 -30.50 -0.22
C TYR C 117 28.02 -30.76 -1.18
N LYS C 118 28.97 -31.56 -0.71
CA LYS C 118 30.18 -31.87 -1.45
C LYS C 118 29.93 -32.25 -2.91
N TRP C 119 28.82 -32.92 -3.17
CA TRP C 119 28.60 -33.54 -4.47
C TRP C 119 27.57 -32.77 -5.31
N ASP C 120 26.89 -31.80 -4.69
CA ASP C 120 25.87 -31.00 -5.38
C ASP C 120 26.37 -30.39 -6.69
N ASN C 121 27.66 -30.04 -6.75
CA ASN C 121 28.21 -29.40 -7.95
C ASN C 121 28.75 -30.38 -9.00
N ASN C 122 28.39 -31.64 -8.87
CA ASN C 122 28.86 -32.67 -9.81
C ASN C 122 28.06 -32.68 -11.09
N GLU C 123 28.62 -33.29 -12.13
CA GLU C 123 27.87 -33.59 -13.33
C GLU C 123 26.65 -34.45 -12.98
N LYS C 124 25.56 -34.25 -13.72
CA LYS C 124 24.31 -34.96 -13.48
C LYS C 124 24.53 -36.46 -13.32
N HIS C 125 25.25 -37.07 -14.25
CA HIS C 125 25.44 -38.51 -14.22
C HIS C 125 26.27 -38.94 -13.02
N LEU C 126 26.95 -38.00 -12.37
CA LEU C 126 27.78 -38.34 -11.23
C LEU C 126 27.29 -37.77 -9.89
N ARG C 127 26.01 -37.39 -9.83
CA ARG C 127 25.43 -36.98 -8.57
C ARG C 127 24.91 -38.18 -7.79
N PRO C 128 24.94 -38.10 -6.46
CA PRO C 128 24.50 -39.21 -5.61
C PRO C 128 23.12 -39.75 -6.01
N GLU C 129 22.21 -38.84 -6.34
CA GLU C 129 20.85 -39.20 -6.65
CA GLU C 129 20.84 -39.19 -6.68
C GLU C 129 20.77 -40.18 -7.83
N LYS C 130 21.70 -40.05 -8.77
CA LYS C 130 21.76 -40.93 -9.93
C LYS C 130 21.94 -42.38 -9.48
N GLY C 131 22.60 -42.56 -8.35
CA GLY C 131 22.82 -43.89 -7.80
C GLY C 131 21.50 -44.47 -7.33
N LEU C 132 20.67 -43.64 -6.70
CA LEU C 132 19.35 -44.10 -6.28
C LEU C 132 18.58 -44.58 -7.51
N LEU C 133 18.57 -43.76 -8.56
CA LEU C 133 17.85 -44.10 -9.79
C LEU C 133 18.40 -45.37 -10.44
N GLN C 134 19.72 -45.51 -10.41
CA GLN C 134 20.35 -46.68 -11.02
C GLN C 134 20.06 -47.96 -10.26
N ILE C 135 20.04 -47.89 -8.93
CA ILE C 135 19.80 -49.12 -8.18
C ILE C 135 18.33 -49.54 -8.29
N ARG C 136 17.40 -48.58 -8.31
CA ARG C 136 16.00 -48.92 -8.57
C ARG C 136 15.82 -49.64 -9.89
N ALA C 137 16.49 -49.14 -10.94
CA ALA C 137 16.37 -49.72 -12.26
C ALA C 137 16.97 -51.12 -12.22
N ALA C 138 18.13 -51.25 -11.59
CA ALA C 138 18.81 -52.55 -11.50
C ALA C 138 17.95 -53.58 -10.77
N LEU C 139 17.33 -53.17 -9.68
CA LEU C 139 16.50 -54.10 -8.91
C LEU C 139 15.13 -54.30 -9.54
N LYS C 140 14.80 -53.51 -10.55
CA LYS C 140 13.47 -53.55 -11.16
C LYS C 140 12.36 -53.34 -10.12
N VAL C 141 12.59 -52.47 -9.15
CA VAL C 141 11.56 -52.19 -8.16
C VAL C 141 10.60 -51.11 -8.68
N PHE C 142 9.66 -51.54 -9.53
CA PHE C 142 8.70 -50.66 -10.19
C PHE C 142 7.56 -50.16 -9.30
N ALA C 143 7.48 -50.65 -8.06
CA ALA C 143 6.38 -50.30 -7.17
C ALA C 143 6.87 -49.59 -5.92
N ASN C 144 6.53 -48.31 -5.79
CA ASN C 144 6.91 -47.54 -4.62
C ASN C 144 5.71 -47.42 -3.67
N LEU C 145 5.83 -48.01 -2.48
CA LEU C 145 4.82 -47.99 -1.44
C LEU C 145 5.23 -47.01 -0.34
N ARG C 146 4.38 -46.01 -0.12
CA ARG C 146 4.59 -45.02 0.92
C ARG C 146 3.36 -44.87 1.77
N PRO C 147 3.40 -45.43 2.98
CA PRO C 147 2.26 -45.33 3.89
C PRO C 147 2.29 -44.00 4.61
N ALA C 148 1.20 -43.26 4.51
CA ALA C 148 1.03 -42.00 5.20
C ALA C 148 0.06 -42.28 6.32
N THR C 149 0.57 -42.40 7.53
CA THR C 149 -0.32 -42.57 8.67
C THR C 149 -0.08 -41.47 9.69
N VAL C 150 -1.15 -41.02 10.32
CA VAL C 150 -1.01 -40.09 11.43
C VAL C 150 -1.01 -40.86 12.76
N LEU C 151 0.11 -40.84 13.45
CA LEU C 151 0.23 -41.54 14.72
C LEU C 151 -0.50 -40.79 15.84
N PRO C 152 -1.32 -41.52 16.63
CA PRO C 152 -2.09 -40.94 17.73
C PRO C 152 -1.28 -39.97 18.58
N GLN C 153 0.00 -40.27 18.79
CA GLN C 153 0.83 -39.41 19.65
C GLN C 153 1.29 -38.14 18.93
N LEU C 154 1.15 -38.09 17.60
CA LEU C 154 1.71 -36.99 16.84
C LEU C 154 0.66 -36.25 16.00
N VAL C 155 -0.60 -36.41 16.35
CA VAL C 155 -1.70 -35.79 15.60
C VAL C 155 -1.52 -34.28 15.46
N ASP C 156 -1.01 -33.63 16.51
CA ASP C 156 -0.95 -32.17 16.54
C ASP C 156 0.12 -31.59 15.64
N ALA C 157 0.99 -32.44 15.09
CA ALA C 157 2.04 -31.97 14.17
C ALA C 157 1.45 -31.61 12.81
N SER C 158 0.30 -32.18 12.47
CA SER C 158 -0.38 -31.85 11.22
C SER C 158 -1.01 -30.46 11.24
N THR C 159 -0.98 -29.77 10.10
CA THR C 159 -1.68 -28.51 9.98
C THR C 159 -3.18 -28.72 9.74
N LEU C 160 -3.61 -29.96 9.54
CA LEU C 160 -5.05 -30.23 9.48
C LEU C 160 -5.63 -30.29 10.90
N LYS C 161 -6.90 -29.92 11.04
CA LYS C 161 -7.57 -30.03 12.32
C LYS C 161 -7.56 -31.48 12.79
N ARG C 162 -7.50 -31.66 14.10
CA ARG C 162 -7.40 -32.95 14.74
C ARG C 162 -8.44 -33.97 14.27
N GLU C 163 -9.69 -33.56 14.19
CA GLU C 163 -10.75 -34.49 13.82
C GLU C 163 -10.62 -34.99 12.38
N VAL C 164 -9.87 -34.25 11.57
CA VAL C 164 -9.62 -34.62 10.18
C VAL C 164 -8.34 -35.44 10.03
N ALA C 165 -7.31 -35.12 10.82
CA ALA C 165 -6.02 -35.80 10.72
C ALA C 165 -5.99 -37.13 11.48
N GLU C 166 -6.68 -37.18 12.62
CA GLU C 166 -6.65 -38.37 13.46
C GLU C 166 -7.16 -39.57 12.67
N GLY C 167 -6.43 -40.68 12.75
CA GLY C 167 -6.83 -41.89 12.04
C GLY C 167 -6.55 -41.92 10.53
N VAL C 168 -5.85 -40.93 10.00
CA VAL C 168 -5.43 -41.01 8.60
C VAL C 168 -4.45 -42.17 8.44
N ASP C 169 -4.65 -42.98 7.42
CA ASP C 169 -3.87 -44.22 7.28
C ASP C 169 -4.00 -44.72 5.85
N LEU C 170 -3.14 -44.27 4.97
CA LEU C 170 -3.33 -44.62 3.58
C LEU C 170 -2.01 -45.08 3.01
N MET C 171 -2.06 -45.77 1.87
CA MET C 171 -0.85 -46.24 1.21
C MET C 171 -0.85 -45.74 -0.24
N VAL C 172 0.16 -44.96 -0.63
CA VAL C 172 0.33 -44.61 -2.04
C VAL C 172 1.24 -45.62 -2.74
N VAL C 173 0.67 -46.33 -3.71
CA VAL C 173 1.46 -47.21 -4.56
C VAL C 173 1.70 -46.50 -5.88
N ARG C 174 2.95 -46.08 -6.08
CA ARG C 174 3.35 -45.24 -7.20
C ARG C 174 4.19 -46.01 -8.19
N GLU C 175 3.83 -45.98 -9.47
CA GLU C 175 4.66 -46.60 -10.48
C GLU C 175 6.00 -45.89 -10.47
N LEU C 176 7.10 -46.64 -10.31
CA LEU C 176 8.37 -46.04 -9.92
C LEU C 176 9.43 -45.91 -11.02
N THR C 177 9.37 -46.76 -12.03
CA THR C 177 10.47 -46.82 -13.00
C THR C 177 10.09 -46.52 -14.45
N GLY C 178 8.85 -46.10 -14.68
CA GLY C 178 8.41 -45.70 -16.01
C GLY C 178 7.69 -44.35 -15.99
N GLY C 179 6.78 -44.16 -16.96
CA GLY C 179 6.04 -42.93 -17.06
C GLY C 179 6.87 -41.79 -17.62
N ILE C 180 6.36 -40.58 -17.47
CA ILE C 180 6.95 -39.41 -18.12
C ILE C 180 8.39 -39.11 -17.64
N TYR C 181 8.74 -39.51 -16.41
CA TYR C 181 10.10 -39.32 -15.93
C TYR C 181 11.14 -40.08 -16.76
N PHE C 182 10.69 -41.10 -17.48
CA PHE C 182 11.61 -41.91 -18.29
C PHE C 182 11.15 -42.08 -19.74
N GLY C 183 10.05 -41.42 -20.11
CA GLY C 183 9.46 -41.63 -21.42
C GLY C 183 10.22 -40.99 -22.57
N GLU C 184 10.12 -41.60 -23.74
CA GLU C 184 10.74 -41.13 -24.97
C GLU C 184 9.67 -40.92 -26.05
N PRO C 185 9.89 -39.92 -26.94
CA PRO C 185 11.05 -39.03 -26.98
C PRO C 185 10.97 -37.90 -25.96
N ARG C 186 12.10 -37.25 -25.72
CA ARG C 186 12.19 -36.12 -24.80
C ARG C 186 13.32 -35.21 -25.28
N GLY C 187 13.34 -33.97 -24.80
CA GLY C 187 14.40 -33.05 -25.16
C GLY C 187 13.98 -31.60 -25.28
N ILE C 188 14.95 -30.75 -25.58
CA ILE C 188 14.68 -29.37 -25.96
C ILE C 188 15.19 -29.16 -27.37
N LYS C 189 14.26 -28.94 -28.31
CA LYS C 189 14.60 -28.83 -29.72
C LYS C 189 14.49 -27.39 -30.19
N THR C 190 15.17 -27.08 -31.29
CA THR C 190 15.03 -25.78 -31.93
C THR C 190 14.37 -25.99 -33.27
N ASN C 191 13.18 -25.42 -33.44
CA ASN C 191 12.43 -25.61 -34.67
C ASN C 191 12.76 -24.51 -35.68
N GLU C 192 12.07 -24.51 -36.81
CA GLU C 192 12.14 -23.38 -37.71
C GLU C 192 11.67 -22.19 -36.90
N ASN C 193 12.11 -20.99 -37.28
CA ASN C 193 11.85 -19.77 -36.51
C ASN C 193 12.95 -19.52 -35.49
N GLY C 194 13.70 -20.56 -35.17
CA GLY C 194 14.78 -20.47 -34.18
C GLY C 194 14.27 -20.51 -32.76
N GLU C 195 13.03 -20.97 -32.58
CA GLU C 195 12.42 -20.98 -31.27
C GLU C 195 12.61 -22.32 -30.58
N GLU C 196 12.94 -22.30 -29.29
CA GLU C 196 13.11 -23.55 -28.57
C GLU C 196 11.77 -24.18 -28.21
N VAL C 197 11.70 -25.50 -28.33
CA VAL C 197 10.53 -26.26 -27.91
C VAL C 197 10.94 -27.42 -26.99
N GLY C 198 10.28 -27.50 -25.82
CA GLY C 198 10.63 -28.50 -24.84
C GLY C 198 9.52 -29.53 -24.69
N PHE C 199 9.91 -30.80 -24.63
CA PHE C 199 8.92 -31.87 -24.64
C PHE C 199 9.31 -33.12 -23.84
N ASN C 200 8.28 -33.77 -23.33
CA ASN C 200 8.40 -35.00 -22.59
C ASN C 200 7.22 -35.86 -22.96
N THR C 201 7.38 -37.17 -22.77
CA THR C 201 6.38 -38.12 -23.22
C THR C 201 5.87 -38.98 -22.06
N GLU C 202 4.63 -38.75 -21.67
CA GLU C 202 3.97 -39.64 -20.71
C GLU C 202 3.50 -40.86 -21.50
N VAL C 203 4.17 -42.00 -21.29
CA VAL C 203 3.78 -43.23 -21.97
C VAL C 203 3.83 -44.46 -21.07
N TYR C 204 2.80 -45.29 -21.18
CA TYR C 204 2.78 -46.59 -20.51
C TYR C 204 2.34 -47.68 -21.47
N ALA C 205 3.04 -48.81 -21.43
CA ALA C 205 2.55 -50.02 -22.09
C ALA C 205 1.64 -50.77 -21.12
N ALA C 206 0.71 -51.54 -21.69
CA ALA C 206 -0.25 -52.31 -20.91
C ALA C 206 0.39 -53.11 -19.78
N HIS C 207 1.48 -53.80 -20.09
CA HIS C 207 2.10 -54.67 -19.11
C HIS C 207 2.67 -53.88 -17.91
N GLU C 208 3.12 -52.66 -18.17
CA GLU C 208 3.63 -51.80 -17.10
C GLU C 208 2.51 -51.38 -16.13
N ILE C 209 1.34 -51.13 -16.70
CA ILE C 209 0.19 -50.78 -15.88
C ILE C 209 -0.32 -52.01 -15.11
N ASP C 210 -0.32 -53.16 -15.77
CA ASP C 210 -0.77 -54.38 -15.12
C ASP C 210 0.05 -54.68 -13.87
N ARG C 211 1.38 -54.62 -13.98
CA ARG C 211 2.20 -55.09 -12.87
C ARG C 211 2.10 -54.17 -11.64
N ILE C 212 2.04 -52.86 -11.84
CA ILE C 212 1.89 -51.94 -10.70
C ILE C 212 0.49 -52.08 -10.10
N ALA C 213 -0.51 -52.25 -10.95
CA ALA C 213 -1.87 -52.45 -10.45
C ALA C 213 -1.93 -53.72 -9.57
N ARG C 214 -1.33 -54.81 -10.04
CA ARG C 214 -1.37 -56.06 -9.28
C ARG C 214 -0.76 -55.89 -7.90
N VAL C 215 0.37 -55.22 -7.83
CA VAL C 215 1.00 -54.96 -6.55
C VAL C 215 0.04 -54.18 -5.64
N ALA C 216 -0.67 -53.23 -6.22
CA ALA C 216 -1.59 -52.37 -5.46
C ALA C 216 -2.71 -53.21 -4.90
N PHE C 217 -3.30 -54.06 -5.74
CA PHE C 217 -4.33 -55.01 -5.32
C PHE C 217 -3.84 -55.90 -4.19
N GLU C 218 -2.65 -56.48 -4.35
CA GLU C 218 -2.06 -57.32 -3.30
C GLU C 218 -1.80 -56.49 -2.04
N THR C 219 -1.49 -55.21 -2.22
CA THR C 219 -1.20 -54.37 -1.07
C THR C 219 -2.50 -54.08 -0.30
N ALA C 220 -3.56 -53.78 -1.02
CA ALA C 220 -4.87 -53.56 -0.41
C ALA C 220 -5.32 -54.79 0.39
N ARG C 221 -4.98 -55.99 -0.08
CA ARG C 221 -5.34 -57.21 0.66
C ARG C 221 -4.63 -57.30 2.00
N LYS C 222 -3.50 -56.60 2.12
CA LYS C 222 -2.73 -56.60 3.35
C LYS C 222 -3.15 -55.46 4.27
N ARG C 223 -4.20 -54.75 3.88
CA ARG C 223 -4.62 -53.57 4.63
C ARG C 223 -6.12 -53.63 4.89
N ARG C 224 -6.92 -52.87 4.13
CA ARG C 224 -8.37 -52.87 4.35
C ARG C 224 -9.20 -53.26 3.13
N GLY C 225 -8.55 -53.72 2.07
CA GLY C 225 -9.28 -54.17 0.90
C GLY C 225 -9.95 -53.09 0.08
N LYS C 226 -9.42 -51.86 0.17
CA LYS C 226 -9.95 -50.76 -0.62
C LYS C 226 -8.87 -50.15 -1.48
N LEU C 227 -9.09 -50.12 -2.79
CA LEU C 227 -8.13 -49.57 -3.73
C LEU C 227 -8.75 -48.47 -4.61
N CYS C 228 -8.07 -47.35 -4.67
CA CYS C 228 -8.51 -46.24 -5.49
C CYS C 228 -7.45 -45.97 -6.54
N SER C 229 -7.81 -46.12 -7.80
CA SER C 229 -6.87 -45.88 -8.89
C SER C 229 -7.01 -44.44 -9.37
N VAL C 230 -5.90 -43.72 -9.40
CA VAL C 230 -5.95 -42.29 -9.66
C VAL C 230 -5.30 -41.96 -10.99
N ASP C 231 -6.01 -41.23 -11.84
CA ASP C 231 -5.51 -40.96 -13.18
C ASP C 231 -6.12 -39.67 -13.68
N LYS C 232 -5.96 -39.42 -14.98
CA LYS C 232 -6.55 -38.25 -15.60
C LYS C 232 -7.29 -38.68 -16.87
N ALA C 233 -8.08 -39.75 -16.75
CA ALA C 233 -8.72 -40.39 -17.91
C ALA C 233 -9.75 -39.53 -18.62
N ASN C 234 -10.18 -38.42 -18.04
CA ASN C 234 -11.07 -37.51 -18.78
C ASN C 234 -10.36 -36.63 -19.82
N VAL C 235 -9.02 -36.72 -19.90
CA VAL C 235 -8.28 -35.93 -20.89
C VAL C 235 -7.18 -36.73 -21.57
N LEU C 236 -6.43 -37.53 -20.81
CA LEU C 236 -5.22 -38.15 -21.36
C LEU C 236 -5.42 -39.60 -21.80
N GLU C 237 -5.06 -39.87 -23.06
CA GLU C 237 -5.12 -41.20 -23.64
C GLU C 237 -4.39 -42.21 -22.77
N ALA C 238 -3.23 -41.82 -22.23
CA ALA C 238 -2.43 -42.72 -21.39
C ALA C 238 -3.17 -43.07 -20.11
N SER C 239 -3.94 -42.12 -19.59
CA SER C 239 -4.78 -42.34 -18.42
C SER C 239 -5.99 -43.20 -18.80
N ILE C 240 -6.46 -43.09 -20.04
CA ILE C 240 -7.53 -43.96 -20.52
C ILE C 240 -7.06 -45.40 -20.52
N LEU C 241 -5.88 -45.66 -21.09
CA LEU C 241 -5.33 -47.01 -21.09
C LEU C 241 -5.17 -47.50 -19.66
N TRP C 242 -4.61 -46.63 -18.81
CA TRP C 242 -4.42 -46.94 -17.39
C TRP C 242 -5.73 -47.42 -16.76
N ARG C 243 -6.80 -46.63 -16.92
CA ARG C 243 -8.07 -46.96 -16.32
C ARG C 243 -8.63 -48.28 -16.87
N LYS C 244 -8.42 -48.53 -18.15
CA LYS C 244 -8.93 -49.73 -18.79
C LYS C 244 -8.27 -50.99 -18.25
N ARG C 245 -6.95 -50.92 -18.07
CA ARG C 245 -6.22 -52.10 -17.59
C ARG C 245 -6.55 -52.38 -16.12
N VAL C 246 -6.58 -51.33 -15.31
CA VAL C 246 -6.89 -51.50 -13.90
C VAL C 246 -8.30 -52.05 -13.75
N THR C 247 -9.25 -51.45 -14.47
CA THR C 247 -10.63 -51.91 -14.44
C THR C 247 -10.76 -53.39 -14.83
N ALA C 248 -9.92 -53.86 -15.75
CA ALA C 248 -9.98 -55.24 -16.20
C ALA C 248 -9.41 -56.22 -15.18
N LEU C 249 -8.47 -55.76 -14.38
CA LEU C 249 -7.87 -56.62 -13.37
C LEU C 249 -8.81 -56.86 -12.19
N ALA C 250 -9.86 -56.05 -12.08
CA ALA C 250 -10.77 -56.10 -10.94
C ALA C 250 -11.36 -57.49 -10.73
N SER C 251 -11.81 -58.11 -11.81
CA SER C 251 -12.41 -59.45 -11.75
C SER C 251 -11.44 -60.47 -11.16
N GLU C 252 -10.14 -60.25 -11.35
CA GLU C 252 -9.14 -61.14 -10.77
C GLU C 252 -8.89 -60.87 -9.29
N TYR C 253 -9.42 -59.76 -8.79
CA TYR C 253 -9.33 -59.46 -7.37
C TYR C 253 -10.69 -59.00 -6.84
N PRO C 254 -11.67 -59.91 -6.88
CA PRO C 254 -13.08 -59.59 -6.63
C PRO C 254 -13.28 -59.18 -5.19
N ASP C 255 -12.39 -59.65 -4.32
CA ASP C 255 -12.47 -59.34 -2.91
C ASP C 255 -12.12 -57.87 -2.63
N VAL C 256 -11.38 -57.24 -3.53
CA VAL C 256 -10.96 -55.85 -3.31
C VAL C 256 -11.97 -54.87 -3.89
N GLU C 257 -12.35 -53.86 -3.10
CA GLU C 257 -13.22 -52.79 -3.60
C GLU C 257 -12.42 -51.78 -4.42
N LEU C 258 -12.61 -51.81 -5.74
CA LEU C 258 -11.94 -50.86 -6.63
C LEU C 258 -12.78 -49.61 -6.88
N SER C 259 -12.14 -48.45 -6.84
CA SER C 259 -12.75 -47.22 -7.34
C SER C 259 -11.73 -46.42 -8.16
N HIS C 260 -12.21 -45.42 -8.90
CA HIS C 260 -11.37 -44.58 -9.74
C HIS C 260 -11.55 -43.11 -9.39
N MET C 261 -10.46 -42.35 -9.45
CA MET C 261 -10.54 -40.93 -9.13
C MET C 261 -9.56 -40.13 -10.02
N TYR C 262 -10.01 -38.97 -10.46
CA TYR C 262 -9.15 -38.06 -11.21
C TYR C 262 -8.12 -37.41 -10.28
N VAL C 263 -6.91 -37.22 -10.80
CA VAL C 263 -5.79 -36.74 -9.98
C VAL C 263 -6.07 -35.38 -9.32
N ASP C 264 -6.70 -34.47 -10.06
CA ASP C 264 -7.02 -33.17 -9.46
C ASP C 264 -8.03 -33.32 -8.31
N ASN C 265 -9.04 -34.18 -8.46
CA ASN C 265 -9.96 -34.42 -7.35
CA ASN C 265 -9.96 -34.43 -7.35
C ASN C 265 -9.28 -35.13 -6.17
N ALA C 266 -8.30 -35.99 -6.45
CA ALA C 266 -7.56 -36.64 -5.35
C ALA C 266 -6.75 -35.64 -4.52
N ALA C 267 -6.19 -34.62 -5.18
CA ALA C 267 -5.46 -33.58 -4.47
C ALA C 267 -6.37 -32.84 -3.51
N MET C 268 -7.64 -32.69 -3.88
CA MET C 268 -8.64 -32.06 -3.02
C MET C 268 -9.10 -33.02 -1.94
N GLN C 269 -9.29 -34.30 -2.30
CA GLN C 269 -9.80 -35.27 -1.34
C GLN C 269 -8.81 -35.47 -0.19
N LEU C 270 -7.51 -35.46 -0.50
CA LEU C 270 -6.49 -35.62 0.54
C LEU C 270 -6.58 -34.53 1.60
N VAL C 271 -7.03 -33.33 1.19
CA VAL C 271 -7.14 -32.18 2.09
C VAL C 271 -8.47 -32.19 2.83
N ARG C 272 -9.52 -32.65 2.16
CA ARG C 272 -10.86 -32.56 2.71
C ARG C 272 -11.20 -33.75 3.59
N ASP C 273 -10.80 -34.95 3.18
CA ASP C 273 -11.14 -36.17 3.91
C ASP C 273 -10.15 -37.33 3.65
N PRO C 274 -8.90 -37.17 4.08
CA PRO C 274 -7.87 -38.18 3.80
C PRO C 274 -8.18 -39.55 4.43
N LYS C 275 -9.08 -39.60 5.41
CA LYS C 275 -9.42 -40.87 6.05
C LYS C 275 -10.18 -41.80 5.12
N GLN C 276 -10.72 -41.28 4.02
CA GLN C 276 -11.45 -42.13 3.07
C GLN C 276 -10.53 -43.13 2.37
N PHE C 277 -9.24 -42.82 2.28
CA PHE C 277 -8.33 -43.65 1.50
C PHE C 277 -7.74 -44.82 2.29
N ASP C 278 -7.72 -45.98 1.66
CA ASP C 278 -6.91 -47.11 2.14
C ASP C 278 -5.69 -47.18 1.24
N THR C 279 -5.84 -47.82 0.09
CA THR C 279 -4.75 -47.90 -0.87
C THR C 279 -5.08 -47.10 -2.14
N ILE C 280 -4.07 -46.42 -2.66
CA ILE C 280 -4.16 -45.63 -3.88
C ILE C 280 -3.12 -46.17 -4.84
N VAL C 281 -3.49 -46.36 -6.10
CA VAL C 281 -2.48 -46.69 -7.11
C VAL C 281 -2.51 -45.66 -8.20
N THR C 282 -1.33 -45.26 -8.65
CA THR C 282 -1.26 -44.19 -9.63
C THR C 282 0.09 -44.22 -10.32
N ASN C 283 0.26 -43.39 -11.34
CA ASN C 283 1.48 -43.39 -12.14
C ASN C 283 2.63 -42.68 -11.44
N ASN C 284 3.73 -42.52 -12.14
CA ASN C 284 4.95 -42.00 -11.51
C ASN C 284 4.80 -40.54 -11.07
N ILE C 285 4.36 -39.67 -11.99
CA ILE C 285 4.32 -38.25 -11.66
C ILE C 285 3.16 -37.89 -10.70
N PHE C 286 1.99 -38.46 -10.93
CA PHE C 286 0.85 -38.22 -10.04
C PHE C 286 1.17 -38.80 -8.65
N GLY C 287 1.79 -39.98 -8.64
CA GLY C 287 2.14 -40.62 -7.39
C GLY C 287 3.17 -39.78 -6.64
N ASP C 288 4.11 -39.22 -7.38
CA ASP C 288 5.13 -38.36 -6.78
C ASP C 288 4.44 -37.17 -6.10
N ILE C 289 3.55 -36.50 -6.82
CA ILE C 289 2.86 -35.36 -6.27
C ILE C 289 1.93 -35.73 -5.11
N LEU C 290 1.10 -36.76 -5.29
CA LEU C 290 0.06 -37.01 -4.30
C LEU C 290 0.62 -37.62 -2.99
N SER C 291 1.67 -38.42 -3.12
CA SER C 291 2.34 -38.98 -1.95
C SER C 291 2.99 -37.87 -1.13
N ASP C 292 3.71 -36.96 -1.80
CA ASP C 292 4.26 -35.81 -1.08
C ASP C 292 3.20 -35.00 -0.36
N GLU C 293 2.06 -34.79 -1.01
CA GLU C 293 0.98 -34.07 -0.35
C GLU C 293 0.53 -34.87 0.87
N ALA C 294 0.35 -36.17 0.70
CA ALA C 294 -0.14 -37.00 1.81
C ALA C 294 0.86 -36.99 2.95
N SER C 295 2.14 -37.09 2.61
CA SER C 295 3.19 -37.04 3.61
C SER C 295 3.09 -35.76 4.44
N MET C 296 2.96 -34.61 3.77
CA MET C 296 2.88 -33.34 4.52
C MET C 296 1.62 -33.28 5.38
N ILE C 297 0.53 -33.83 4.86
CA ILE C 297 -0.70 -33.94 5.64
C ILE C 297 -0.49 -34.68 6.98
N THR C 298 0.39 -35.66 7.03
CA THR C 298 0.60 -36.38 8.29
C THR C 298 1.29 -35.45 9.30
N GLY C 299 2.10 -34.52 8.81
CA GLY C 299 2.73 -33.52 9.67
C GLY C 299 4.14 -33.83 10.14
N SER C 300 4.56 -35.10 10.02
CA SER C 300 5.84 -35.52 10.56
C SER C 300 6.64 -36.32 9.53
N ILE C 301 7.35 -35.61 8.67
CA ILE C 301 8.09 -36.23 7.57
C ILE C 301 9.16 -37.21 8.06
N GLY C 302 9.75 -36.92 9.21
CA GLY C 302 10.79 -37.78 9.78
C GLY C 302 10.32 -39.14 10.28
N MET C 303 9.01 -39.39 10.21
CA MET C 303 8.45 -40.65 10.69
C MET C 303 8.12 -41.60 9.55
N LEU C 304 8.24 -41.13 8.32
CA LEU C 304 7.68 -41.86 7.17
C LEU C 304 8.64 -42.83 6.45
N PRO C 305 8.29 -44.13 6.42
CA PRO C 305 9.06 -45.17 5.71
C PRO C 305 8.64 -45.34 4.24
N SER C 306 9.40 -46.13 3.48
CA SER C 306 9.02 -46.47 2.11
C SER C 306 9.57 -47.84 1.69
N ALA C 307 8.89 -48.46 0.74
CA ALA C 307 9.30 -49.74 0.19
C ALA C 307 9.22 -49.66 -1.32
N SER C 308 10.21 -50.22 -2.00
CA SER C 308 10.14 -50.35 -3.44
C SER C 308 10.25 -51.83 -3.77
N LEU C 309 9.21 -52.37 -4.39
CA LEU C 309 9.08 -53.79 -4.65
C LEU C 309 9.19 -54.13 -6.13
N SER C 310 9.69 -55.33 -6.41
CA SER C 310 9.73 -55.85 -7.77
C SER C 310 8.80 -57.05 -7.87
N ASP C 311 8.77 -57.67 -9.06
CA ASP C 311 7.99 -58.88 -9.29
C ASP C 311 8.54 -60.03 -8.45
N SER C 312 9.80 -60.32 -8.67
CA SER C 312 10.54 -61.19 -7.77
C SER C 312 11.81 -60.43 -7.44
N GLY C 313 12.54 -60.88 -6.44
CA GLY C 313 13.78 -60.20 -6.09
C GLY C 313 13.66 -59.34 -4.87
N PRO C 314 14.81 -58.97 -4.30
CA PRO C 314 14.84 -58.17 -3.07
C PRO C 314 14.21 -56.82 -3.31
N GLY C 315 13.57 -56.29 -2.27
CA GLY C 315 13.02 -54.96 -2.31
C GLY C 315 13.99 -53.94 -1.73
N LEU C 316 13.66 -52.68 -1.91
CA LEU C 316 14.50 -51.60 -1.44
C LEU C 316 13.70 -50.75 -0.45
N PHE C 317 14.24 -50.62 0.75
CA PHE C 317 13.48 -50.03 1.85
C PHE C 317 14.26 -48.86 2.41
N GLU C 318 13.61 -47.71 2.53
CA GLU C 318 14.30 -46.52 2.98
C GLU C 318 13.32 -45.51 3.52
N PRO C 319 13.79 -44.64 4.41
CA PRO C 319 12.98 -43.52 4.91
C PRO C 319 12.86 -42.50 3.78
N ILE C 320 11.76 -41.74 3.77
CA ILE C 320 11.56 -40.81 2.67
C ILE C 320 12.30 -39.50 2.95
N HIS C 321 12.67 -39.26 4.20
CA HIS C 321 13.45 -38.05 4.48
C HIS C 321 14.78 -38.08 3.74
N GLY C 322 15.47 -36.94 3.65
CA GLY C 322 16.75 -36.90 2.99
C GLY C 322 17.91 -37.16 3.93
N SER C 323 19.12 -36.77 3.52
CA SER C 323 20.34 -37.06 4.29
C SER C 323 20.60 -36.06 5.40
N ALA C 324 19.83 -34.96 5.39
CA ALA C 324 19.92 -33.92 6.41
C ALA C 324 21.36 -33.62 6.81
N PRO C 325 22.13 -33.08 5.84
CA PRO C 325 23.56 -32.83 6.04
C PRO C 325 23.82 -31.90 7.23
N ASP C 326 22.83 -31.12 7.62
CA ASP C 326 23.03 -30.10 8.66
C ASP C 326 23.11 -30.64 10.07
N ILE C 327 22.36 -31.71 10.34
CA ILE C 327 22.40 -32.33 11.66
C ILE C 327 23.29 -33.57 11.70
N ALA C 328 24.00 -33.83 10.61
CA ALA C 328 24.83 -35.05 10.51
C ALA C 328 25.86 -35.12 11.64
N GLY C 329 25.83 -36.23 12.37
CA GLY C 329 26.80 -36.47 13.42
C GLY C 329 26.51 -35.75 14.72
N GLN C 330 25.46 -34.94 14.73
CA GLN C 330 25.12 -34.17 15.91
C GLN C 330 24.22 -34.93 16.89
N ASP C 331 23.93 -36.19 16.58
CA ASP C 331 23.02 -37.01 17.38
C ASP C 331 21.60 -36.43 17.44
N LYS C 332 21.15 -35.80 16.35
CA LYS C 332 19.82 -35.18 16.35
C LYS C 332 18.82 -35.91 15.46
N ALA C 333 19.31 -36.73 14.54
CA ALA C 333 18.42 -37.41 13.60
C ALA C 333 17.33 -38.24 14.27
N ASN C 334 16.18 -38.32 13.61
CA ASN C 334 15.09 -39.18 14.04
C ASN C 334 15.22 -40.54 13.34
N PRO C 335 15.55 -41.59 14.11
CA PRO C 335 15.76 -42.91 13.50
C PRO C 335 14.44 -43.65 13.25
N LEU C 336 13.31 -43.09 13.67
CA LEU C 336 12.05 -43.85 13.62
C LEU C 336 11.61 -44.25 12.21
N ALA C 337 11.89 -43.41 11.22
CA ALA C 337 11.48 -43.71 9.85
C ALA C 337 12.33 -44.84 9.26
N THR C 338 13.60 -44.86 9.57
CA THR C 338 14.43 -45.98 9.10
C THR C 338 14.03 -47.26 9.82
N ILE C 339 13.84 -47.17 11.13
CA ILE C 339 13.30 -48.29 11.90
C ILE C 339 11.99 -48.80 11.30
N LEU C 340 11.06 -47.91 11.02
CA LEU C 340 9.81 -48.31 10.40
C LEU C 340 10.02 -48.86 8.99
N SER C 341 11.04 -48.36 8.30
CA SER C 341 11.37 -48.93 6.99
C SER C 341 11.85 -50.37 7.15
N ALA C 342 12.62 -50.63 8.21
CA ALA C 342 13.02 -52.02 8.51
C ALA C 342 11.79 -52.88 8.80
N ALA C 343 10.77 -52.28 9.39
CA ALA C 343 9.51 -53.01 9.59
C ALA C 343 8.81 -53.30 8.27
N MET C 344 8.86 -52.36 7.32
CA MET C 344 8.34 -52.65 5.99
C MET C 344 9.17 -53.73 5.31
N LEU C 345 10.49 -53.69 5.51
CA LEU C 345 11.36 -54.72 4.97
C LEU C 345 10.85 -56.10 5.42
N LEU C 346 10.66 -56.26 6.74
CA LEU C 346 10.15 -57.51 7.28
C LEU C 346 8.81 -57.91 6.69
N LYS C 347 7.87 -56.98 6.67
CA LYS C 347 6.52 -57.25 6.18
C LYS C 347 6.49 -57.46 4.67
N TYR C 348 6.82 -56.42 3.92
CA TYR C 348 6.67 -56.44 2.46
C TYR C 348 7.83 -57.11 1.74
N GLY C 349 8.98 -57.21 2.41
CA GLY C 349 10.13 -57.83 1.80
C GLY C 349 10.18 -59.31 2.07
N LEU C 350 10.12 -59.65 3.35
CA LEU C 350 10.36 -61.01 3.80
C LEU C 350 9.11 -61.77 4.25
N GLY C 351 7.96 -61.11 4.18
CA GLY C 351 6.72 -61.71 4.62
C GLY C 351 6.82 -62.19 6.07
N GLU C 352 7.59 -61.46 6.87
CA GLU C 352 7.75 -61.78 8.28
C GLU C 352 6.96 -60.81 9.17
N GLU C 353 5.63 -60.88 9.13
CA GLU C 353 4.82 -60.18 10.11
C GLU C 353 5.21 -60.74 11.47
N LYS C 354 4.66 -60.18 12.53
CA LYS C 354 5.06 -60.54 13.88
C LYS C 354 6.40 -59.89 14.20
N ALA C 355 7.43 -60.22 13.43
CA ALA C 355 8.71 -59.55 13.57
C ALA C 355 8.50 -58.08 13.23
N ALA C 356 7.69 -57.81 12.20
CA ALA C 356 7.36 -56.46 11.83
C ALA C 356 6.52 -55.78 12.91
N LYS C 357 5.53 -56.52 13.44
CA LYS C 357 4.67 -55.97 14.47
C LYS C 357 5.47 -55.60 15.72
N ARG C 358 6.45 -56.44 16.04
CA ARG C 358 7.34 -56.16 17.16
C ARG C 358 8.01 -54.78 17.03
N ILE C 359 8.49 -54.48 15.83
CA ILE C 359 9.10 -53.18 15.56
C ILE C 359 8.10 -52.04 15.69
N GLU C 360 6.97 -52.14 14.98
CA GLU C 360 5.94 -51.11 15.06
C GLU C 360 5.46 -50.90 16.50
N ASP C 361 5.28 -52.00 17.24
CA ASP C 361 4.80 -51.88 18.62
C ASP C 361 5.82 -51.12 19.47
N ALA C 362 7.09 -51.40 19.25
CA ALA C 362 8.15 -50.77 20.04
C ALA C 362 8.26 -49.28 19.74
N VAL C 363 8.01 -48.91 18.49
CA VAL C 363 7.99 -47.49 18.13
C VAL C 363 6.86 -46.79 18.88
N LEU C 364 5.67 -47.38 18.85
CA LEU C 364 4.55 -46.84 19.63
C LEU C 364 4.88 -46.72 21.13
N VAL C 365 5.43 -47.77 21.72
CA VAL C 365 5.76 -47.74 23.14
C VAL C 365 6.69 -46.57 23.44
N ALA C 366 7.75 -46.43 22.65
CA ALA C 366 8.70 -45.34 22.82
C ALA C 366 7.99 -43.97 22.77
N LEU C 367 7.06 -43.82 21.82
CA LEU C 367 6.33 -42.57 21.67
C LEU C 367 5.37 -42.37 22.83
N ASN C 368 4.77 -43.46 23.30
CA ASN C 368 3.86 -43.39 24.45
C ASN C 368 4.58 -42.98 25.73
N ASN C 369 5.87 -43.29 25.81
CA ASN C 369 6.66 -42.90 26.97
C ASN C 369 7.13 -41.45 26.88
N GLY C 370 6.67 -40.74 25.85
CA GLY C 370 6.92 -39.32 25.71
C GLY C 370 8.22 -38.92 25.02
N PHE C 371 8.98 -39.91 24.56
CA PHE C 371 10.23 -39.65 23.85
C PHE C 371 10.04 -38.99 22.48
N ARG C 372 10.81 -37.94 22.20
CA ARG C 372 10.72 -37.19 20.95
C ARG C 372 12.10 -36.68 20.54
N THR C 373 12.46 -36.88 19.28
CA THR C 373 13.61 -36.19 18.71
C THR C 373 13.14 -34.79 18.33
N GLY C 374 14.07 -33.90 18.01
CA GLY C 374 13.75 -32.49 17.78
C GLY C 374 12.60 -32.22 16.82
N ASP C 375 12.60 -32.97 15.73
CA ASP C 375 11.62 -32.78 14.66
C ASP C 375 10.21 -33.17 15.09
N ILE C 376 10.07 -33.90 16.18
CA ILE C 376 8.73 -34.30 16.61
C ILE C 376 8.44 -33.87 18.04
N TYR C 377 9.36 -33.08 18.60
CA TYR C 377 9.19 -32.58 19.97
C TYR C 377 8.04 -31.60 20.09
N SER C 378 7.30 -31.71 21.20
CA SER C 378 6.25 -30.76 21.53
C SER C 378 6.24 -30.56 23.04
N ALA C 379 5.54 -29.52 23.48
CA ALA C 379 5.48 -29.18 24.89
C ALA C 379 5.16 -30.39 25.76
N GLY C 380 5.99 -30.63 26.76
CA GLY C 380 5.70 -31.64 27.76
C GLY C 380 6.35 -32.98 27.51
N THR C 381 6.94 -33.16 26.34
CA THR C 381 7.56 -34.44 26.01
C THR C 381 9.03 -34.47 26.41
N LYS C 382 9.63 -35.64 26.28
CA LYS C 382 11.04 -35.81 26.63
C LYS C 382 11.90 -35.67 25.38
N LEU C 383 12.54 -34.52 25.21
CA LEU C 383 13.45 -34.34 24.09
C LEU C 383 14.59 -35.32 24.24
N VAL C 384 14.92 -36.01 23.16
CA VAL C 384 16.04 -36.95 23.17
C VAL C 384 16.80 -36.89 21.87
N GLY C 385 18.03 -37.38 21.91
CA GLY C 385 18.87 -37.48 20.73
C GLY C 385 18.61 -38.76 19.98
N CYS C 386 19.20 -38.87 18.80
CA CYS C 386 19.02 -40.04 17.95
C CYS C 386 19.38 -41.34 18.67
N LYS C 387 20.56 -41.38 19.26
CA LYS C 387 21.07 -42.56 19.95
C LYS C 387 20.09 -43.03 21.02
N GLU C 388 19.68 -42.11 21.89
CA GLU C 388 18.75 -42.43 22.96
C GLU C 388 17.36 -42.91 22.47
N MET C 389 16.85 -42.31 21.41
CA MET C 389 15.59 -42.80 20.83
C MET C 389 15.75 -44.24 20.36
N GLY C 390 16.88 -44.53 19.72
CA GLY C 390 17.15 -45.89 19.31
C GLY C 390 17.09 -46.80 20.52
N GLU C 391 17.82 -46.40 21.56
CA GLU C 391 17.89 -47.19 22.79
C GLU C 391 16.51 -47.45 23.40
N GLU C 392 15.62 -46.47 23.33
CA GLU C 392 14.27 -46.62 23.90
C GLU C 392 13.43 -47.62 23.11
N VAL C 393 13.60 -47.62 21.79
CA VAL C 393 12.93 -48.57 20.93
C VAL C 393 13.47 -49.98 21.14
N LEU C 394 14.80 -50.13 21.10
CA LEU C 394 15.45 -51.40 21.39
C LEU C 394 15.01 -51.96 22.74
N LYS C 395 14.96 -51.08 23.73
CA LYS C 395 14.57 -51.46 25.08
C LYS C 395 13.15 -52.03 25.09
N SER C 396 12.28 -51.47 24.25
CA SER C 396 10.89 -51.94 24.21
C SER C 396 10.75 -53.28 23.51
N VAL C 397 11.58 -53.51 22.51
CA VAL C 397 11.61 -54.81 21.84
C VAL C 397 12.11 -55.90 22.79
N ASP C 398 12.74 -55.48 23.89
CA ASP C 398 13.38 -56.39 24.85
C ASP C 398 14.57 -57.14 24.21
N LYS D 41 -18.23 5.79 -19.40
CA LYS D 41 -17.74 4.66 -20.21
C LYS D 41 -18.80 3.58 -20.37
N ARG D 42 -19.01 3.14 -21.61
CA ARG D 42 -19.98 2.11 -21.93
C ARG D 42 -19.27 0.83 -22.39
N TYR D 43 -19.55 -0.27 -21.70
CA TYR D 43 -18.95 -1.55 -22.07
C TYR D 43 -20.00 -2.54 -22.56
N THR D 44 -19.59 -3.40 -23.48
CA THR D 44 -20.44 -4.50 -23.93
C THR D 44 -19.97 -5.78 -23.23
N ILE D 45 -20.91 -6.47 -22.59
CA ILE D 45 -20.62 -7.68 -21.86
C ILE D 45 -21.45 -8.80 -22.43
N THR D 46 -20.80 -9.90 -22.78
CA THR D 46 -21.54 -11.10 -23.18
C THR D 46 -21.78 -11.97 -21.94
N LEU D 47 -23.04 -12.34 -21.73
CA LEU D 47 -23.42 -13.22 -20.64
C LEU D 47 -23.70 -14.61 -21.20
N LEU D 48 -23.08 -15.60 -20.60
CA LEU D 48 -23.31 -17.00 -20.98
C LEU D 48 -23.92 -17.73 -19.80
N PRO D 49 -25.23 -17.58 -19.60
CA PRO D 49 -25.94 -18.19 -18.47
C PRO D 49 -25.61 -19.68 -18.32
N GLY D 50 -25.68 -20.42 -19.41
CA GLY D 50 -25.38 -21.85 -19.37
C GLY D 50 -26.42 -22.72 -18.69
N ASP D 51 -25.95 -23.68 -17.90
CA ASP D 51 -26.78 -24.77 -17.41
C ASP D 51 -26.97 -24.76 -15.89
N GLY D 52 -27.92 -25.56 -15.42
CA GLY D 52 -28.17 -25.69 -14.00
C GLY D 52 -28.36 -24.38 -13.27
N ILE D 53 -27.55 -24.14 -12.25
CA ILE D 53 -27.64 -22.92 -11.47
C ILE D 53 -27.05 -21.72 -12.20
N GLY D 54 -26.45 -21.98 -13.36
CA GLY D 54 -25.82 -20.95 -14.16
C GLY D 54 -26.65 -19.68 -14.32
N PRO D 55 -27.85 -19.82 -14.91
CA PRO D 55 -28.70 -18.65 -15.17
C PRO D 55 -29.06 -17.89 -13.89
N GLU D 56 -29.41 -18.61 -12.84
CA GLU D 56 -29.75 -17.97 -11.58
C GLU D 56 -28.62 -17.08 -11.09
N VAL D 57 -27.40 -17.63 -11.02
CA VAL D 57 -26.28 -16.89 -10.42
C VAL D 57 -25.78 -15.76 -11.34
N VAL D 58 -25.74 -16.00 -12.64
CA VAL D 58 -25.38 -14.94 -13.56
C VAL D 58 -26.37 -13.76 -13.50
N SER D 59 -27.66 -14.07 -13.38
CA SER D 59 -28.68 -13.03 -13.31
C SER D 59 -28.36 -12.06 -12.16
N ILE D 60 -28.20 -12.59 -10.96
CA ILE D 60 -27.84 -11.80 -9.80
C ILE D 60 -26.51 -11.06 -10.00
N ALA D 61 -25.51 -11.74 -10.56
CA ALA D 61 -24.21 -11.09 -10.78
C ALA D 61 -24.33 -9.93 -11.77
N LYS D 62 -25.09 -10.15 -12.84
CA LYS D 62 -25.37 -9.09 -13.80
C LYS D 62 -25.86 -7.82 -13.09
N ASN D 63 -26.87 -7.97 -12.25
CA ASN D 63 -27.43 -6.85 -11.52
C ASN D 63 -26.44 -6.21 -10.54
N VAL D 64 -25.68 -7.04 -9.84
CA VAL D 64 -24.67 -6.53 -8.93
C VAL D 64 -23.65 -5.72 -9.71
N LEU D 65 -23.21 -6.29 -10.83
CA LEU D 65 -22.25 -5.64 -11.72
C LEU D 65 -22.78 -4.29 -12.21
N GLN D 66 -24.07 -4.25 -12.50
CA GLN D 66 -24.72 -3.03 -13.00
C GLN D 66 -24.77 -1.92 -11.94
N GLN D 67 -25.09 -2.27 -10.71
CA GLN D 67 -25.17 -1.25 -9.65
C GLN D 67 -23.78 -0.75 -9.29
N ALA D 68 -22.84 -1.67 -9.08
CA ALA D 68 -21.49 -1.26 -8.72
C ALA D 68 -20.93 -0.38 -9.83
N GLY D 69 -21.15 -0.79 -11.07
CA GLY D 69 -20.74 0.02 -12.21
C GLY D 69 -21.36 1.41 -12.24
N SER D 70 -22.68 1.47 -12.09
CA SER D 70 -23.39 2.75 -12.08
C SER D 70 -22.74 3.70 -11.08
N LEU D 71 -22.46 3.22 -9.89
CA LEU D 71 -21.87 4.08 -8.87
C LEU D 71 -20.52 4.64 -9.29
N GLU D 72 -19.84 3.96 -10.21
CA GLU D 72 -18.53 4.43 -10.68
C GLU D 72 -18.58 5.10 -12.05
N GLY D 73 -19.79 5.35 -12.53
CA GLY D 73 -19.98 6.07 -13.77
C GLY D 73 -19.88 5.21 -15.02
N VAL D 74 -19.94 3.89 -14.86
CA VAL D 74 -19.87 2.99 -16.01
C VAL D 74 -21.19 2.27 -16.27
N GLU D 75 -21.62 2.26 -17.53
CA GLU D 75 -22.80 1.52 -17.95
C GLU D 75 -22.45 0.31 -18.83
N PHE D 76 -23.38 -0.64 -18.91
CA PHE D 76 -23.14 -1.85 -19.65
C PHE D 76 -24.26 -2.16 -20.64
N ASN D 77 -23.87 -2.72 -21.78
CA ASN D 77 -24.79 -3.33 -22.71
C ASN D 77 -24.62 -4.84 -22.61
N PHE D 78 -25.65 -5.53 -22.09
CA PHE D 78 -25.60 -6.97 -21.89
C PHE D 78 -26.26 -7.74 -23.02
N ARG D 79 -25.68 -8.88 -23.38
CA ARG D 79 -26.30 -9.78 -24.34
C ARG D 79 -26.07 -11.24 -23.92
N GLU D 80 -27.14 -11.99 -23.71
CA GLU D 80 -27.03 -13.39 -23.34
C GLU D 80 -26.92 -14.26 -24.59
N MET D 81 -26.02 -15.23 -24.55
CA MET D 81 -25.88 -16.17 -25.67
C MET D 81 -25.80 -17.61 -25.17
N PRO D 82 -26.20 -18.56 -26.02
CA PRO D 82 -26.24 -19.97 -25.63
C PRO D 82 -24.86 -20.65 -25.63
N ILE D 83 -24.62 -21.43 -24.60
CA ILE D 83 -23.46 -22.30 -24.53
C ILE D 83 -23.85 -23.57 -23.76
N GLY D 84 -23.10 -24.65 -23.94
CA GLY D 84 -23.31 -25.86 -23.16
C GLY D 84 -24.60 -26.60 -23.47
N GLY D 85 -25.23 -27.15 -22.45
CA GLY D 85 -26.49 -27.86 -22.61
C GLY D 85 -27.56 -26.99 -23.27
N ALA D 86 -27.61 -25.72 -22.87
CA ALA D 86 -28.61 -24.82 -23.41
C ALA D 86 -28.39 -24.61 -24.91
N ALA D 87 -27.13 -24.58 -25.33
CA ALA D 87 -26.82 -24.40 -26.75
C ALA D 87 -27.18 -25.70 -27.48
N LEU D 88 -26.93 -26.83 -26.82
CA LEU D 88 -27.24 -28.13 -27.39
C LEU D 88 -28.73 -28.25 -27.71
N ASP D 89 -29.58 -27.96 -26.71
CA ASP D 89 -31.03 -28.07 -26.88
C ASP D 89 -31.58 -27.07 -27.88
N LEU D 90 -30.96 -25.90 -27.94
CA LEU D 90 -31.46 -24.81 -28.78
C LEU D 90 -30.92 -24.92 -30.21
N VAL D 91 -29.61 -25.12 -30.34
CA VAL D 91 -28.95 -25.09 -31.64
C VAL D 91 -28.43 -26.46 -32.10
N GLY D 92 -28.10 -27.33 -31.15
CA GLY D 92 -27.64 -28.67 -31.50
C GLY D 92 -26.14 -28.90 -31.32
N VAL D 93 -25.42 -27.86 -30.92
CA VAL D 93 -24.00 -27.97 -30.66
C VAL D 93 -23.69 -27.22 -29.36
N PRO D 94 -22.55 -27.52 -28.73
CA PRO D 94 -22.22 -26.89 -27.43
C PRO D 94 -21.82 -25.42 -27.57
N LEU D 95 -21.28 -25.03 -28.71
CA LEU D 95 -20.88 -23.64 -28.92
C LEU D 95 -21.16 -23.18 -30.37
N PRO D 96 -22.32 -22.53 -30.60
CA PRO D 96 -22.65 -21.99 -31.93
C PRO D 96 -21.72 -20.85 -32.32
N GLU D 97 -21.41 -20.74 -33.59
CA GLU D 97 -20.55 -19.67 -34.07
C GLU D 97 -21.04 -18.28 -33.64
N GLU D 98 -22.35 -18.09 -33.53
CA GLU D 98 -22.87 -16.78 -33.15
C GLU D 98 -22.38 -16.43 -31.75
N THR D 99 -22.20 -17.45 -30.91
CA THR D 99 -21.80 -17.18 -29.53
C THR D 99 -20.34 -16.75 -29.51
N ILE D 100 -19.51 -17.41 -30.31
CA ILE D 100 -18.12 -17.03 -30.44
C ILE D 100 -18.02 -15.59 -30.93
N SER D 101 -18.78 -15.25 -31.96
CA SER D 101 -18.75 -13.90 -32.51
C SER D 101 -19.11 -12.87 -31.45
N ALA D 102 -20.21 -13.07 -30.75
CA ALA D 102 -20.65 -12.11 -29.75
C ALA D 102 -19.56 -11.94 -28.69
N ALA D 103 -18.98 -13.07 -28.28
CA ALA D 103 -17.96 -13.05 -27.26
C ALA D 103 -16.75 -12.27 -27.73
N LYS D 104 -16.28 -12.58 -28.94
CA LYS D 104 -15.12 -11.88 -29.52
C LYS D 104 -15.31 -10.38 -29.67
N GLU D 105 -16.54 -9.97 -29.98
CA GLU D 105 -16.83 -8.55 -30.25
C GLU D 105 -17.10 -7.75 -28.98
N SER D 106 -17.32 -8.44 -27.86
CA SER D 106 -17.61 -7.77 -26.61
C SER D 106 -16.34 -7.37 -25.84
N ASP D 107 -16.52 -6.68 -24.71
CA ASP D 107 -15.41 -6.24 -23.89
C ASP D 107 -15.03 -7.25 -22.81
N ALA D 108 -15.98 -8.09 -22.41
CA ALA D 108 -15.73 -9.13 -21.43
C ALA D 108 -16.89 -10.09 -21.43
N VAL D 109 -16.62 -11.32 -20.97
CA VAL D 109 -17.57 -12.41 -20.98
C VAL D 109 -17.75 -13.01 -19.58
N LEU D 110 -18.99 -13.09 -19.13
CA LEU D 110 -19.32 -13.65 -17.83
C LEU D 110 -20.10 -14.94 -18.05
N LEU D 111 -19.56 -16.05 -17.57
CA LEU D 111 -20.15 -17.36 -17.82
C LEU D 111 -20.64 -17.94 -16.50
N GLY D 112 -21.82 -18.55 -16.52
CA GLY D 112 -22.37 -19.18 -15.34
C GLY D 112 -21.75 -20.55 -15.08
N ALA D 113 -22.38 -21.59 -15.64
CA ALA D 113 -21.94 -22.95 -15.45
C ALA D 113 -22.32 -23.79 -16.67
N ILE D 114 -21.70 -24.96 -16.78
CA ILE D 114 -21.91 -25.82 -17.93
C ILE D 114 -22.05 -27.26 -17.46
N GLY D 115 -23.07 -27.96 -17.95
CA GLY D 115 -23.24 -29.38 -17.66
C GLY D 115 -24.57 -29.78 -17.03
N GLY D 116 -24.96 -31.03 -17.26
CA GLY D 116 -26.24 -31.55 -16.77
C GLY D 116 -26.43 -33.00 -17.16
N TYR D 117 -27.31 -33.69 -16.45
CA TYR D 117 -27.60 -35.11 -16.67
C TYR D 117 -27.95 -35.43 -18.11
N LYS D 118 -28.88 -34.65 -18.66
CA LYS D 118 -29.40 -34.86 -20.01
C LYS D 118 -28.30 -35.13 -21.03
N TRP D 119 -27.19 -34.41 -20.91
CA TRP D 119 -26.17 -34.39 -21.96
C TRP D 119 -24.96 -35.26 -21.65
N ASP D 120 -24.86 -35.72 -20.40
CA ASP D 120 -23.76 -36.56 -19.95
C ASP D 120 -23.51 -37.78 -20.87
N ASN D 121 -24.56 -38.26 -21.53
CA ASN D 121 -24.44 -39.44 -22.40
C ASN D 121 -24.18 -39.11 -23.87
N ASN D 122 -23.83 -37.88 -24.16
CA ASN D 122 -23.58 -37.46 -25.53
C ASN D 122 -22.21 -37.89 -26.04
N GLU D 123 -22.05 -37.92 -27.36
CA GLU D 123 -20.73 -38.15 -27.93
C GLU D 123 -19.78 -37.06 -27.44
N LYS D 124 -18.51 -37.42 -27.27
CA LYS D 124 -17.51 -36.52 -26.70
C LYS D 124 -17.57 -35.11 -27.29
N HIS D 125 -17.59 -35.01 -28.62
CA HIS D 125 -17.53 -33.71 -29.25
C HIS D 125 -18.83 -32.91 -29.05
N LEU D 126 -19.90 -33.59 -28.66
CA LEU D 126 -21.17 -32.90 -28.44
C LEU D 126 -21.55 -32.79 -26.96
N ARG D 127 -20.58 -32.88 -26.07
CA ARG D 127 -20.84 -32.66 -24.65
C ARG D 127 -20.66 -31.18 -24.29
N PRO D 128 -21.46 -30.67 -23.34
CA PRO D 128 -21.44 -29.26 -22.92
C PRO D 128 -20.02 -28.74 -22.70
N GLU D 129 -19.23 -29.56 -22.01
CA GLU D 129 -17.87 -29.18 -21.65
CA GLU D 129 -17.85 -29.21 -21.66
C GLU D 129 -17.02 -28.84 -22.88
N LYS D 130 -17.34 -29.44 -24.01
CA LYS D 130 -16.62 -29.18 -25.25
C LYS D 130 -16.73 -27.70 -25.63
N GLY D 131 -17.88 -27.11 -25.29
CA GLY D 131 -18.12 -25.71 -25.58
C GLY D 131 -17.19 -24.84 -24.75
N LEU D 132 -17.00 -25.19 -23.48
CA LEU D 132 -16.07 -24.45 -22.64
C LEU D 132 -14.70 -24.46 -23.30
N LEU D 133 -14.23 -25.64 -23.70
CA LEU D 133 -12.92 -25.76 -24.31
C LEU D 133 -12.83 -24.97 -25.61
N GLN D 134 -13.89 -25.04 -26.41
CA GLN D 134 -13.91 -24.35 -27.71
C GLN D 134 -13.90 -22.84 -27.53
N ILE D 135 -14.65 -22.34 -26.55
CA ILE D 135 -14.70 -20.90 -26.39
C ILE D 135 -13.40 -20.37 -25.80
N ARG D 136 -12.73 -21.14 -24.93
CA ARG D 136 -11.41 -20.73 -24.47
C ARG D 136 -10.41 -20.60 -25.62
N ALA D 137 -10.39 -21.59 -26.51
CA ALA D 137 -9.50 -21.58 -27.68
C ALA D 137 -9.85 -20.42 -28.60
N ALA D 138 -11.14 -20.22 -28.84
CA ALA D 138 -11.60 -19.13 -29.71
C ALA D 138 -11.19 -17.75 -29.17
N LEU D 139 -11.30 -17.55 -27.86
CA LEU D 139 -10.92 -16.28 -27.26
C LEU D 139 -9.41 -16.17 -26.99
N LYS D 140 -8.68 -17.26 -27.21
CA LYS D 140 -7.23 -17.26 -26.96
C LYS D 140 -6.88 -16.86 -25.51
N VAL D 141 -7.71 -17.26 -24.56
CA VAL D 141 -7.45 -16.95 -23.17
C VAL D 141 -6.56 -18.02 -22.53
N PHE D 142 -5.26 -17.92 -22.80
CA PHE D 142 -4.25 -18.87 -22.37
C PHE D 142 -3.89 -18.77 -20.88
N ALA D 143 -4.44 -17.78 -20.18
CA ALA D 143 -4.11 -17.58 -18.77
C ALA D 143 -5.33 -17.74 -17.87
N ASN D 144 -5.27 -18.71 -16.95
CA ASN D 144 -6.35 -18.95 -16.01
C ASN D 144 -5.91 -18.46 -14.63
N LEU D 145 -6.61 -17.46 -14.10
CA LEU D 145 -6.34 -16.89 -12.80
C LEU D 145 -7.40 -17.32 -11.81
N ARG D 146 -6.97 -18.05 -10.79
CA ARG D 146 -7.86 -18.51 -9.71
C ARG D 146 -7.32 -18.08 -8.37
N PRO D 147 -7.94 -17.06 -7.79
CA PRO D 147 -7.51 -16.59 -6.46
C PRO D 147 -8.09 -17.47 -5.39
N ALA D 148 -7.23 -18.00 -4.51
CA ALA D 148 -7.68 -18.80 -3.40
C ALA D 148 -7.43 -18.00 -2.13
N THR D 149 -8.50 -17.46 -1.57
CA THR D 149 -8.38 -16.72 -0.32
C THR D 149 -9.33 -17.31 0.70
N VAL D 150 -8.89 -17.34 1.95
CA VAL D 150 -9.77 -17.71 3.05
C VAL D 150 -10.37 -16.42 3.65
N LEU D 151 -11.68 -16.28 3.53
CA LEU D 151 -12.36 -15.12 4.10
C LEU D 151 -12.48 -15.22 5.62
N PRO D 152 -12.18 -14.11 6.33
CA PRO D 152 -12.23 -14.03 7.80
C PRO D 152 -13.48 -14.69 8.37
N GLN D 153 -14.62 -14.53 7.69
CA GLN D 153 -15.90 -15.05 8.19
C GLN D 153 -16.06 -16.55 7.95
N LEU D 154 -15.25 -17.11 7.05
CA LEU D 154 -15.40 -18.51 6.65
C LEU D 154 -14.19 -19.38 7.01
N VAL D 155 -13.30 -18.86 7.86
CA VAL D 155 -12.09 -19.58 8.22
C VAL D 155 -12.35 -21.02 8.67
N ASP D 156 -13.43 -21.23 9.42
CA ASP D 156 -13.72 -22.55 10.02
C ASP D 156 -14.17 -23.61 9.03
N ALA D 157 -14.51 -23.22 7.80
CA ALA D 157 -14.89 -24.20 6.79
C ALA D 157 -13.68 -24.99 6.27
N SER D 158 -12.49 -24.47 6.52
CA SER D 158 -11.26 -25.15 6.10
C SER D 158 -10.94 -26.31 7.02
N THR D 159 -10.42 -27.41 6.47
CA THR D 159 -9.97 -28.51 7.32
C THR D 159 -8.58 -28.22 7.90
N LEU D 160 -7.93 -27.17 7.44
CA LEU D 160 -6.69 -26.72 8.08
C LEU D 160 -7.00 -25.98 9.37
N LYS D 161 -6.09 -26.06 10.34
CA LYS D 161 -6.23 -25.30 11.57
C LYS D 161 -6.33 -23.80 11.26
N ARG D 162 -7.08 -23.11 12.11
CA ARG D 162 -7.36 -21.69 11.97
C ARG D 162 -6.12 -20.84 11.73
N GLU D 163 -5.09 -21.05 12.54
CA GLU D 163 -3.89 -20.23 12.46
C GLU D 163 -3.14 -20.45 11.15
N VAL D 164 -3.41 -21.58 10.50
CA VAL D 164 -2.77 -21.88 9.22
C VAL D 164 -3.60 -21.37 8.06
N ALA D 165 -4.92 -21.44 8.19
CA ALA D 165 -5.82 -21.07 7.08
C ALA D 165 -6.11 -19.58 7.05
N GLU D 166 -6.14 -18.95 8.22
CA GLU D 166 -6.45 -17.53 8.31
C GLU D 166 -5.45 -16.75 7.46
N GLY D 167 -5.94 -15.82 6.65
CA GLY D 167 -5.08 -14.97 5.85
C GLY D 167 -4.46 -15.60 4.61
N VAL D 168 -4.83 -16.83 4.29
CA VAL D 168 -4.40 -17.42 3.01
C VAL D 168 -4.96 -16.59 1.88
N ASP D 169 -4.12 -16.24 0.92
CA ASP D 169 -4.53 -15.31 -0.14
C ASP D 169 -3.56 -15.48 -1.29
N LEU D 170 -3.87 -16.35 -2.22
CA LEU D 170 -2.87 -16.64 -3.24
C LEU D 170 -3.57 -16.67 -4.60
N MET D 171 -2.79 -16.56 -5.66
CA MET D 171 -3.36 -16.60 -7.01
C MET D 171 -2.63 -17.66 -7.83
N VAL D 172 -3.35 -18.67 -8.32
CA VAL D 172 -2.74 -19.62 -9.24
C VAL D 172 -2.97 -19.16 -10.69
N VAL D 173 -1.88 -18.90 -11.40
CA VAL D 173 -1.94 -18.54 -12.81
C VAL D 173 -1.51 -19.75 -13.63
N ARG D 174 -2.49 -20.39 -14.25
CA ARG D 174 -2.32 -21.67 -14.91
C ARG D 174 -2.37 -21.49 -16.43
N GLU D 175 -1.36 -21.98 -17.13
CA GLU D 175 -1.40 -22.00 -18.59
C GLU D 175 -2.59 -22.84 -19.01
N LEU D 176 -3.47 -22.27 -19.83
CA LEU D 176 -4.82 -22.83 -19.99
C LEU D 176 -5.09 -23.56 -21.30
N THR D 177 -4.37 -23.18 -22.36
CA THR D 177 -4.72 -23.68 -23.71
C THR D 177 -3.66 -24.54 -24.40
N GLY D 178 -2.54 -24.80 -23.72
CA GLY D 178 -1.49 -25.65 -24.25
C GLY D 178 -1.10 -26.78 -23.29
N GLY D 179 0.13 -27.26 -23.41
CA GLY D 179 0.65 -28.29 -22.52
C GLY D 179 0.13 -29.68 -22.86
N ILE D 180 0.34 -30.61 -21.93
CA ILE D 180 0.06 -32.02 -22.19
C ILE D 180 -1.43 -32.28 -22.53
N TYR D 181 -2.35 -31.48 -22.00
CA TYR D 181 -3.76 -31.61 -22.34
C TYR D 181 -4.05 -31.43 -23.84
N PHE D 182 -3.18 -30.71 -24.54
CA PHE D 182 -3.38 -30.47 -25.98
C PHE D 182 -2.19 -30.91 -26.82
N GLY D 183 -1.19 -31.52 -26.19
CA GLY D 183 0.04 -31.87 -26.86
C GLY D 183 -0.08 -32.99 -27.89
N GLU D 184 0.80 -32.94 -28.89
CA GLU D 184 0.92 -33.95 -29.93
C GLU D 184 2.36 -34.43 -30.02
N PRO D 185 2.57 -35.72 -30.34
CA PRO D 185 1.53 -36.71 -30.65
C PRO D 185 0.85 -37.24 -29.39
N ARG D 186 -0.26 -37.95 -29.57
CA ARG D 186 -0.99 -38.55 -28.46
C ARG D 186 -1.83 -39.69 -29.02
N GLY D 187 -2.29 -40.59 -28.16
CA GLY D 187 -3.11 -41.69 -28.61
C GLY D 187 -2.88 -43.02 -27.88
N ILE D 188 -3.64 -44.02 -28.28
CA ILE D 188 -3.43 -45.38 -27.82
C ILE D 188 -3.20 -46.26 -29.04
N LYS D 189 -1.97 -46.76 -29.18
CA LYS D 189 -1.60 -47.57 -30.34
C LYS D 189 -1.36 -48.99 -29.90
N THR D 190 -1.45 -49.91 -30.87
CA THR D 190 -1.09 -51.30 -30.65
C THR D 190 0.24 -51.54 -31.33
N ASN D 191 1.24 -51.93 -30.54
CA ASN D 191 2.58 -52.13 -31.10
C ASN D 191 2.76 -53.57 -31.57
N GLY D 194 1.09 -57.01 -30.14
CA GLY D 194 -0.33 -56.88 -29.86
C GLY D 194 -0.68 -56.16 -28.57
N GLU D 195 0.33 -55.55 -27.95
CA GLU D 195 0.14 -54.88 -26.68
C GLU D 195 -0.16 -53.39 -26.85
N GLU D 196 -1.15 -52.87 -26.14
CA GLU D 196 -1.47 -51.45 -26.29
C GLU D 196 -0.47 -50.55 -25.57
N VAL D 197 -0.18 -49.41 -26.18
CA VAL D 197 0.66 -48.39 -25.54
C VAL D 197 -0.07 -47.05 -25.59
N GLY D 198 -0.20 -46.41 -24.44
CA GLY D 198 -0.93 -45.17 -24.35
C GLY D 198 0.04 -44.04 -24.09
N PHE D 199 -0.12 -42.92 -24.82
CA PHE D 199 0.84 -41.83 -24.71
C PHE D 199 0.28 -40.42 -24.92
N ASN D 200 0.99 -39.47 -24.32
CA ASN D 200 0.65 -38.07 -24.40
C ASN D 200 1.94 -37.29 -24.34
N THR D 201 1.90 -36.07 -24.86
CA THR D 201 3.10 -35.26 -24.98
C THR D 201 2.97 -33.95 -24.22
N GLU D 202 3.80 -33.79 -23.20
CA GLU D 202 3.91 -32.51 -22.52
C GLU D 202 4.88 -31.69 -23.36
N VAL D 203 4.37 -30.66 -24.04
CA VAL D 203 5.21 -29.82 -24.90
C VAL D 203 4.85 -28.33 -24.80
N TYR D 204 5.88 -27.49 -24.64
CA TYR D 204 5.71 -26.04 -24.76
C TYR D 204 6.76 -25.43 -25.67
N ALA D 205 6.35 -24.49 -26.50
CA ALA D 205 7.29 -23.62 -27.20
C ALA D 205 7.62 -22.43 -26.32
N ALA D 206 8.80 -21.84 -26.53
CA ALA D 206 9.24 -20.68 -25.75
C ALA D 206 8.19 -19.56 -25.67
N HIS D 207 7.54 -19.27 -26.79
CA HIS D 207 6.59 -18.16 -26.82
C HIS D 207 5.37 -18.44 -25.96
N GLU D 208 5.02 -19.72 -25.82
CA GLU D 208 3.89 -20.10 -24.99
C GLU D 208 4.19 -19.90 -23.51
N ILE D 209 5.41 -20.20 -23.10
CA ILE D 209 5.85 -20.00 -21.74
C ILE D 209 6.01 -18.51 -21.45
N ASP D 210 6.49 -17.77 -22.45
CA ASP D 210 6.70 -16.34 -22.29
C ASP D 210 5.41 -15.62 -21.97
N ARG D 211 4.34 -15.94 -22.70
CA ARG D 211 3.12 -15.15 -22.55
C ARG D 211 2.41 -15.46 -21.22
N ILE D 212 2.40 -16.73 -20.81
CA ILE D 212 1.77 -17.04 -19.54
C ILE D 212 2.59 -16.42 -18.39
N ALA D 213 3.90 -16.44 -18.51
CA ALA D 213 4.74 -15.84 -17.48
C ALA D 213 4.50 -14.33 -17.36
N ARG D 214 4.48 -13.61 -18.48
CA ARG D 214 4.22 -12.18 -18.44
C ARG D 214 2.91 -11.86 -17.72
N VAL D 215 1.86 -12.60 -18.03
CA VAL D 215 0.60 -12.36 -17.35
C VAL D 215 0.79 -12.52 -15.85
N ALA D 216 1.57 -13.53 -15.47
CA ALA D 216 1.82 -13.85 -14.07
C ALA D 216 2.56 -12.69 -13.40
N PHE D 217 3.63 -12.23 -14.04
CA PHE D 217 4.36 -11.07 -13.55
C PHE D 217 3.43 -9.85 -13.38
N GLU D 218 2.68 -9.53 -14.44
CA GLU D 218 1.72 -8.43 -14.37
C GLU D 218 0.70 -8.67 -13.25
N THR D 219 0.37 -9.93 -13.00
CA THR D 219 -0.62 -10.24 -11.99
C THR D 219 -0.07 -10.02 -10.58
N ALA D 220 1.20 -10.39 -10.38
CA ALA D 220 1.87 -10.15 -9.11
C ALA D 220 1.95 -8.66 -8.79
N ARG D 221 2.07 -7.83 -9.82
CA ARG D 221 2.12 -6.37 -9.64
C ARG D 221 0.83 -5.83 -9.08
N LYS D 222 -0.27 -6.55 -9.33
CA LYS D 222 -1.57 -6.09 -8.88
C LYS D 222 -1.88 -6.68 -7.51
N ARG D 223 -0.89 -7.35 -6.93
CA ARG D 223 -1.07 -8.04 -5.65
C ARG D 223 0.03 -7.64 -4.66
N ARG D 224 0.98 -8.54 -4.39
CA ARG D 224 2.04 -8.24 -3.44
C ARG D 224 3.44 -8.33 -4.03
N GLY D 225 3.52 -8.49 -5.34
CA GLY D 225 4.81 -8.49 -6.01
C GLY D 225 5.69 -9.69 -5.73
N LYS D 226 5.07 -10.83 -5.44
CA LYS D 226 5.82 -12.07 -5.22
C LYS D 226 5.29 -13.14 -6.15
N LEU D 227 6.16 -13.67 -6.99
CA LEU D 227 5.76 -14.69 -7.95
C LEU D 227 6.59 -15.96 -7.75
N CYS D 228 5.91 -17.10 -7.74
CA CYS D 228 6.57 -18.38 -7.60
C CYS D 228 6.24 -19.26 -8.81
N SER D 229 7.25 -19.55 -9.62
CA SER D 229 7.09 -20.38 -10.79
C SER D 229 7.28 -21.85 -10.39
N VAL D 230 6.30 -22.68 -10.71
CA VAL D 230 6.31 -24.06 -10.26
C VAL D 230 6.47 -25.00 -11.46
N ASP D 231 7.44 -25.90 -11.38
CA ASP D 231 7.75 -26.79 -12.50
C ASP D 231 8.32 -28.10 -11.98
N LYS D 232 8.88 -28.90 -12.88
CA LYS D 232 9.53 -30.14 -12.47
C LYS D 232 10.90 -30.18 -13.17
N ALA D 233 11.61 -29.06 -13.11
CA ALA D 233 12.88 -28.87 -13.81
C ALA D 233 14.00 -29.83 -13.40
N ASN D 234 13.88 -30.50 -12.25
CA ASN D 234 14.91 -31.46 -11.89
C ASN D 234 14.79 -32.80 -12.65
N VAL D 235 13.74 -32.94 -13.47
CA VAL D 235 13.55 -34.18 -14.23
C VAL D 235 13.10 -33.94 -15.69
N LEU D 236 12.20 -33.00 -15.91
CA LEU D 236 11.58 -32.85 -17.23
C LEU D 236 12.18 -31.71 -18.07
N GLU D 237 12.62 -32.06 -19.27
CA GLU D 237 13.16 -31.10 -20.23
C GLU D 237 12.19 -29.94 -20.50
N ALA D 238 10.90 -30.23 -20.55
CA ALA D 238 9.91 -29.18 -20.75
C ALA D 238 9.92 -28.20 -19.60
N SER D 239 10.16 -28.69 -18.39
CA SER D 239 10.22 -27.84 -17.21
C SER D 239 11.54 -27.09 -17.14
N ILE D 240 12.61 -27.71 -17.64
CA ILE D 240 13.88 -27.01 -17.79
C ILE D 240 13.69 -25.79 -18.70
N LEU D 241 12.99 -25.98 -19.81
CA LEU D 241 12.75 -24.86 -20.72
C LEU D 241 11.84 -23.85 -20.05
N TRP D 242 10.80 -24.34 -19.36
CA TRP D 242 9.92 -23.45 -18.61
C TRP D 242 10.73 -22.54 -17.70
N ARG D 243 11.56 -23.14 -16.84
CA ARG D 243 12.36 -22.42 -15.86
C ARG D 243 13.32 -21.44 -16.53
N LYS D 244 13.87 -21.83 -17.68
CA LYS D 244 14.80 -20.93 -18.37
C LYS D 244 14.10 -19.65 -18.83
N ARG D 245 12.92 -19.82 -19.43
CA ARG D 245 12.21 -18.65 -19.98
C ARG D 245 11.70 -17.71 -18.87
N VAL D 246 11.23 -18.29 -17.77
CA VAL D 246 10.71 -17.48 -16.68
C VAL D 246 11.86 -16.74 -16.03
N THR D 247 12.94 -17.44 -15.76
CA THR D 247 14.15 -16.83 -15.22
C THR D 247 14.63 -15.64 -16.09
N ALA D 248 14.56 -15.78 -17.40
CA ALA D 248 15.06 -14.72 -18.29
C ALA D 248 14.20 -13.47 -18.26
N LEU D 249 12.91 -13.65 -18.00
CA LEU D 249 11.98 -12.54 -17.94
C LEU D 249 12.16 -11.68 -16.69
N ALA D 250 12.80 -12.26 -15.68
CA ALA D 250 12.94 -11.60 -14.38
C ALA D 250 13.46 -10.17 -14.52
N SER D 251 14.52 -10.00 -15.32
CA SER D 251 15.16 -8.69 -15.51
C SER D 251 14.17 -7.67 -16.08
N GLU D 252 13.20 -8.15 -16.84
CA GLU D 252 12.16 -7.27 -17.37
C GLU D 252 11.12 -6.91 -16.32
N TYR D 253 11.03 -7.68 -15.25
CA TYR D 253 10.17 -7.32 -14.12
C TYR D 253 10.94 -7.28 -12.80
N PRO D 254 11.93 -6.36 -12.71
CA PRO D 254 12.89 -6.29 -11.60
C PRO D 254 12.19 -6.02 -10.28
N ASP D 255 11.05 -5.35 -10.35
CA ASP D 255 10.26 -5.02 -9.16
C ASP D 255 9.62 -6.24 -8.49
N VAL D 256 9.40 -7.30 -9.27
CA VAL D 256 8.75 -8.50 -8.74
C VAL D 256 9.77 -9.49 -8.20
N GLU D 257 9.57 -10.00 -6.99
CA GLU D 257 10.47 -11.07 -6.54
C GLU D 257 10.06 -12.46 -7.01
N LEU D 258 10.91 -13.03 -7.85
CA LEU D 258 10.68 -14.34 -8.45
C LEU D 258 11.38 -15.43 -7.64
N SER D 259 10.64 -16.51 -7.41
CA SER D 259 11.26 -17.74 -6.94
C SER D 259 10.78 -18.92 -7.80
N HIS D 260 11.40 -20.07 -7.59
CA HIS D 260 11.05 -21.29 -8.32
C HIS D 260 10.80 -22.39 -7.31
N MET D 261 9.93 -23.34 -7.66
CA MET D 261 9.61 -24.43 -6.75
C MET D 261 9.14 -25.63 -7.57
N TYR D 262 9.56 -26.82 -7.14
CA TYR D 262 9.13 -28.06 -7.80
C TYR D 262 7.69 -28.37 -7.43
N VAL D 263 6.96 -28.95 -8.37
CA VAL D 263 5.52 -29.18 -8.18
C VAL D 263 5.23 -30.06 -6.95
N ASP D 264 6.03 -31.12 -6.76
CA ASP D 264 5.83 -31.96 -5.58
C ASP D 264 6.04 -31.19 -4.28
N ASN D 265 7.01 -30.28 -4.24
CA ASN D 265 7.20 -29.47 -3.04
CA ASN D 265 7.21 -29.45 -3.04
C ASN D 265 6.08 -28.46 -2.85
N ALA D 266 5.57 -27.90 -3.95
CA ALA D 266 4.44 -26.96 -3.86
C ALA D 266 3.19 -27.65 -3.31
N ALA D 267 2.97 -28.90 -3.72
CA ALA D 267 1.84 -29.67 -3.18
C ALA D 267 1.95 -29.79 -1.66
N MET D 268 3.17 -29.91 -1.15
CA MET D 268 3.41 -29.98 0.29
C MET D 268 3.29 -28.60 0.95
N GLN D 269 3.83 -27.58 0.28
CA GLN D 269 3.86 -26.24 0.85
C GLN D 269 2.46 -25.67 1.00
N LEU D 270 1.57 -26.00 0.06
CA LEU D 270 0.17 -25.57 0.15
C LEU D 270 -0.49 -26.09 1.41
N VAL D 271 -0.07 -27.28 1.85
CA VAL D 271 -0.61 -27.88 3.07
C VAL D 271 0.10 -27.36 4.32
N ARG D 272 1.39 -27.11 4.22
CA ARG D 272 2.17 -26.74 5.41
C ARG D 272 2.08 -25.25 5.75
N ASP D 273 2.13 -24.40 4.72
CA ASP D 273 2.20 -22.95 4.94
C ASP D 273 1.70 -22.20 3.69
N PRO D 274 0.39 -22.31 3.38
CA PRO D 274 -0.15 -21.68 2.17
C PRO D 274 -0.03 -20.15 2.17
N LYS D 275 0.06 -19.57 3.36
CA LYS D 275 0.18 -18.11 3.47
C LYS D 275 1.46 -17.61 2.81
N GLN D 276 2.43 -18.49 2.60
CA GLN D 276 3.68 -18.04 1.99
C GLN D 276 3.46 -17.53 0.55
N PHE D 277 2.43 -18.03 -0.12
CA PHE D 277 2.24 -17.74 -1.54
C PHE D 277 1.49 -16.43 -1.81
N ASP D 278 1.97 -15.67 -2.79
CA ASP D 278 1.19 -14.60 -3.39
C ASP D 278 0.70 -15.08 -4.74
N THR D 279 1.55 -14.98 -5.76
CA THR D 279 1.17 -15.46 -7.08
C THR D 279 2.01 -16.67 -7.46
N ILE D 280 1.36 -17.65 -8.09
CA ILE D 280 2.03 -18.85 -8.59
C ILE D 280 1.77 -18.91 -10.08
N VAL D 281 2.82 -19.22 -10.85
CA VAL D 281 2.61 -19.47 -12.27
C VAL D 281 3.10 -20.87 -12.57
N THR D 282 2.33 -21.61 -13.37
CA THR D 282 2.68 -22.98 -13.68
C THR D 282 1.96 -23.45 -14.94
N ASN D 283 2.27 -24.66 -15.41
CA ASN D 283 1.71 -25.19 -16.66
C ASN D 283 0.26 -25.66 -16.48
N ASN D 284 -0.29 -26.25 -17.53
CA ASN D 284 -1.69 -26.63 -17.51
C ASN D 284 -1.99 -27.71 -16.46
N ILE D 285 -1.26 -28.82 -16.53
CA ILE D 285 -1.56 -29.95 -15.65
C ILE D 285 -1.20 -29.68 -14.17
N PHE D 286 -0.04 -29.08 -13.92
CA PHE D 286 0.33 -28.74 -12.55
C PHE D 286 -0.62 -27.67 -12.00
N GLY D 287 -1.01 -26.74 -12.85
CA GLY D 287 -1.87 -25.66 -12.43
C GLY D 287 -3.23 -26.22 -12.05
N ASP D 288 -3.69 -27.17 -12.86
CA ASP D 288 -4.95 -27.85 -12.62
C ASP D 288 -4.92 -28.50 -11.24
N ILE D 289 -3.89 -29.32 -11.01
CA ILE D 289 -3.76 -30.01 -9.72
C ILE D 289 -3.57 -29.02 -8.57
N LEU D 290 -2.61 -28.11 -8.67
CA LEU D 290 -2.30 -27.28 -7.50
C LEU D 290 -3.43 -26.30 -7.16
N SER D 291 -4.09 -25.78 -8.19
CA SER D 291 -5.22 -24.89 -7.96
C SER D 291 -6.36 -25.60 -7.23
N ASP D 292 -6.73 -26.80 -7.69
CA ASP D 292 -7.75 -27.56 -6.98
C ASP D 292 -7.37 -27.81 -5.53
N GLU D 293 -6.11 -28.14 -5.30
CA GLU D 293 -5.69 -28.37 -3.92
C GLU D 293 -5.91 -27.07 -3.14
N ALA D 294 -5.49 -25.96 -3.73
CA ALA D 294 -5.58 -24.68 -3.03
C ALA D 294 -7.03 -24.30 -2.81
N SER D 295 -7.87 -24.54 -3.81
CA SER D 295 -9.30 -24.28 -3.65
C SER D 295 -9.83 -25.06 -2.45
N MET D 296 -9.50 -26.33 -2.36
CA MET D 296 -10.03 -27.16 -1.25
C MET D 296 -9.50 -26.73 0.11
N ILE D 297 -8.25 -26.27 0.13
CA ILE D 297 -7.66 -25.69 1.34
C ILE D 297 -8.44 -24.46 1.85
N THR D 298 -9.07 -23.70 0.95
CA THR D 298 -9.83 -22.54 1.43
C THR D 298 -11.09 -23.00 2.17
N GLY D 299 -11.63 -24.15 1.76
CA GLY D 299 -12.76 -24.74 2.46
C GLY D 299 -14.13 -24.47 1.89
N SER D 300 -14.23 -23.45 1.03
CA SER D 300 -15.52 -23.03 0.49
C SER D 300 -15.47 -22.88 -1.03
N ILE D 301 -15.65 -23.99 -1.74
CA ILE D 301 -15.58 -24.01 -3.19
C ILE D 301 -16.61 -23.09 -3.85
N GLY D 302 -17.75 -22.88 -3.18
CA GLY D 302 -18.81 -22.05 -3.74
C GLY D 302 -18.52 -20.56 -3.67
N MET D 303 -17.38 -20.18 -3.12
CA MET D 303 -17.01 -18.77 -3.01
C MET D 303 -15.98 -18.35 -4.06
N LEU D 304 -15.45 -19.31 -4.82
CA LEU D 304 -14.25 -19.05 -5.63
C LEU D 304 -14.52 -18.66 -7.09
N PRO D 305 -14.06 -17.44 -7.48
CA PRO D 305 -14.20 -16.93 -8.85
C PRO D 305 -13.01 -17.34 -9.72
N SER D 306 -13.10 -17.14 -11.03
CA SER D 306 -11.94 -17.34 -11.92
C SER D 306 -11.95 -16.36 -13.10
N ALA D 307 -10.76 -16.04 -13.59
CA ALA D 307 -10.62 -15.22 -14.79
C ALA D 307 -9.75 -15.94 -15.80
N SER D 308 -10.11 -15.83 -17.07
CA SER D 308 -9.29 -16.39 -18.14
C SER D 308 -8.98 -15.26 -19.11
N LEU D 309 -7.71 -14.91 -19.23
CA LEU D 309 -7.27 -13.73 -19.94
C LEU D 309 -6.46 -14.08 -21.19
N SER D 310 -6.52 -13.18 -22.18
CA SER D 310 -5.74 -13.31 -23.41
C SER D 310 -4.80 -12.12 -23.52
N ASP D 311 -3.95 -12.13 -24.54
CA ASP D 311 -3.00 -11.04 -24.79
C ASP D 311 -3.73 -9.72 -24.98
N SER D 312 -4.72 -9.75 -25.88
CA SER D 312 -5.61 -8.63 -26.08
C SER D 312 -6.96 -9.27 -26.28
N GLY D 313 -8.03 -8.48 -26.24
CA GLY D 313 -9.35 -9.07 -26.38
C GLY D 313 -9.99 -9.40 -25.07
N PRO D 314 -11.29 -9.70 -25.10
CA PRO D 314 -12.09 -9.88 -23.88
C PRO D 314 -11.71 -11.12 -23.12
N GLY D 315 -11.78 -11.04 -21.80
CA GLY D 315 -11.54 -12.20 -20.96
C GLY D 315 -12.83 -12.95 -20.68
N LEU D 316 -12.67 -14.13 -20.08
CA LEU D 316 -13.78 -14.98 -19.74
C LEU D 316 -13.79 -15.21 -18.23
N PHE D 317 -14.91 -14.92 -17.60
CA PHE D 317 -14.95 -14.91 -16.15
C PHE D 317 -16.08 -15.80 -15.68
N GLU D 318 -15.80 -16.70 -14.74
CA GLU D 318 -16.79 -17.65 -14.26
C GLU D 318 -16.42 -18.21 -12.90
N PRO D 319 -17.43 -18.63 -12.14
CA PRO D 319 -17.18 -19.33 -10.87
C PRO D 319 -16.58 -20.72 -11.14
N ILE D 320 -15.79 -21.23 -10.20
CA ILE D 320 -15.15 -22.51 -10.45
C ILE D 320 -16.09 -23.67 -10.14
N HIS D 321 -17.11 -23.43 -9.32
CA HIS D 321 -18.09 -24.49 -9.05
C HIS D 321 -18.78 -24.93 -10.34
N GLY D 322 -19.38 -26.12 -10.33
CA GLY D 322 -20.11 -26.58 -11.50
C GLY D 322 -21.54 -26.07 -11.58
N SER D 323 -22.37 -26.74 -12.38
CA SER D 323 -23.73 -26.30 -12.64
C SER D 323 -24.70 -26.79 -11.58
N ALA D 324 -24.19 -27.66 -10.69
CA ALA D 324 -24.96 -28.16 -9.56
C ALA D 324 -26.39 -28.51 -9.92
N PRO D 325 -26.57 -29.44 -10.86
CA PRO D 325 -27.89 -29.78 -11.39
C PRO D 325 -28.88 -30.22 -10.30
N ASP D 326 -28.37 -30.59 -9.13
CA ASP D 326 -29.21 -31.08 -8.04
C ASP D 326 -30.04 -30.00 -7.34
N ILE D 327 -29.49 -28.80 -7.22
CA ILE D 327 -30.18 -27.72 -6.55
C ILE D 327 -30.72 -26.67 -7.52
N ALA D 328 -30.69 -26.99 -8.81
CA ALA D 328 -31.15 -26.05 -9.82
C ALA D 328 -32.62 -25.69 -9.62
N GLY D 329 -32.90 -24.40 -9.58
CA GLY D 329 -34.26 -23.92 -9.45
C GLY D 329 -34.81 -24.04 -8.04
N GLN D 330 -33.99 -24.49 -7.11
CA GLN D 330 -34.44 -24.64 -5.74
C GLN D 330 -34.15 -23.42 -4.87
N ASP D 331 -33.59 -22.37 -5.48
CA ASP D 331 -33.19 -21.17 -4.76
C ASP D 331 -32.17 -21.45 -3.65
N LYS D 332 -31.23 -22.37 -3.92
CA LYS D 332 -30.25 -22.76 -2.91
C LYS D 332 -28.81 -22.35 -3.27
N ALA D 333 -28.56 -22.14 -4.56
CA ALA D 333 -27.21 -21.87 -5.02
C ALA D 333 -26.55 -20.68 -4.30
N ASN D 334 -25.23 -20.73 -4.19
CA ASN D 334 -24.43 -19.61 -3.68
C ASN D 334 -24.02 -18.71 -4.86
N PRO D 335 -24.54 -17.49 -4.90
CA PRO D 335 -24.21 -16.60 -6.02
C PRO D 335 -22.90 -15.83 -5.80
N LEU D 336 -22.29 -15.98 -4.62
CA LEU D 336 -21.13 -15.15 -4.29
C LEU D 336 -19.96 -15.38 -5.22
N ALA D 337 -19.75 -16.62 -5.66
CA ALA D 337 -18.65 -16.91 -6.59
C ALA D 337 -18.85 -16.20 -7.93
N THR D 338 -20.06 -16.25 -8.47
CA THR D 338 -20.31 -15.59 -9.75
C THR D 338 -20.19 -14.07 -9.59
N ILE D 339 -20.73 -13.56 -8.49
CA ILE D 339 -20.60 -12.15 -8.15
C ILE D 339 -19.13 -11.73 -8.05
N LEU D 340 -18.33 -12.52 -7.35
CA LEU D 340 -16.90 -12.25 -7.26
C LEU D 340 -16.21 -12.41 -8.62
N SER D 341 -16.76 -13.28 -9.46
CA SER D 341 -16.23 -13.37 -10.82
C SER D 341 -16.52 -12.07 -11.55
N ALA D 342 -17.71 -11.52 -11.33
CA ALA D 342 -18.03 -10.23 -11.93
C ALA D 342 -17.06 -9.15 -11.44
N ALA D 343 -16.60 -9.29 -10.20
CA ALA D 343 -15.58 -8.38 -9.67
C ALA D 343 -14.24 -8.60 -10.37
N MET D 344 -13.89 -9.85 -10.64
CA MET D 344 -12.68 -10.10 -11.40
C MET D 344 -12.83 -9.54 -12.80
N LEU D 345 -14.03 -9.69 -13.37
CA LEU D 345 -14.33 -9.08 -14.66
C LEU D 345 -13.96 -7.59 -14.67
N LEU D 346 -14.52 -6.84 -13.73
CA LEU D 346 -14.23 -5.41 -13.62
C LEU D 346 -12.74 -5.11 -13.48
N LYS D 347 -12.06 -5.85 -12.62
CA LYS D 347 -10.65 -5.58 -12.33
C LYS D 347 -9.69 -6.08 -13.41
N TYR D 348 -9.68 -7.38 -13.67
CA TYR D 348 -8.75 -7.97 -14.64
C TYR D 348 -9.21 -7.82 -16.08
N GLY D 349 -10.51 -7.61 -16.26
CA GLY D 349 -11.08 -7.52 -17.59
C GLY D 349 -11.09 -6.10 -18.11
N LEU D 350 -11.61 -5.20 -17.28
CA LEU D 350 -11.88 -3.83 -17.70
C LEU D 350 -11.00 -2.81 -17.01
N GLY D 351 -10.10 -3.27 -16.14
CA GLY D 351 -9.27 -2.35 -15.38
C GLY D 351 -10.08 -1.32 -14.61
N GLU D 352 -11.24 -1.74 -14.12
CA GLU D 352 -12.11 -0.86 -13.34
C GLU D 352 -12.10 -1.22 -11.85
N GLU D 353 -10.98 -0.98 -11.17
CA GLU D 353 -10.98 -1.09 -9.71
C GLU D 353 -12.02 -0.09 -9.22
N LYS D 354 -12.24 -0.04 -7.92
CA LYS D 354 -13.29 0.82 -7.38
C LYS D 354 -14.64 0.14 -7.62
N ALA D 355 -15.07 0.10 -8.88
CA ALA D 355 -16.27 -0.63 -9.23
C ALA D 355 -16.14 -2.06 -8.71
N ALA D 356 -14.96 -2.66 -8.90
CA ALA D 356 -14.69 -4.01 -8.42
C ALA D 356 -14.66 -4.08 -6.90
N LYS D 357 -14.09 -3.04 -6.28
CA LYS D 357 -13.99 -3.00 -4.82
C LYS D 357 -15.36 -2.87 -4.17
N ARG D 358 -16.27 -2.16 -4.81
CA ARG D 358 -17.65 -2.07 -4.33
C ARG D 358 -18.26 -3.47 -4.21
N ILE D 359 -18.06 -4.29 -5.23
CA ILE D 359 -18.55 -5.68 -5.20
C ILE D 359 -17.88 -6.48 -4.07
N GLU D 360 -16.56 -6.50 -4.05
CA GLU D 360 -15.84 -7.23 -3.00
C GLU D 360 -16.27 -6.74 -1.62
N ASP D 361 -16.35 -5.43 -1.44
CA ASP D 361 -16.74 -4.86 -0.16
C ASP D 361 -18.16 -5.28 0.21
N ALA D 362 -19.06 -5.29 -0.77
CA ALA D 362 -20.44 -5.64 -0.50
C ALA D 362 -20.60 -7.11 -0.13
N VAL D 363 -19.83 -7.99 -0.78
CA VAL D 363 -19.83 -9.40 -0.41
C VAL D 363 -19.43 -9.57 1.06
N LEU D 364 -18.32 -8.95 1.46
CA LEU D 364 -17.90 -8.95 2.86
C LEU D 364 -18.99 -8.45 3.82
N VAL D 365 -19.63 -7.33 3.51
CA VAL D 365 -20.68 -6.81 4.36
C VAL D 365 -21.79 -7.83 4.55
N ALA D 366 -22.27 -8.41 3.45
CA ALA D 366 -23.28 -9.47 3.52
C ALA D 366 -22.88 -10.60 4.47
N LEU D 367 -21.62 -11.03 4.39
CA LEU D 367 -21.12 -12.10 5.25
C LEU D 367 -20.99 -11.64 6.70
N ASN D 368 -20.52 -10.41 6.87
CA ASN D 368 -20.40 -9.82 8.20
C ASN D 368 -21.75 -9.76 8.91
N ASN D 369 -22.81 -9.61 8.13
CA ASN D 369 -24.16 -9.55 8.66
C ASN D 369 -24.73 -10.94 8.95
N GLY D 370 -23.89 -11.96 8.80
CA GLY D 370 -24.25 -13.32 9.17
C GLY D 370 -24.99 -14.13 8.11
N PHE D 371 -25.14 -13.58 6.91
CA PHE D 371 -25.84 -14.29 5.84
C PHE D 371 -25.02 -15.44 5.25
N ARG D 372 -25.67 -16.58 5.06
CA ARG D 372 -25.02 -17.77 4.52
C ARG D 372 -26.00 -18.61 3.70
N THR D 373 -25.56 -19.07 2.55
CA THR D 373 -26.31 -20.09 1.82
C THR D 373 -25.91 -21.46 2.38
N GLY D 374 -26.66 -22.49 2.03
CA GLY D 374 -26.46 -23.81 2.62
C GLY D 374 -25.03 -24.32 2.65
N ASP D 375 -24.31 -24.05 1.57
CA ASP D 375 -22.95 -24.54 1.42
C ASP D 375 -21.97 -23.83 2.33
N ILE D 376 -22.34 -22.66 2.84
CA ILE D 376 -21.43 -21.98 3.76
C ILE D 376 -22.10 -21.73 5.10
N TYR D 377 -23.24 -22.37 5.33
CA TYR D 377 -23.98 -22.22 6.59
C TYR D 377 -23.19 -22.76 7.77
N SER D 378 -23.34 -22.08 8.90
CA SER D 378 -22.58 -22.33 10.10
C SER D 378 -23.48 -21.98 11.29
N ALA D 379 -23.07 -22.36 12.50
CA ALA D 379 -23.92 -22.27 13.69
C ALA D 379 -24.78 -21.19 14.35
N GLY D 380 -24.30 -19.94 14.29
CA GLY D 380 -25.13 -18.81 14.64
C GLY D 380 -25.54 -17.94 13.46
N THR D 381 -25.36 -18.44 12.25
CA THR D 381 -25.58 -17.60 11.08
C THR D 381 -27.00 -17.69 10.56
N LYS D 382 -27.32 -16.84 9.60
CA LYS D 382 -28.65 -16.77 9.02
C LYS D 382 -28.70 -17.50 7.68
N LEU D 383 -29.25 -18.71 7.67
CA LEU D 383 -29.40 -19.46 6.42
C LEU D 383 -30.31 -18.70 5.49
N VAL D 384 -29.89 -18.53 4.26
CA VAL D 384 -30.73 -17.87 3.26
C VAL D 384 -30.65 -18.60 1.93
N GLY D 385 -31.64 -18.31 1.09
CA GLY D 385 -31.67 -18.84 -0.25
C GLY D 385 -30.84 -17.98 -1.19
N CYS D 386 -30.73 -18.40 -2.43
CA CYS D 386 -29.91 -17.71 -3.41
C CYS D 386 -30.39 -16.28 -3.66
N LYS D 387 -31.69 -16.13 -3.94
CA LYS D 387 -32.27 -14.82 -4.20
C LYS D 387 -31.99 -13.84 -3.06
N GLU D 388 -32.30 -14.24 -1.83
CA GLU D 388 -32.05 -13.39 -0.68
C GLU D 388 -30.57 -12.99 -0.51
N MET D 389 -29.64 -13.94 -0.68
CA MET D 389 -28.22 -13.58 -0.62
C MET D 389 -27.89 -12.50 -1.66
N GLY D 390 -28.44 -12.64 -2.86
CA GLY D 390 -28.25 -11.64 -3.89
C GLY D 390 -28.73 -10.28 -3.41
N GLU D 391 -29.93 -10.25 -2.83
CA GLU D 391 -30.52 -9.01 -2.34
C GLU D 391 -29.68 -8.33 -1.26
N GLU D 392 -29.02 -9.12 -0.42
CA GLU D 392 -28.19 -8.54 0.64
C GLU D 392 -26.94 -7.88 0.08
N VAL D 393 -26.35 -8.52 -0.92
CA VAL D 393 -25.18 -7.95 -1.57
C VAL D 393 -25.57 -6.68 -2.34
N LEU D 394 -26.65 -6.77 -3.11
CA LEU D 394 -27.17 -5.60 -3.82
C LEU D 394 -27.48 -4.46 -2.86
N LYS D 395 -28.09 -4.79 -1.74
CA LYS D 395 -28.45 -3.78 -0.74
C LYS D 395 -27.20 -3.06 -0.23
N SER D 396 -26.11 -3.80 -0.04
CA SER D 396 -24.88 -3.19 0.44
C SER D 396 -24.29 -2.24 -0.59
N VAL D 397 -24.22 -2.70 -1.84
CA VAL D 397 -23.72 -1.84 -2.91
C VAL D 397 -24.48 -0.52 -2.98
N ASP D 398 -25.76 -0.56 -2.60
CA ASP D 398 -26.68 0.59 -2.70
C ASP D 398 -27.10 0.81 -4.15
C ACT E . -22.48 25.86 -3.31
O ACT E . -22.51 26.00 -2.06
OXT ACT E . -22.83 26.84 -3.99
CH3 ACT E . -22.06 24.55 -3.94
C ACT F . -11.51 8.56 8.31
O ACT F . -11.76 7.56 9.04
OXT ACT F . -12.41 9.42 8.23
CH3 ACT F . -10.21 8.68 7.57
C ACT G . 2.00 17.75 0.20
O ACT G . 0.75 17.89 0.21
OXT ACT G . 2.57 17.94 1.30
CH3 ACT G . 2.79 17.38 -1.04
C ACT H . 11.52 32.60 23.23
O ACT H . 12.28 33.32 22.54
OXT ACT H . 12.05 31.59 23.75
CH3 ACT H . 10.07 32.92 23.46
C ACT I . 18.91 19.68 -2.92
O ACT I . 19.21 18.48 -3.14
OXT ACT I . 17.78 19.89 -2.39
CH3 ACT I . 19.87 20.79 -3.28
C ACT J . -22.23 40.18 -4.31
O ACT J . -22.70 41.17 -4.93
OXT ACT J . -22.43 39.07 -4.82
CH3 ACT J . -21.49 40.34 -3.01
C ACT K . 14.22 41.18 -5.99
O ACT K . 14.06 42.13 -6.80
OXT ACT K . 15.00 41.41 -5.05
CH3 ACT K . 13.51 39.86 -6.15
C ACT L . -3.12 42.84 12.87
O ACT L . -3.30 42.48 11.68
OXT ACT L . -1.94 42.86 13.30
CH3 ACT L . -4.27 43.24 13.76
C ACT M . 0.41 51.24 18.51
O ACT M . -0.46 50.36 18.65
OXT ACT M . -0.02 52.40 18.28
CH3 ACT M . 1.87 50.92 18.62
C ACT N . -17.72 35.57 -18.81
O ACT N . -16.86 36.46 -19.03
OXT ACT N . -17.37 34.40 -19.06
CH3 ACT N . -19.08 35.91 -18.27
C ACT O . -10.18 41.52 9.47
O ACT O . -10.82 40.67 8.80
OXT ACT O . -9.45 42.31 8.82
CH3 ACT O . -10.29 41.61 10.95
C ACT P . 12.18 -40.02 -6.02
O ACT P . 11.34 -40.60 -5.30
OXT ACT P . 11.91 -39.95 -7.25
CH3 ACT P . 13.45 -39.45 -5.43
C ACT Q . -10.88 -27.03 -16.74
O ACT Q . -10.39 -26.41 -15.76
OXT ACT Q . -10.09 -27.28 -17.68
CH3 ACT Q . -12.33 -27.43 -16.79
C ACT R . 4.21 -17.03 5.82
O ACT R . 3.44 -17.76 6.48
OXT ACT R . 3.93 -15.81 5.83
CH3 ACT R . 5.38 -17.55 5.05
C ACT S . -12.87 -27.56 -9.87
O ACT S . -11.88 -27.15 -9.22
OXT ACT S . -12.79 -27.42 -11.12
CH3 ACT S . -14.08 -28.18 -9.23
#